data_7MVZ
#
_entry.id   7MVZ
#
_cell.length_a   1.00
_cell.length_b   1.00
_cell.length_c   1.00
_cell.angle_alpha   90.00
_cell.angle_beta   90.00
_cell.angle_gamma   90.00
#
_symmetry.space_group_name_H-M   'P 1'
#
loop_
_entity.id
_entity.type
_entity.pdbx_description
1 polymer 'Nucleoporin NUP188'
2 polymer 'Nucleoporin NIC96'
3 polymer 'Nucleoporin NUP145N'
#
loop_
_entity_poly.entity_id
_entity_poly.type
_entity_poly.pdbx_seq_one_letter_code
_entity_poly.pdbx_strand_id
1 'polypeptide(L)'
;GPHNMATLTDRTYLPPLEDCLTGRTVILSWRLVASALEDADLARLTSPALSTFLRDGFVHELLKHPARVFEPKDLKQEFE
TKTSSIQTVAPGVDTIKKDALWLADAVAINQVAALRIVLIEYQTRAHSHLVLPLSTQDVANIQEAAGVGDAHASSILSLL
NPASAVDAETMWCDFETEARRRERILATYLSERRSFTAAVDALVTFLLHSAPGQHKDLDSLRRALLKDAFAFDEDLDVPD
RSKLLTMAPTYMNLVEDCIARAQALPAKLGESFKTEAFELDWLRTAITEAVHSLSIAFQALDLDTPYFAPHELLSEWFEL
MNSSLFLESILGFEVVADLAMPARSLVSAICLKMLNIDRTIQFLHDFDYPDGEEPYLLSSQTLNKIHTAVTNAVNSGVAA
SLPVAFAWSLIVHQMHLGYQERAERRDLLVNQRAQAGFELEFQPSASTPNRRRRNSAGSIVSLEASPYDDFLREQRLDND
IAPVEQIAMLATSRGQVYQVMSEMALCLGTTHEAAFRPAVGARARLVFQDLLKRSAYLIPYQDEPVFSLLAILATGRQYW
DVTDALSASSLNQVYTDMLDDETLFTQFTMQAINRFPYEFNPFSVLCRVLAAALITNKDKADVVTGWLWRTPTLTVDWNP
AWDRSYELCFEDENTNSFRLTRDVDLFGSASPARPRHLAAEERFIIPEGTLGRFVTDVGRTARLEFEHSALALLGKRLEV
KAAEEICDSGMAPLDVDEQAEAVAMLATVLRAESLKSTAKGGDPEAPLKFLKEASRLLPHNKDILTVISDTIDGLVEKEL
LELDGPQIAVLASCLQFLHAALAVCPGRVWAYMSRCALIAGDARPGRLSRITGSLDMYAERFDLLSSAVKLFAALIDSAA
CSAVQRRAGSTALVSVRSAVENPWLGTSEKILSRVALAIAQAALDVYESTTTWRFRSELDRSILVRDVVGLMHKLVVHAH
TLSSHLTSTLSPAAAHIISSFLTPPPSASSLRFQPLLGTLLVALITPRATLYPGQSRILAERVTSVLAFCTSLLRAADFL
GQTHIPLQTHLFQSACLLARLPAANAVYRAPVLELLRALVEVAGRAANGSGEPPSLLGYLGSHAARSFISLVEGIDKPFG
RVEHAVVTWRFFAAVIRNRQQWMAGCLLTGRTPREALKGGGEQKIERKVGEGSVLAAAMERLREVKSLDVQEAVAVMDFV
VSAQNYWPWTIFAVRKEKEVVDALRGYVRGLKAPGMVMKTDGAAAAAFQARIAAYVAETFAMQLYHMRQMRQAEKFAGEL
VADLDYFLREGVMVWGYNASLHGNFARNFAKRFPGVEVDDFKRTMWLPRELGKGYYYALEVAEQMLGFDAGWGGVKQSGF
RKEMETANLNLSLVEAQVSLFHAWEYLLLELTLSLLPKKENAAFARQVLQVVEQCLEANQRSQPPENIFVVLGHARAGLA
LTLLQRLADANQLPRDVTHLLALVSSAIHAVENPFGANDLPYFRTLLKILFVVLRAAKQGTAKPGESNVAITQQVLTILD
RVVARCFRALAALVHEQQQNATDGTTTAPEDLALITAILQACLSVPGIEQCQVQVLNIMAAHDVFQVAVALFSWADRLLP
ANPSPASSSTSTSATNPASGDPVYGELALLFLLELSALPALAEHLACDGLLGHLAAARLAGYMRRTNVGPFAENAGAARC
YAIWAKCLLPLLLNILAALGSTVAPEVAWVLNQFPNLLQSSVERIEPPGFSRPTLSLASTPPRQKFISLLEISEIHSLAL
LTRVLAACRAQNARDVPEVTWDGAKVLECVEYWLRGRKVLRERLVPLGPREVEWRGMVATGGVVGVAGDGGEGCENRLEE
KAVGLLVGVREVLEGGLEGEGE
;
A
2 'polypeptide(L)' SGTGLGEVDVDTYLSNLQTKTTLSMIADGLERSARDFDAFLEENVTLEWEAQRKRIYQHFGIK B
3 'polypeptide(L)'
;SNASRLVTTPQKRAYGFSFSAYGSPTSPSSSASSTPGAFGQSILSSSINRGLNKSISASNLRRSLNVEDSILQPGAFSAN
SSMRLLGGPGSHKK
;
C
#
# COMPACT_ATOMS: atom_id res chain seq x y z
N THR A 7 6.36 28.09 -34.84
CA THR A 7 5.23 27.89 -33.93
C THR A 7 5.59 26.94 -32.79
N LEU A 8 6.82 27.08 -32.29
CA LEU A 8 7.33 26.27 -31.19
C LEU A 8 7.66 27.21 -30.04
N THR A 9 6.70 27.38 -29.14
CA THR A 9 6.85 28.25 -27.97
C THR A 9 7.27 27.44 -26.75
N ASP A 10 7.59 28.15 -25.67
CA ASP A 10 8.02 27.55 -24.42
C ASP A 10 6.91 27.55 -23.37
N ARG A 11 5.65 27.49 -23.80
CA ARG A 11 4.54 27.48 -22.86
C ARG A 11 4.62 26.27 -21.93
N THR A 12 4.57 25.07 -22.51
CA THR A 12 4.69 23.86 -21.70
C THR A 12 6.08 23.73 -21.09
N TYR A 13 7.11 24.20 -21.79
CA TYR A 13 8.46 24.13 -21.26
C TYR A 13 8.64 25.08 -20.08
N LEU A 14 8.30 26.35 -20.27
CA LEU A 14 8.41 27.38 -19.23
C LEU A 14 7.03 27.98 -19.01
N PRO A 15 6.21 27.38 -18.14
CA PRO A 15 4.87 27.92 -17.88
C PRO A 15 4.94 29.35 -17.38
N PRO A 16 3.81 30.07 -17.36
CA PRO A 16 3.83 31.45 -16.85
C PRO A 16 4.35 31.52 -15.43
N LEU A 17 5.00 32.64 -15.11
CA LEU A 17 5.56 32.82 -13.78
C LEU A 17 4.48 32.81 -12.71
N GLU A 18 3.24 33.17 -13.06
CA GLU A 18 2.18 33.23 -12.06
C GLU A 18 1.86 31.84 -11.53
N ASP A 19 1.89 30.82 -12.39
CA ASP A 19 1.69 29.46 -11.94
C ASP A 19 2.84 28.98 -11.06
N CYS A 20 4.07 29.23 -11.48
CA CYS A 20 5.24 28.85 -10.67
C CYS A 20 5.20 29.50 -9.30
N LEU A 21 4.78 30.75 -9.21
CA LEU A 21 4.73 31.42 -7.91
C LEU A 21 3.55 30.97 -7.06
N THR A 22 2.35 30.98 -7.64
CA THR A 22 1.17 30.56 -6.89
C THR A 22 1.16 29.05 -6.61
N GLY A 23 1.91 28.27 -7.37
CA GLY A 23 1.97 26.84 -7.17
C GLY A 23 0.91 26.04 -7.89
N ARG A 24 0.08 26.69 -8.73
CA ARG A 24 -0.97 25.97 -9.44
C ARG A 24 -0.41 24.97 -10.44
N THR A 25 0.84 25.14 -10.88
CA THR A 25 1.46 24.22 -11.82
C THR A 25 2.96 24.21 -11.56
N VAL A 26 3.45 23.13 -10.96
CA VAL A 26 4.88 22.99 -10.68
C VAL A 26 5.59 22.63 -11.98
N ILE A 27 6.54 23.48 -12.39
CA ILE A 27 7.26 23.22 -13.63
C ILE A 27 7.98 21.87 -13.51
N LEU A 28 7.92 21.08 -14.57
CA LEU A 28 8.55 19.77 -14.61
C LEU A 28 10.05 19.95 -14.80
N SER A 29 10.74 20.17 -13.68
CA SER A 29 12.19 20.33 -13.71
C SER A 29 12.84 19.07 -14.27
N TRP A 30 14.10 19.23 -14.69
CA TRP A 30 14.82 18.10 -15.28
C TRP A 30 15.11 17.01 -14.26
N ARG A 31 15.11 17.33 -12.96
CA ARG A 31 15.34 16.31 -11.95
C ARG A 31 14.24 15.26 -11.97
N LEU A 32 12.98 15.70 -12.00
CA LEU A 32 11.88 14.76 -12.01
C LEU A 32 11.86 13.94 -13.29
N VAL A 33 12.14 14.57 -14.43
CA VAL A 33 12.18 13.83 -15.69
C VAL A 33 13.29 12.79 -15.67
N ALA A 34 14.46 13.17 -15.17
CA ALA A 34 15.57 12.22 -15.09
C ALA A 34 15.22 11.06 -14.17
N SER A 35 14.60 11.34 -13.02
CA SER A 35 14.21 10.26 -12.11
C SER A 35 13.20 9.34 -12.76
N ALA A 36 12.20 9.90 -13.45
CA ALA A 36 11.17 9.07 -14.08
C ALA A 36 11.77 8.21 -15.20
N LEU A 37 12.72 8.76 -15.95
CA LEU A 37 13.33 8.00 -17.03
C LEU A 37 14.31 6.96 -16.51
N GLU A 38 14.92 7.21 -15.35
CA GLU A 38 15.88 6.27 -14.79
C GLU A 38 15.16 5.09 -14.11
N ASP A 39 14.12 5.38 -13.35
CA ASP A 39 13.36 4.33 -12.68
C ASP A 39 12.41 3.61 -13.62
N ALA A 40 12.12 4.19 -14.79
CA ALA A 40 11.21 3.58 -15.76
C ALA A 40 9.82 3.37 -15.15
N ASP A 41 9.39 4.31 -14.33
CA ASP A 41 8.07 4.21 -13.70
C ASP A 41 6.99 4.35 -14.75
N LEU A 42 5.98 3.48 -14.67
CA LEU A 42 4.90 3.51 -15.64
C LEU A 42 3.98 4.70 -15.43
N ALA A 43 3.54 4.91 -14.18
CA ALA A 43 2.59 5.98 -13.90
C ALA A 43 3.16 7.34 -14.26
N ARG A 44 4.37 7.64 -13.78
CA ARG A 44 4.97 8.94 -14.03
C ARG A 44 5.20 9.16 -15.52
N LEU A 45 5.74 8.15 -16.21
CA LEU A 45 6.00 8.29 -17.64
C LEU A 45 4.70 8.45 -18.43
N THR A 46 3.61 7.88 -17.94
CA THR A 46 2.30 8.00 -18.57
C THR A 46 1.46 9.12 -17.99
N SER A 47 2.04 9.97 -17.15
CA SER A 47 1.28 11.04 -16.54
C SER A 47 0.90 12.10 -17.58
N PRO A 48 -0.24 12.76 -17.42
CA PRO A 48 -0.62 13.80 -18.40
C PRO A 48 0.39 14.93 -18.51
N ALA A 49 0.88 15.43 -17.37
CA ALA A 49 1.82 16.56 -17.40
C ALA A 49 3.09 16.20 -18.17
N LEU A 50 3.76 15.13 -17.75
CA LEU A 50 4.99 14.73 -18.43
C LEU A 50 4.73 14.30 -19.87
N SER A 51 3.57 13.69 -20.12
CA SER A 51 3.23 13.31 -21.48
C SER A 51 3.15 14.53 -22.39
N THR A 52 2.42 15.56 -21.96
CA THR A 52 2.34 16.78 -22.75
C THR A 52 3.70 17.47 -22.84
N PHE A 53 4.51 17.40 -21.79
CA PHE A 53 5.82 18.04 -21.83
C PHE A 53 6.73 17.38 -22.87
N LEU A 54 6.75 16.05 -22.89
CA LEU A 54 7.61 15.33 -23.84
C LEU A 54 7.05 15.35 -25.25
N ARG A 55 5.73 15.32 -25.41
CA ARG A 55 5.12 15.32 -26.73
C ARG A 55 5.23 16.66 -27.44
N ASP A 56 5.66 17.72 -26.74
CA ASP A 56 5.79 19.03 -27.35
C ASP A 56 7.01 19.08 -28.26
N GLY A 57 6.87 19.77 -29.39
CA GLY A 57 7.99 19.90 -30.31
C GLY A 57 9.09 20.81 -29.80
N PHE A 58 8.75 21.74 -28.92
CA PHE A 58 9.76 22.63 -28.36
C PHE A 58 10.78 21.84 -27.54
N VAL A 59 10.28 20.95 -26.68
CA VAL A 59 11.20 20.13 -25.88
C VAL A 59 12.01 19.21 -26.78
N HIS A 60 11.43 18.74 -27.87
CA HIS A 60 12.18 17.92 -28.82
C HIS A 60 13.33 18.71 -29.43
N GLU A 61 13.04 19.92 -29.91
CA GLU A 61 14.10 20.75 -30.48
C GLU A 61 15.16 21.10 -29.45
N LEU A 62 14.76 21.29 -28.19
CA LEU A 62 15.74 21.62 -27.15
C LEU A 62 16.63 20.43 -26.84
N LEU A 63 16.05 19.24 -26.67
CA LEU A 63 16.85 18.06 -26.37
C LEU A 63 17.69 17.63 -27.57
N LYS A 64 17.28 17.97 -28.78
CA LYS A 64 18.11 17.72 -29.95
C LYS A 64 19.19 18.77 -30.14
N HIS A 65 19.11 19.90 -29.43
CA HIS A 65 20.13 20.95 -29.51
C HIS A 65 20.35 21.49 -28.10
N PRO A 66 21.05 20.72 -27.25
CA PRO A 66 21.31 21.21 -25.89
C PRO A 66 22.17 22.45 -25.84
N ALA A 67 23.08 22.63 -26.80
CA ALA A 67 23.92 23.82 -26.81
C ALA A 67 23.07 25.09 -26.83
N ARG A 68 22.00 25.10 -27.62
CA ARG A 68 21.12 26.26 -27.67
C ARG A 68 20.47 26.53 -26.32
N VAL A 69 20.33 25.50 -25.49
CA VAL A 69 19.73 25.68 -24.17
C VAL A 69 20.60 26.55 -23.28
N PHE A 70 21.91 26.63 -23.56
CA PHE A 70 22.81 27.44 -22.76
C PHE A 70 23.76 28.28 -23.62
N GLU A 71 23.50 28.40 -24.91
CA GLU A 71 24.35 29.22 -25.77
C GLU A 71 24.08 30.69 -25.46
N PRO A 72 25.11 31.53 -25.32
CA PRO A 72 24.86 32.94 -24.97
C PRO A 72 24.10 33.66 -26.06
N LYS A 73 22.92 34.15 -25.71
CA LYS A 73 22.06 34.89 -26.63
C LYS A 73 21.52 36.12 -25.93
N ASP A 74 20.86 36.98 -26.70
CA ASP A 74 20.27 38.22 -26.20
C ASP A 74 18.75 38.09 -26.26
N LEU A 75 18.16 37.60 -25.18
CA LEU A 75 16.71 37.45 -25.04
C LEU A 75 16.16 38.44 -24.02
N LYS A 76 16.70 39.67 -24.02
CA LYS A 76 16.24 40.67 -23.07
C LYS A 76 14.75 40.94 -23.23
N GLN A 77 14.27 41.01 -24.47
CA GLN A 77 12.85 41.28 -24.70
C GLN A 77 11.98 40.17 -24.13
N GLU A 78 12.32 38.91 -24.41
CA GLU A 78 11.56 37.79 -23.89
C GLU A 78 11.61 37.77 -22.36
N PHE A 79 12.78 38.03 -21.79
CA PHE A 79 12.91 38.04 -20.34
C PHE A 79 12.02 39.10 -19.72
N GLU A 80 12.01 40.31 -20.30
CA GLU A 80 11.18 41.39 -19.76
C GLU A 80 9.70 41.07 -19.93
N THR A 81 9.32 40.45 -21.05
CA THR A 81 7.91 40.12 -21.27
C THR A 81 7.45 39.01 -20.31
N LYS A 82 8.35 38.09 -19.95
CA LYS A 82 7.97 37.03 -19.04
C LYS A 82 7.94 37.52 -17.60
N THR A 83 8.93 38.32 -17.19
CA THR A 83 8.96 38.82 -15.82
C THR A 83 7.90 39.88 -15.55
N SER A 84 7.22 40.38 -16.59
CA SER A 84 6.18 41.39 -16.44
C SER A 84 4.88 40.82 -16.98
N SER A 85 3.84 40.84 -16.14
CA SER A 85 2.53 40.33 -16.53
C SER A 85 2.62 38.87 -16.97
N GLY A 92 6.44 37.85 -4.99
CA GLY A 92 7.87 38.07 -4.95
C GLY A 92 8.52 37.88 -6.31
N VAL A 93 8.46 38.92 -7.14
CA VAL A 93 9.03 38.89 -8.48
C VAL A 93 10.31 39.71 -8.57
N ASP A 94 10.48 40.74 -7.73
CA ASP A 94 11.67 41.57 -7.81
C ASP A 94 12.93 40.75 -7.49
N THR A 95 12.89 39.96 -6.42
CA THR A 95 14.04 39.15 -6.05
C THR A 95 14.32 38.09 -7.11
N ILE A 96 13.27 37.48 -7.67
CA ILE A 96 13.45 36.48 -8.72
C ILE A 96 14.14 37.11 -9.92
N LYS A 97 13.66 38.27 -10.35
CA LYS A 97 14.26 38.95 -11.50
C LYS A 97 15.70 39.33 -11.22
N LYS A 98 15.97 39.83 -10.01
CA LYS A 98 17.34 40.20 -9.67
C LYS A 98 18.27 38.99 -9.70
N ASP A 99 17.84 37.86 -9.13
CA ASP A 99 18.66 36.67 -9.15
C ASP A 99 18.87 36.17 -10.58
N ALA A 100 17.81 36.21 -11.40
CA ALA A 100 17.95 35.78 -12.79
C ALA A 100 18.95 36.65 -13.53
N LEU A 101 18.88 37.98 -13.35
CA LEU A 101 19.81 38.87 -14.02
C LEU A 101 21.24 38.64 -13.53
N TRP A 102 21.42 38.45 -12.21
CA TRP A 102 22.76 38.19 -11.69
C TRP A 102 23.33 36.91 -12.26
N LEU A 103 22.51 35.84 -12.34
CA LEU A 103 23.00 34.58 -12.88
C LEU A 103 23.31 34.70 -14.36
N ALA A 104 22.48 35.43 -15.11
CA ALA A 104 22.75 35.62 -16.53
C ALA A 104 24.00 36.44 -16.77
N ASP A 105 24.30 37.38 -15.87
CA ASP A 105 25.52 38.16 -15.99
C ASP A 105 26.75 37.35 -15.60
N ALA A 106 26.63 36.49 -14.59
CA ALA A 106 27.76 35.67 -14.17
C ALA A 106 28.06 34.59 -15.20
N VAL A 107 27.10 33.72 -15.46
CA VAL A 107 27.27 32.63 -16.43
C VAL A 107 26.81 33.11 -17.79
N ALA A 108 27.36 32.49 -18.85
CA ALA A 108 27.03 32.88 -20.21
C ALA A 108 25.64 32.42 -20.65
N ILE A 109 24.88 31.76 -19.79
CA ILE A 109 23.56 31.29 -20.17
C ILE A 109 22.65 32.47 -20.50
N ASN A 110 21.57 32.17 -21.24
CA ASN A 110 20.60 33.19 -21.57
C ASN A 110 19.80 33.58 -20.32
N GLN A 111 19.04 34.68 -20.45
CA GLN A 111 18.24 35.14 -19.32
C GLN A 111 17.05 34.23 -19.07
N VAL A 112 16.50 33.61 -20.12
CA VAL A 112 15.36 32.72 -19.93
C VAL A 112 15.76 31.49 -19.13
N ALA A 113 16.91 30.90 -19.46
CA ALA A 113 17.37 29.73 -18.72
C ALA A 113 17.68 30.09 -17.27
N ALA A 114 18.27 31.27 -17.04
CA ALA A 114 18.54 31.70 -15.68
C ALA A 114 17.26 31.88 -14.88
N LEU A 115 16.26 32.52 -15.50
CA LEU A 115 14.98 32.69 -14.82
C LEU A 115 14.33 31.35 -14.51
N ARG A 116 14.39 30.41 -15.45
CA ARG A 116 13.81 29.09 -15.20
C ARG A 116 14.52 28.38 -14.05
N ILE A 117 15.85 28.45 -14.03
CA ILE A 117 16.60 27.81 -12.96
C ILE A 117 16.28 28.45 -11.62
N VAL A 118 16.14 29.78 -11.59
CA VAL A 118 15.81 30.46 -10.34
C VAL A 118 14.41 30.05 -9.87
N LEU A 119 13.46 29.93 -10.79
CA LEU A 119 12.12 29.50 -10.41
C LEU A 119 12.13 28.07 -9.87
N ILE A 120 12.90 27.19 -10.52
CA ILE A 120 12.99 25.80 -10.06
C ILE A 120 13.61 25.76 -8.67
N GLU A 121 14.67 26.54 -8.44
CA GLU A 121 15.28 26.59 -7.12
C GLU A 121 14.30 27.11 -6.08
N TYR A 122 13.50 28.12 -6.45
CA TYR A 122 12.49 28.62 -5.53
C TYR A 122 11.48 27.54 -5.17
N GLN A 123 11.03 26.77 -6.17
CA GLN A 123 10.08 25.69 -5.89
C GLN A 123 10.72 24.54 -5.12
N THR A 124 12.04 24.41 -5.16
CA THR A 124 12.75 23.31 -4.52
C THR A 124 13.55 23.77 -3.31
N ARG A 125 13.11 24.85 -2.65
CA ARG A 125 13.80 25.33 -1.46
C ARG A 125 13.65 24.35 -0.30
N ALA A 126 12.52 23.64 -0.24
CA ALA A 126 12.31 22.68 0.84
C ALA A 126 13.39 21.60 0.84
N HIS A 127 13.68 21.04 -0.33
CA HIS A 127 14.72 20.02 -0.41
C HIS A 127 16.09 20.59 -0.08
N SER A 128 16.42 21.76 -0.66
CA SER A 128 17.72 22.37 -0.40
C SER A 128 17.90 22.66 1.08
N HIS A 129 16.81 22.94 1.80
CA HIS A 129 16.92 23.20 3.24
C HIS A 129 17.00 21.90 4.03
N LEU A 130 16.25 20.87 3.60
CA LEU A 130 16.26 19.60 4.33
C LEU A 130 17.53 18.81 4.12
N VAL A 131 18.31 19.11 3.07
CA VAL A 131 19.55 18.39 2.82
C VAL A 131 20.71 19.08 3.54
N LEU A 132 20.38 20.04 4.41
CA LEU A 132 21.40 20.74 5.17
C LEU A 132 21.73 19.99 6.45
N PRO A 133 22.86 20.33 7.10
CA PRO A 133 23.18 19.69 8.38
C PRO A 133 22.06 19.89 9.40
N LEU A 134 21.88 18.88 10.24
CA LEU A 134 20.81 18.91 11.23
C LEU A 134 21.16 19.85 12.37
N SER A 135 20.18 20.10 13.23
CA SER A 135 20.34 21.03 14.35
C SER A 135 20.96 20.32 15.54
N THR A 136 21.12 21.07 16.64
CA THR A 136 21.71 20.50 17.85
C THR A 136 20.77 19.52 18.52
N GLN A 137 19.47 19.84 18.58
CA GLN A 137 18.51 18.94 19.18
C GLN A 137 18.49 17.60 18.45
N ASP A 138 18.63 17.63 17.13
CA ASP A 138 18.66 16.37 16.37
C ASP A 138 19.88 15.54 16.74
N VAL A 139 21.04 16.19 16.86
CA VAL A 139 22.25 15.46 17.26
C VAL A 139 22.08 14.88 18.66
N ALA A 140 21.44 15.62 19.56
CA ALA A 140 21.20 15.11 20.90
C ALA A 140 20.28 13.90 20.88
N ASN A 141 19.22 13.96 20.07
CA ASN A 141 18.31 12.82 19.95
C ASN A 141 19.03 11.61 19.38
N ILE A 142 19.90 11.83 18.38
CA ILE A 142 20.64 10.72 17.79
C ILE A 142 21.58 10.10 18.82
N GLN A 143 22.26 10.94 19.61
CA GLN A 143 23.14 10.42 20.65
C GLN A 143 22.36 9.63 21.70
N GLU A 144 21.16 10.11 22.05
CA GLU A 144 20.33 9.38 23.00
C GLU A 144 19.90 8.03 22.42
N ALA A 145 19.59 8.00 21.12
CA ALA A 145 19.22 6.73 20.49
C ALA A 145 20.40 5.78 20.47
N ALA A 146 21.61 6.28 20.23
CA ALA A 146 22.80 5.44 20.19
C ALA A 146 23.21 4.94 21.57
N GLY A 147 22.57 5.41 22.63
CA GLY A 147 22.90 4.98 23.98
C GLY A 147 24.10 5.70 24.55
N ILE A 156 31.91 3.07 15.39
CA ILE A 156 30.71 2.73 14.65
C ILE A 156 29.60 3.72 15.00
N LEU A 157 28.78 4.07 14.01
CA LEU A 157 27.67 5.00 14.19
C LEU A 157 28.17 6.37 14.63
N SER A 158 29.14 6.89 13.88
CA SER A 158 29.75 8.19 14.15
C SER A 158 29.79 9.01 12.87
N LEU A 159 28.69 9.00 12.12
CA LEU A 159 28.58 9.74 10.87
C LEU A 159 28.05 11.16 11.07
N LEU A 160 28.19 11.72 12.26
CA LEU A 160 27.71 13.05 12.57
C LEU A 160 28.87 14.05 12.53
N ASN A 161 28.54 15.32 12.79
CA ASN A 161 29.51 16.41 12.81
C ASN A 161 29.10 17.40 13.89
N PRO A 162 29.14 16.98 15.16
CA PRO A 162 28.70 17.88 16.24
C PRO A 162 29.61 19.08 16.44
N ALA A 163 30.87 19.02 15.99
CA ALA A 163 31.78 20.14 16.20
C ALA A 163 31.32 21.38 15.45
N SER A 164 30.61 21.21 14.34
CA SER A 164 30.10 22.31 13.55
C SER A 164 28.59 22.46 13.66
N ALA A 165 27.90 21.55 14.34
CA ALA A 165 26.46 21.63 14.47
C ALA A 165 26.06 22.91 15.20
N VAL A 166 24.95 23.50 14.76
CA VAL A 166 24.41 24.71 15.37
C VAL A 166 22.90 24.53 15.55
N ASP A 167 22.29 25.48 16.25
CA ASP A 167 20.85 25.42 16.49
C ASP A 167 20.10 25.70 15.19
N ALA A 168 18.77 25.60 15.26
CA ALA A 168 17.94 25.82 14.08
C ALA A 168 17.80 27.31 13.78
N GLU A 169 17.72 28.14 14.82
CA GLU A 169 17.58 29.58 14.63
C GLU A 169 18.71 30.15 13.78
N THR A 170 19.96 29.89 14.18
CA THR A 170 21.11 30.36 13.41
C THR A 170 21.24 29.66 12.07
N MET A 171 20.63 28.49 11.90
CA MET A 171 20.67 27.82 10.60
C MET A 171 19.70 28.48 9.63
N TRP A 172 18.54 28.89 10.12
CA TRP A 172 17.55 29.54 9.26
C TRP A 172 17.93 30.99 8.97
N CYS A 173 18.45 31.70 9.97
CA CYS A 173 18.87 33.09 9.73
C CYS A 173 20.00 33.16 8.71
N ASP A 174 20.84 32.13 8.64
CA ASP A 174 21.90 32.09 7.64
C ASP A 174 21.39 31.58 6.29
N PHE A 175 20.28 30.83 6.28
CA PHE A 175 19.75 30.31 5.03
C PHE A 175 19.17 31.42 4.17
N GLU A 176 18.56 32.43 4.80
CA GLU A 176 17.93 33.52 4.07
C GLU A 176 18.91 34.62 3.66
N THR A 177 20.20 34.43 3.88
CA THR A 177 21.18 35.44 3.52
C THR A 177 21.32 35.51 2.00
N GLU A 178 22.14 36.45 1.53
CA GLU A 178 22.36 36.64 0.10
C GLU A 178 23.43 35.71 -0.44
N ALA A 179 24.58 35.62 0.24
CA ALA A 179 25.66 34.75 -0.21
C ALA A 179 25.21 33.30 -0.24
N ARG A 180 24.55 32.85 0.83
CA ARG A 180 24.08 31.47 0.87
C ARG A 180 23.01 31.23 -0.19
N ARG A 181 22.13 32.21 -0.41
CA ARG A 181 21.10 32.04 -1.44
C ARG A 181 21.73 31.91 -2.82
N ARG A 182 22.75 32.73 -3.12
CA ARG A 182 23.41 32.62 -4.42
C ARG A 182 24.16 31.30 -4.56
N GLU A 183 24.78 30.84 -3.47
CA GLU A 183 25.46 29.55 -3.52
C GLU A 183 24.46 28.42 -3.78
N ARG A 184 23.30 28.47 -3.13
CA ARG A 184 22.27 27.46 -3.37
C ARG A 184 21.75 27.55 -4.80
N ILE A 185 21.63 28.77 -5.34
CA ILE A 185 21.16 28.92 -6.71
C ILE A 185 22.16 28.31 -7.68
N LEU A 186 23.46 28.53 -7.44
CA LEU A 186 24.47 27.94 -8.31
C LEU A 186 24.48 26.43 -8.20
N ALA A 187 24.35 25.90 -6.98
CA ALA A 187 24.27 24.46 -6.80
C ALA A 187 23.07 23.87 -7.52
N THR A 188 21.92 24.55 -7.44
CA THR A 188 20.74 24.08 -8.14
C THR A 188 20.91 24.16 -9.64
N TYR A 189 21.62 25.18 -10.13
CA TYR A 189 21.91 25.28 -11.56
C TYR A 189 22.74 24.10 -12.03
N LEU A 190 23.80 23.77 -11.28
CA LEU A 190 24.63 22.63 -11.64
C LEU A 190 23.82 21.33 -11.58
N SER A 191 23.00 21.17 -10.54
CA SER A 191 22.17 19.97 -10.41
C SER A 191 21.19 19.86 -11.55
N GLU A 192 20.61 20.98 -11.99
CA GLU A 192 19.66 20.96 -13.09
C GLU A 192 20.37 20.64 -14.40
N ARG A 193 21.59 21.13 -14.59
CA ARG A 193 22.37 20.74 -15.76
C ARG A 193 22.58 19.22 -15.78
N ARG A 194 23.04 18.66 -14.66
CA ARG A 194 23.24 17.22 -14.59
C ARG A 194 21.95 16.47 -14.83
N SER A 195 20.84 16.98 -14.28
CA SER A 195 19.56 16.31 -14.43
C SER A 195 19.08 16.35 -15.89
N PHE A 196 19.27 17.48 -16.56
CA PHE A 196 18.92 17.57 -17.97
C PHE A 196 19.74 16.58 -18.80
N THR A 197 21.04 16.50 -18.54
CA THR A 197 21.88 15.58 -19.29
C THR A 197 21.43 14.14 -19.05
N ALA A 198 21.23 13.76 -17.79
CA ALA A 198 20.81 12.40 -17.47
C ALA A 198 19.43 12.11 -18.08
N ALA A 199 18.53 13.09 -18.07
CA ALA A 199 17.19 12.87 -18.59
C ALA A 199 17.21 12.66 -20.09
N VAL A 200 17.95 13.50 -20.83
CA VAL A 200 18.02 13.31 -22.27
C VAL A 200 18.72 11.99 -22.60
N ASP A 201 19.74 11.62 -21.82
CA ASP A 201 20.41 10.35 -22.06
C ASP A 201 19.45 9.17 -21.87
N ALA A 202 18.72 9.17 -20.76
CA ALA A 202 17.77 8.09 -20.50
C ALA A 202 16.65 8.09 -21.52
N LEU A 203 16.23 9.26 -21.99
CA LEU A 203 15.19 9.32 -23.01
C LEU A 203 15.66 8.70 -24.31
N VAL A 204 16.88 9.04 -24.74
CA VAL A 204 17.43 8.43 -25.95
C VAL A 204 17.57 6.92 -25.76
N THR A 205 18.00 6.50 -24.58
CA THR A 205 18.14 5.07 -24.32
C THR A 205 16.80 4.36 -24.45
N PHE A 206 15.75 4.91 -23.81
CA PHE A 206 14.45 4.27 -23.84
C PHE A 206 13.83 4.32 -25.23
N LEU A 207 14.13 5.34 -26.02
CA LEU A 207 13.56 5.44 -27.36
C LEU A 207 14.28 4.55 -28.36
N LEU A 208 15.57 4.29 -28.15
CA LEU A 208 16.32 3.47 -29.09
C LEU A 208 16.29 1.99 -28.73
N HIS A 209 16.42 1.66 -27.45
CA HIS A 209 16.48 0.27 -26.98
C HIS A 209 15.29 -0.05 -26.11
N SER A 210 14.10 0.37 -26.55
CA SER A 210 12.88 0.09 -25.80
C SER A 210 12.69 -1.41 -25.58
N ALA A 211 12.34 -1.78 -24.35
CA ALA A 211 12.15 -3.17 -24.01
C ALA A 211 10.77 -3.66 -24.50
N PRO A 212 10.66 -4.93 -24.87
CA PRO A 212 9.37 -5.45 -25.35
C PRO A 212 8.44 -5.76 -24.20
N GLY A 213 7.20 -6.09 -24.55
CA GLY A 213 6.20 -6.43 -23.56
C GLY A 213 5.87 -5.32 -22.59
N GLN A 214 6.13 -4.08 -22.95
CA GLN A 214 5.81 -2.95 -22.09
C GLN A 214 4.33 -2.57 -22.23
N HIS A 215 3.88 -1.69 -21.35
CA HIS A 215 2.49 -1.24 -21.38
C HIS A 215 2.19 -0.55 -22.71
N LYS A 216 0.93 -0.64 -23.13
CA LYS A 216 0.53 -0.03 -24.39
C LYS A 216 0.77 1.47 -24.37
N ASP A 217 0.56 2.11 -23.22
CA ASP A 217 0.76 3.56 -23.14
C ASP A 217 2.21 3.93 -23.40
N LEU A 218 3.15 3.15 -22.85
CA LEU A 218 4.56 3.43 -23.07
C LEU A 218 4.92 3.29 -24.55
N ASP A 219 4.43 2.25 -25.21
CA ASP A 219 4.71 2.08 -26.62
C ASP A 219 4.12 3.21 -27.45
N SER A 220 2.89 3.61 -27.13
CA SER A 220 2.27 4.72 -27.87
C SER A 220 3.05 6.00 -27.67
N LEU A 221 3.48 6.29 -26.45
CA LEU A 221 4.26 7.50 -26.19
C LEU A 221 5.59 7.45 -26.93
N ARG A 222 6.24 6.29 -26.94
CA ARG A 222 7.50 6.15 -27.68
C ARG A 222 7.29 6.42 -29.16
N ARG A 223 6.26 5.81 -29.75
CA ARG A 223 6.00 6.01 -31.17
C ARG A 223 5.69 7.47 -31.47
N ALA A 224 4.92 8.12 -30.61
CA ALA A 224 4.58 9.53 -30.83
C ALA A 224 5.82 10.41 -30.75
N LEU A 225 6.62 10.23 -29.70
CA LEU A 225 7.84 11.01 -29.57
C LEU A 225 8.77 10.80 -30.76
N LEU A 226 8.93 9.55 -31.20
CA LEU A 226 9.78 9.28 -32.36
C LEU A 226 9.25 9.98 -33.61
N LYS A 227 7.98 9.75 -33.94
CA LYS A 227 7.42 10.34 -35.16
C LYS A 227 7.44 11.85 -35.10
N ASP A 228 7.41 12.44 -33.91
CA ASP A 228 7.39 13.90 -33.81
C ASP A 228 8.80 14.49 -33.88
N ALA A 229 9.78 13.82 -33.28
CA ALA A 229 11.13 14.38 -33.20
C ALA A 229 12.00 13.92 -34.37
N PHE A 230 12.18 12.61 -34.53
CA PHE A 230 13.10 12.07 -35.52
C PHE A 230 12.41 11.37 -36.68
N ALA A 231 11.08 11.37 -36.72
CA ALA A 231 10.33 10.69 -37.78
C ALA A 231 10.67 9.20 -37.84
N PHE A 232 11.12 8.64 -36.73
CA PHE A 232 11.48 7.23 -36.66
C PHE A 232 10.21 6.42 -36.46
N ASP A 233 9.69 5.86 -37.54
CA ASP A 233 8.45 5.10 -37.53
C ASP A 233 8.77 3.61 -37.70
N GLU A 234 8.27 2.81 -36.77
CA GLU A 234 8.53 1.37 -36.81
C GLU A 234 7.78 0.69 -37.95
N ASP A 235 6.63 1.23 -38.35
CA ASP A 235 5.89 0.65 -39.46
C ASP A 235 6.55 0.90 -40.81
N LEU A 236 7.48 1.85 -40.89
CA LEU A 236 8.28 2.03 -42.10
C LEU A 236 9.38 0.98 -42.16
N ASP A 237 9.56 0.40 -43.35
CA ASP A 237 10.60 -0.61 -43.53
C ASP A 237 12.00 -0.02 -43.36
N VAL A 238 12.15 1.29 -43.51
CA VAL A 238 13.44 1.95 -43.35
C VAL A 238 13.20 3.29 -42.65
N PRO A 239 13.26 3.35 -41.32
CA PRO A 239 13.02 4.61 -40.62
C PRO A 239 14.11 5.63 -40.92
N ASP A 240 13.83 6.87 -40.56
CA ASP A 240 14.73 7.99 -40.82
C ASP A 240 15.69 8.12 -39.65
N ARG A 241 16.88 7.54 -39.79
CA ARG A 241 17.93 7.66 -38.78
C ARG A 241 18.71 8.97 -38.87
N SER A 242 18.53 9.73 -39.96
CA SER A 242 19.28 10.98 -40.13
C SER A 242 19.22 11.84 -38.87
N LYS A 243 18.00 12.17 -38.43
CA LYS A 243 17.85 13.03 -37.26
C LYS A 243 18.32 12.36 -35.98
N LEU A 244 18.47 11.04 -35.98
CA LEU A 244 19.05 10.35 -34.84
C LEU A 244 20.55 10.20 -34.95
N LEU A 245 21.07 10.06 -36.17
CA LEU A 245 22.52 9.99 -36.36
C LEU A 245 23.19 11.35 -36.24
N THR A 246 22.44 12.43 -36.39
CA THR A 246 22.97 13.78 -36.23
C THR A 246 23.06 14.21 -34.77
N MET A 247 22.86 13.30 -33.82
CA MET A 247 22.97 13.62 -32.41
C MET A 247 24.38 13.37 -31.86
N ALA A 248 25.26 12.74 -32.64
CA ALA A 248 26.63 12.54 -32.17
C ALA A 248 27.41 13.85 -32.17
N PRO A 249 27.54 14.57 -33.28
CA PRO A 249 28.29 15.84 -33.24
C PRO A 249 27.67 16.88 -32.33
N THR A 250 26.34 16.85 -32.18
CA THR A 250 25.67 17.84 -31.34
C THR A 250 26.22 17.81 -29.92
N TYR A 251 26.65 16.65 -29.44
CA TYR A 251 27.23 16.52 -28.11
C TYR A 251 28.75 16.48 -28.13
N MET A 252 29.36 15.96 -29.20
CA MET A 252 30.81 16.01 -29.31
C MET A 252 31.31 17.46 -29.35
N ASN A 253 30.50 18.38 -29.88
CA ASN A 253 30.88 19.79 -29.87
C ASN A 253 30.64 20.42 -28.52
N LEU A 254 29.60 19.98 -27.79
CA LEU A 254 29.34 20.53 -26.46
C LEU A 254 30.37 20.05 -25.45
N VAL A 255 30.97 18.88 -25.68
CA VAL A 255 32.03 18.42 -24.79
C VAL A 255 33.18 19.41 -24.78
N GLU A 256 33.36 20.14 -25.88
CA GLU A 256 34.40 21.17 -25.91
C GLU A 256 34.14 22.22 -24.84
N ASP A 257 32.93 22.79 -24.83
CA ASP A 257 32.59 23.78 -23.81
C ASP A 257 32.61 23.17 -22.41
N CYS A 258 32.23 21.90 -22.29
CA CYS A 258 32.28 21.24 -20.97
C CYS A 258 33.71 21.23 -20.44
N ILE A 259 34.67 20.76 -21.25
CA ILE A 259 36.04 20.69 -20.78
C ILE A 259 36.61 22.09 -20.60
N ALA A 260 36.18 23.05 -21.42
CA ALA A 260 36.66 24.42 -21.26
C ALA A 260 36.21 25.00 -19.92
N ARG A 261 34.96 24.76 -19.53
CA ARG A 261 34.49 25.22 -18.23
C ARG A 261 35.15 24.45 -17.10
N ALA A 262 35.45 23.17 -17.32
CA ALA A 262 36.12 22.38 -16.29
C ALA A 262 37.52 22.90 -16.03
N GLN A 263 38.24 23.28 -17.09
CA GLN A 263 39.60 23.79 -16.95
C GLN A 263 39.65 25.27 -16.60
N ALA A 264 38.51 25.95 -16.56
CA ALA A 264 38.49 27.37 -16.23
C ALA A 264 37.08 27.74 -15.77
N LEU A 265 36.97 28.24 -14.54
CA LEU A 265 35.68 28.64 -14.01
C LEU A 265 35.26 29.99 -14.58
N PRO A 266 33.99 30.35 -14.45
CA PRO A 266 33.53 31.64 -14.98
C PRO A 266 34.31 32.80 -14.37
N ALA A 267 34.73 33.73 -15.23
CA ALA A 267 35.48 34.89 -14.77
C ALA A 267 34.56 35.92 -14.12
N LYS A 268 33.38 36.15 -14.69
CA LYS A 268 32.47 37.16 -14.15
C LYS A 268 31.95 36.78 -12.77
N LEU A 269 32.09 35.52 -12.37
CA LEU A 269 31.61 35.10 -11.06
C LEU A 269 32.46 35.74 -9.96
N GLY A 270 31.80 36.11 -8.86
CA GLY A 270 32.51 36.73 -7.76
C GLY A 270 33.54 35.80 -7.16
N GLU A 271 34.63 36.40 -6.66
CA GLU A 271 35.71 35.61 -6.07
C GLU A 271 35.29 35.00 -4.74
N SER A 272 34.39 35.66 -4.00
CA SER A 272 33.97 35.14 -2.71
C SER A 272 33.31 33.77 -2.85
N PHE A 273 32.61 33.53 -3.95
CA PHE A 273 31.93 32.25 -4.16
C PHE A 273 32.88 31.16 -4.66
N LYS A 274 34.02 31.54 -5.25
CA LYS A 274 34.97 30.58 -5.79
C LYS A 274 35.81 29.99 -4.66
N THR A 275 35.15 29.13 -3.88
CA THR A 275 35.79 28.43 -2.76
C THR A 275 36.09 26.98 -3.16
N GLU A 276 36.83 26.29 -2.30
CA GLU A 276 37.19 24.91 -2.58
C GLU A 276 35.95 24.05 -2.85
N ALA A 277 34.92 24.20 -2.02
CA ALA A 277 33.69 23.43 -2.23
C ALA A 277 33.06 23.75 -3.58
N PHE A 278 32.99 25.03 -3.93
CA PHE A 278 32.40 25.41 -5.21
C PHE A 278 33.22 24.88 -6.38
N GLU A 279 34.55 24.95 -6.26
CA GLU A 279 35.40 24.43 -7.34
C GLU A 279 35.21 22.92 -7.50
N LEU A 280 35.14 22.18 -6.39
CA LEU A 280 34.93 20.75 -6.47
C LEU A 280 33.56 20.44 -7.08
N ASP A 281 32.53 21.18 -6.69
CA ASP A 281 31.20 20.95 -7.24
C ASP A 281 31.19 21.23 -8.74
N TRP A 282 31.84 22.32 -9.16
CA TRP A 282 31.89 22.64 -10.59
C TRP A 282 32.63 21.55 -11.36
N LEU A 283 33.74 21.07 -10.82
CA LEU A 283 34.49 20.01 -11.50
C LEU A 283 33.67 18.74 -11.61
N ARG A 284 32.98 18.36 -10.53
CA ARG A 284 32.14 17.16 -10.58
C ARG A 284 31.01 17.32 -11.58
N THR A 285 30.39 18.50 -11.61
CA THR A 285 29.31 18.74 -12.56
C THR A 285 29.81 18.65 -14.00
N ALA A 286 30.97 19.26 -14.27
CA ALA A 286 31.52 19.20 -15.62
C ALA A 286 31.86 17.77 -16.01
N ILE A 287 32.41 16.98 -15.08
CA ILE A 287 32.73 15.60 -15.37
C ILE A 287 31.47 14.81 -15.66
N THR A 288 30.41 15.05 -14.88
CA THR A 288 29.15 14.34 -15.10
C THR A 288 28.55 14.71 -16.46
N GLU A 289 28.59 16.00 -16.81
CA GLU A 289 28.08 16.43 -18.11
C GLU A 289 28.87 15.79 -19.25
N ALA A 290 30.19 15.74 -19.10
CA ALA A 290 31.01 15.12 -20.14
C ALA A 290 30.70 13.64 -20.27
N VAL A 291 30.51 12.95 -19.14
CA VAL A 291 30.19 11.53 -19.18
C VAL A 291 28.85 11.30 -19.86
N HIS A 292 27.85 12.14 -19.55
CA HIS A 292 26.55 11.98 -20.17
C HIS A 292 26.60 12.28 -21.66
N SER A 293 27.36 13.29 -22.07
CA SER A 293 27.53 13.56 -23.49
C SER A 293 28.18 12.38 -24.19
N LEU A 294 29.23 11.82 -23.59
CA LEU A 294 29.90 10.67 -24.18
C LEU A 294 28.95 9.49 -24.30
N SER A 295 28.11 9.27 -23.28
CA SER A 295 27.16 8.17 -23.33
C SER A 295 26.12 8.38 -24.43
N ILE A 296 25.62 9.60 -24.56
CA ILE A 296 24.64 9.88 -25.62
C ILE A 296 25.29 9.67 -26.98
N ALA A 297 26.54 10.08 -27.14
CA ALA A 297 27.23 9.87 -28.41
C ALA A 297 27.42 8.38 -28.68
N PHE A 298 27.82 7.62 -27.67
CA PHE A 298 28.00 6.19 -27.84
C PHE A 298 26.68 5.52 -28.24
N GLN A 299 25.58 5.96 -27.64
CA GLN A 299 24.27 5.40 -28.00
C GLN A 299 23.92 5.73 -29.44
N ALA A 300 24.04 7.00 -29.83
CA ALA A 300 23.74 7.39 -31.20
C ALA A 300 24.64 6.68 -32.20
N LEU A 301 25.85 6.30 -31.77
CA LEU A 301 26.77 5.58 -32.66
C LEU A 301 26.38 4.12 -32.80
N ASP A 302 26.16 3.43 -31.66
CA ASP A 302 25.79 2.02 -31.72
C ASP A 302 24.41 1.82 -32.32
N LEU A 303 23.58 2.87 -32.36
CA LEU A 303 22.32 2.78 -33.09
C LEU A 303 22.56 2.29 -34.52
N ASP A 304 23.65 2.73 -35.13
CA ASP A 304 24.08 2.27 -36.45
C ASP A 304 25.45 1.61 -36.26
N THR A 305 25.44 0.32 -35.93
CA THR A 305 26.65 -0.42 -35.60
C THR A 305 27.46 -0.76 -36.84
N PRO A 306 26.88 -1.38 -37.86
CA PRO A 306 27.72 -1.86 -38.98
C PRO A 306 28.30 -0.74 -39.81
N TYR A 307 27.54 0.32 -40.07
CA TYR A 307 28.02 1.39 -40.92
C TYR A 307 29.00 2.29 -40.16
N PHE A 308 29.83 3.01 -40.91
CA PHE A 308 30.83 3.90 -40.35
C PHE A 308 30.24 5.29 -40.09
N ALA A 309 30.88 6.01 -39.19
CA ALA A 309 30.51 7.38 -38.88
C ALA A 309 31.25 8.35 -39.78
N PRO A 310 30.74 9.57 -39.96
CA PRO A 310 31.43 10.53 -40.82
C PRO A 310 32.81 10.86 -40.29
N HIS A 311 33.82 10.67 -41.16
CA HIS A 311 35.20 10.92 -40.75
C HIS A 311 35.44 12.39 -40.39
N GLU A 312 34.64 13.30 -40.97
CA GLU A 312 34.80 14.71 -40.67
C GLU A 312 34.57 14.99 -39.19
N LEU A 313 33.77 14.17 -38.52
CA LEU A 313 33.53 14.31 -37.09
C LEU A 313 34.56 13.60 -36.25
N LEU A 314 35.01 12.41 -36.68
CA LEU A 314 36.03 11.70 -35.93
C LEU A 314 37.35 12.46 -35.95
N SER A 315 37.68 13.11 -37.06
CA SER A 315 38.87 13.94 -37.14
C SER A 315 38.88 14.99 -36.02
N GLU A 316 37.83 15.80 -35.96
CA GLU A 316 37.72 16.81 -34.91
C GLU A 316 37.70 16.20 -33.52
N TRP A 317 37.05 15.04 -33.35
CA TRP A 317 37.01 14.44 -32.02
C TRP A 317 38.39 13.99 -31.58
N PHE A 318 39.16 13.37 -32.48
CA PHE A 318 40.50 12.95 -32.14
C PHE A 318 41.43 14.14 -31.90
N GLU A 319 41.23 15.24 -32.64
CA GLU A 319 42.00 16.45 -32.34
C GLU A 319 41.65 16.99 -30.96
N LEU A 320 40.37 16.97 -30.61
CA LEU A 320 39.93 17.42 -29.30
C LEU A 320 40.58 16.57 -28.21
N MET A 321 40.52 15.25 -28.36
CA MET A 321 41.09 14.37 -27.34
C MET A 321 42.60 14.56 -27.26
N ASN A 322 43.26 14.73 -28.41
CA ASN A 322 44.69 15.01 -28.40
C ASN A 322 45.00 16.25 -27.58
N SER A 323 44.23 17.32 -27.80
CA SER A 323 44.49 18.57 -27.11
C SER A 323 44.22 18.44 -25.61
N SER A 324 43.09 17.85 -25.25
CA SER A 324 42.69 17.77 -23.84
C SER A 324 43.35 16.63 -23.07
N LEU A 325 44.14 15.78 -23.74
CA LEU A 325 44.79 14.65 -23.08
C LEU A 325 43.74 13.66 -22.54
N PHE A 326 42.76 13.35 -23.38
CA PHE A 326 41.69 12.42 -23.01
C PHE A 326 41.06 12.80 -21.67
N LEU A 327 40.84 14.10 -21.48
CA LEU A 327 40.24 14.64 -20.26
C LEU A 327 41.06 14.31 -19.02
N GLU A 328 42.32 13.91 -19.18
CA GLU A 328 43.16 13.61 -18.03
C GLU A 328 43.58 14.87 -17.28
N SER A 329 43.52 16.04 -17.91
CA SER A 329 43.87 17.27 -17.22
C SER A 329 42.83 17.61 -16.16
N ILE A 330 41.54 17.42 -16.48
CA ILE A 330 40.50 17.70 -15.51
C ILE A 330 40.28 16.51 -14.58
N LEU A 331 40.53 15.29 -15.06
CA LEU A 331 40.39 14.09 -14.25
C LEU A 331 41.68 13.72 -13.51
N GLY A 332 42.76 14.47 -13.72
CA GLY A 332 44.02 14.16 -13.03
C GLY A 332 43.93 14.27 -11.53
N PHE A 333 43.00 15.06 -11.01
CA PHE A 333 42.86 15.21 -9.57
C PHE A 333 42.52 13.88 -8.92
N GLU A 334 42.88 13.74 -7.65
CA GLU A 334 42.62 12.53 -6.89
C GLU A 334 41.27 12.55 -6.18
N VAL A 335 40.54 13.66 -6.24
CA VAL A 335 39.24 13.77 -5.58
C VAL A 335 38.09 13.48 -6.54
N VAL A 336 38.39 13.08 -7.78
CA VAL A 336 37.35 12.78 -8.76
C VAL A 336 37.58 11.39 -9.32
N ALA A 337 38.22 10.52 -8.53
CA ALA A 337 38.48 9.16 -8.99
C ALA A 337 37.18 8.40 -9.25
N ASP A 338 36.23 8.52 -8.31
CA ASP A 338 34.94 7.83 -8.49
C ASP A 338 34.27 8.25 -9.79
N LEU A 339 34.45 9.50 -10.21
CA LEU A 339 33.90 9.98 -11.47
C LEU A 339 34.89 9.89 -12.62
N ALA A 340 36.19 9.79 -12.32
CA ALA A 340 37.19 9.69 -13.38
C ALA A 340 37.23 8.30 -13.99
N MET A 341 37.24 7.26 -13.14
CA MET A 341 37.28 5.88 -13.61
C MET A 341 36.16 5.63 -14.61
N PRO A 342 34.89 5.90 -14.27
CA PRO A 342 33.82 5.74 -15.26
C PRO A 342 33.98 6.67 -16.45
N ALA A 343 34.47 7.89 -16.24
CA ALA A 343 34.69 8.81 -17.35
C ALA A 343 35.73 8.24 -18.32
N ARG A 344 36.85 7.74 -17.79
CA ARG A 344 37.87 7.14 -18.64
C ARG A 344 37.33 5.91 -19.35
N SER A 345 36.54 5.09 -18.65
CA SER A 345 35.97 3.91 -19.28
C SER A 345 35.06 4.29 -20.44
N LEU A 346 34.22 5.30 -20.25
CA LEU A 346 33.30 5.70 -21.31
C LEU A 346 34.05 6.36 -22.47
N VAL A 347 35.12 7.10 -22.17
CA VAL A 347 35.94 7.66 -23.24
C VAL A 347 36.55 6.54 -24.08
N SER A 348 37.09 5.52 -23.41
CA SER A 348 37.65 4.38 -24.14
C SER A 348 36.57 3.68 -24.95
N ALA A 349 35.37 3.56 -24.39
CA ALA A 349 34.27 2.88 -25.10
C ALA A 349 33.91 3.64 -26.37
N ILE A 350 33.74 4.96 -26.27
CA ILE A 350 33.36 5.73 -27.45
C ILE A 350 34.49 5.75 -28.47
N CYS A 351 35.75 5.76 -28.01
CA CYS A 351 36.87 5.71 -28.95
C CYS A 351 36.86 4.39 -29.71
N LEU A 352 36.72 3.27 -29.01
CA LEU A 352 36.67 1.97 -29.67
C LEU A 352 35.45 1.86 -30.59
N LYS A 353 34.35 2.52 -30.22
CA LYS A 353 33.16 2.50 -31.06
C LYS A 353 33.40 3.23 -32.37
N MET A 354 33.82 4.50 -32.29
CA MET A 354 34.11 5.24 -33.51
C MET A 354 35.28 4.64 -34.29
N LEU A 355 36.10 3.83 -33.64
CA LEU A 355 37.21 3.18 -34.35
C LEU A 355 36.71 2.02 -35.20
N ASN A 356 35.74 1.26 -34.70
CA ASN A 356 35.15 0.12 -35.41
C ASN A 356 36.25 -0.82 -35.90
N ILE A 357 36.96 -1.41 -34.93
CA ILE A 357 38.05 -2.33 -35.25
C ILE A 357 37.53 -3.47 -36.12
N ASP A 358 36.32 -3.97 -35.81
CA ASP A 358 35.75 -5.08 -36.58
C ASP A 358 35.48 -4.65 -38.02
N ARG A 359 34.69 -3.59 -38.20
CA ARG A 359 34.36 -3.14 -39.54
C ARG A 359 35.61 -2.62 -40.26
N THR A 360 36.52 -1.99 -39.52
CA THR A 360 37.76 -1.51 -40.14
C THR A 360 38.55 -2.67 -40.72
N ILE A 361 38.71 -3.76 -39.94
CA ILE A 361 39.44 -4.91 -40.44
C ILE A 361 38.69 -5.57 -41.59
N GLN A 362 37.35 -5.61 -41.51
CA GLN A 362 36.57 -6.16 -42.61
C GLN A 362 36.82 -5.41 -43.90
N PHE A 363 36.86 -4.07 -43.82
CA PHE A 363 37.10 -3.26 -45.01
C PHE A 363 38.53 -3.43 -45.51
N LEU A 364 39.50 -3.45 -44.60
CA LEU A 364 40.90 -3.60 -45.01
C LEU A 364 41.16 -4.95 -45.65
N HIS A 365 40.48 -6.00 -45.21
CA HIS A 365 40.67 -7.33 -45.75
C HIS A 365 39.73 -7.63 -46.92
N ASP A 366 38.54 -7.03 -46.94
CA ASP A 366 37.58 -7.27 -48.02
C ASP A 366 37.73 -6.27 -49.15
N PHE A 367 38.10 -5.02 -48.85
CA PHE A 367 38.27 -3.96 -49.83
C PHE A 367 36.96 -3.54 -50.49
N ASP A 368 35.83 -4.06 -50.03
CA ASP A 368 34.53 -3.69 -50.59
C ASP A 368 33.98 -2.47 -49.86
N TYR A 369 33.36 -1.58 -50.62
CA TYR A 369 32.86 -0.33 -50.05
C TYR A 369 31.58 -0.57 -49.28
N PRO A 370 31.49 -0.13 -48.01
CA PRO A 370 30.28 -0.41 -47.24
C PRO A 370 29.05 0.28 -47.80
N ASP A 371 29.20 1.52 -48.26
CA ASP A 371 28.17 2.37 -48.85
C ASP A 371 27.33 3.07 -47.78
N GLY A 372 27.45 2.70 -46.51
CA GLY A 372 26.73 3.43 -45.47
C GLY A 372 27.27 4.84 -45.28
N GLU A 373 28.59 4.95 -45.20
CA GLU A 373 29.25 6.25 -45.06
C GLU A 373 30.72 6.08 -45.42
N GLU A 374 31.35 7.17 -45.82
CA GLU A 374 32.78 7.15 -46.08
C GLU A 374 33.55 7.06 -44.76
N PRO A 375 34.51 6.14 -44.63
CA PRO A 375 35.31 6.08 -43.40
C PRO A 375 36.52 6.99 -43.46
N TYR A 376 37.13 7.18 -42.29
CA TYR A 376 38.38 7.93 -42.20
C TYR A 376 39.53 7.23 -42.92
N LEU A 377 39.34 5.98 -43.35
CA LEU A 377 40.42 5.25 -44.02
C LEU A 377 40.85 5.91 -45.32
N LEU A 378 39.97 6.69 -45.95
CA LEU A 378 40.28 7.36 -47.21
C LEU A 378 40.91 8.74 -47.00
N SER A 379 41.16 9.14 -45.75
CA SER A 379 41.74 10.44 -45.43
C SER A 379 43.03 10.21 -44.65
N SER A 380 44.16 10.60 -45.25
CA SER A 380 45.45 10.41 -44.58
C SER A 380 45.62 11.40 -43.44
N GLN A 381 45.00 12.59 -43.54
CA GLN A 381 45.13 13.57 -42.48
C GLN A 381 44.54 13.04 -41.18
N THR A 382 43.36 12.41 -41.25
CA THR A 382 42.75 11.85 -40.05
C THR A 382 43.63 10.76 -39.45
N LEU A 383 44.24 9.92 -40.30
CA LEU A 383 45.14 8.89 -39.79
C LEU A 383 46.33 9.50 -39.09
N ASN A 384 46.94 10.54 -39.68
CA ASN A 384 48.06 11.21 -39.04
C ASN A 384 47.65 11.79 -37.70
N LYS A 385 46.48 12.42 -37.64
CA LYS A 385 46.00 13.02 -36.40
C LYS A 385 45.80 11.94 -35.33
N ILE A 386 45.17 10.83 -35.70
CA ILE A 386 44.95 9.75 -34.75
C ILE A 386 46.28 9.20 -34.25
N HIS A 387 47.25 9.03 -35.16
CA HIS A 387 48.54 8.47 -34.76
C HIS A 387 49.27 9.40 -33.80
N THR A 388 49.30 10.71 -34.11
CA THR A 388 49.99 11.64 -33.22
C THR A 388 49.26 11.75 -31.88
N ALA A 389 47.93 11.66 -31.87
CA ALA A 389 47.20 11.69 -30.62
C ALA A 389 47.53 10.47 -29.76
N VAL A 390 47.56 9.29 -30.37
CA VAL A 390 47.89 8.08 -29.63
C VAL A 390 49.32 8.16 -29.11
N THR A 391 50.24 8.69 -29.92
CA THR A 391 51.63 8.81 -29.49
C THR A 391 51.74 9.75 -28.30
N ASN A 392 51.07 10.90 -28.37
CA ASN A 392 51.10 11.85 -27.25
C ASN A 392 50.49 11.23 -26.00
N ALA A 393 49.39 10.50 -26.15
CA ALA A 393 48.75 9.88 -25.00
C ALA A 393 49.65 8.83 -24.35
N VAL A 394 50.32 8.03 -25.17
CA VAL A 394 51.20 7.00 -24.62
C VAL A 394 52.44 7.64 -23.98
N ASN A 395 52.92 8.76 -24.53
CA ASN A 395 54.08 9.42 -23.95
C ASN A 395 53.73 10.14 -22.66
N SER A 396 52.49 10.60 -22.53
CA SER A 396 52.08 11.29 -21.31
C SER A 396 52.00 10.35 -20.11
N GLY A 397 51.92 9.05 -20.34
CA GLY A 397 51.85 8.09 -19.25
C GLY A 397 50.48 8.04 -18.60
N VAL A 398 49.47 7.67 -19.37
CA VAL A 398 48.10 7.57 -18.90
C VAL A 398 47.56 6.17 -19.20
N ALA A 399 46.75 5.64 -18.29
CA ALA A 399 46.22 4.29 -18.46
C ALA A 399 44.97 4.27 -19.32
N ALA A 400 44.19 5.35 -19.33
CA ALA A 400 42.95 5.37 -20.11
C ALA A 400 43.20 5.10 -21.58
N SER A 401 44.38 5.48 -22.10
CA SER A 401 44.70 5.27 -23.50
C SER A 401 45.22 3.87 -23.81
N LEU A 402 45.24 2.97 -22.82
CA LEU A 402 45.75 1.63 -23.06
C LEU A 402 44.94 0.87 -24.09
N PRO A 403 43.63 0.68 -23.93
CA PRO A 403 42.88 -0.07 -24.94
C PRO A 403 42.81 0.62 -26.29
N VAL A 404 42.64 1.94 -26.30
CA VAL A 404 42.60 2.67 -27.57
C VAL A 404 43.94 2.56 -28.28
N ALA A 405 45.02 2.75 -27.54
CA ALA A 405 46.36 2.64 -28.13
C ALA A 405 46.59 1.24 -28.68
N PHE A 406 46.32 0.22 -27.87
CA PHE A 406 46.46 -1.17 -28.33
C PHE A 406 45.68 -1.41 -29.62
N ALA A 407 44.40 -1.01 -29.65
CA ALA A 407 43.59 -1.15 -30.84
C ALA A 407 44.23 -0.49 -32.05
N TRP A 408 44.60 0.78 -31.91
CA TRP A 408 45.25 1.49 -33.02
C TRP A 408 46.51 0.75 -33.47
N SER A 409 47.30 0.26 -32.52
CA SER A 409 48.48 -0.53 -32.86
C SER A 409 48.11 -1.73 -33.71
N LEU A 410 47.04 -2.43 -33.35
CA LEU A 410 46.58 -3.55 -34.17
C LEU A 410 46.23 -3.10 -35.58
N ILE A 411 45.50 -1.98 -35.67
CA ILE A 411 45.11 -1.47 -36.99
C ILE A 411 46.35 -1.18 -37.84
N VAL A 412 47.35 -0.53 -37.25
CA VAL A 412 48.58 -0.26 -37.98
C VAL A 412 49.28 -1.56 -38.36
N HIS A 413 49.24 -2.56 -37.47
CA HIS A 413 49.83 -3.85 -37.77
C HIS A 413 49.14 -4.51 -38.95
N GLN A 414 47.85 -4.24 -39.16
CA GLN A 414 47.17 -4.79 -40.32
C GLN A 414 47.40 -3.95 -41.57
N MET A 415 47.66 -2.65 -41.39
CA MET A 415 47.93 -1.80 -42.54
C MET A 415 49.32 -2.08 -43.09
N HIS A 416 50.29 -2.30 -42.23
CA HIS A 416 51.63 -2.68 -42.67
C HIS A 416 51.56 -3.88 -43.60
N LEU A 417 50.99 -4.99 -43.12
CA LEU A 417 50.84 -6.17 -43.96
C LEU A 417 50.03 -5.88 -45.22
N GLY A 418 48.97 -5.07 -45.12
CA GLY A 418 48.24 -4.69 -46.31
C GLY A 418 49.12 -4.00 -47.34
N TYR A 419 50.11 -3.24 -46.88
CA TYR A 419 51.05 -2.58 -47.77
C TYR A 419 52.10 -3.56 -48.31
N GLN A 420 52.47 -4.57 -47.53
CA GLN A 420 53.45 -5.53 -48.00
C GLN A 420 52.91 -6.36 -49.16
N GLU A 421 51.62 -6.72 -49.11
CA GLU A 421 51.03 -7.49 -50.20
C GLU A 421 50.86 -6.64 -51.46
N ARG A 422 50.74 -5.32 -51.30
CA ARG A 422 50.58 -4.40 -52.43
C ARG A 422 51.87 -3.71 -52.80
N ALA A 423 53.00 -4.11 -52.21
CA ALA A 423 54.29 -3.50 -52.51
C ALA A 423 54.82 -3.99 -53.85
N SER A 466 44.90 2.52 -50.96
CA SER A 466 46.01 3.30 -51.50
C SER A 466 46.23 4.60 -50.72
N PRO A 467 45.16 5.31 -50.35
CA PRO A 467 45.36 6.55 -49.57
C PRO A 467 46.12 6.33 -48.29
N TYR A 468 45.86 5.23 -47.58
CA TYR A 468 46.54 4.98 -46.31
C TYR A 468 48.05 4.95 -46.48
N ASP A 469 48.54 4.63 -47.69
CA ASP A 469 49.98 4.69 -47.95
C ASP A 469 50.54 6.06 -47.65
N ASP A 470 49.79 7.12 -47.97
CA ASP A 470 50.23 8.47 -47.64
C ASP A 470 50.53 8.60 -46.15
N PHE A 471 49.58 8.17 -45.30
CA PHE A 471 49.83 8.14 -43.86
C PHE A 471 51.05 7.30 -43.52
N LEU A 472 51.10 6.08 -44.03
CA LEU A 472 52.20 5.17 -43.72
C LEU A 472 53.57 5.73 -44.10
N ARG A 473 53.62 6.66 -45.06
CA ARG A 473 54.87 7.27 -45.47
C ARG A 473 55.07 8.69 -44.95
N GLU A 474 54.07 9.26 -44.28
CA GLU A 474 54.19 10.63 -43.81
C GLU A 474 54.98 10.70 -42.51
N GLN A 475 54.65 9.84 -41.55
CA GLN A 475 55.31 9.84 -40.24
C GLN A 475 56.42 8.80 -40.15
N ARG A 476 56.98 8.38 -41.28
CA ARG A 476 58.06 7.40 -41.31
C ARG A 476 57.64 6.10 -40.63
N LEU A 477 56.44 5.61 -40.97
CA LEU A 477 55.90 4.39 -40.42
C LEU A 477 55.91 3.23 -41.41
N ASP A 478 56.56 3.41 -42.57
CA ASP A 478 56.59 2.37 -43.59
C ASP A 478 57.76 1.41 -43.38
N ASN A 479 58.98 1.94 -43.31
CA ASN A 479 60.15 1.09 -43.15
C ASN A 479 60.16 0.41 -41.78
N ASP A 480 60.06 1.20 -40.71
CA ASP A 480 60.13 0.69 -39.35
C ASP A 480 58.74 0.53 -38.77
N ILE A 481 58.60 -0.46 -37.88
CA ILE A 481 57.35 -0.71 -37.17
C ILE A 481 57.64 -0.72 -35.67
N ALA A 482 58.68 0.02 -35.26
CA ALA A 482 59.09 0.00 -33.87
C ALA A 482 58.08 0.65 -32.94
N PRO A 483 57.52 1.83 -33.24
CA PRO A 483 56.71 2.51 -32.22
C PRO A 483 55.45 1.76 -31.84
N VAL A 484 54.66 1.32 -32.82
CA VAL A 484 53.41 0.62 -32.52
C VAL A 484 53.70 -0.71 -31.82
N GLU A 485 54.76 -1.40 -32.23
CA GLU A 485 55.12 -2.67 -31.59
C GLU A 485 55.51 -2.44 -30.13
N GLN A 486 56.30 -1.40 -29.87
CA GLN A 486 56.67 -1.10 -28.49
C GLN A 486 55.44 -0.70 -27.66
N ILE A 487 54.52 0.04 -28.28
CA ILE A 487 53.30 0.42 -27.56
C ILE A 487 52.50 -0.81 -27.19
N ALA A 488 52.34 -1.74 -28.13
CA ALA A 488 51.59 -2.96 -27.85
C ALA A 488 52.30 -3.81 -26.79
N MET A 489 53.63 -3.89 -26.87
CA MET A 489 54.38 -4.61 -25.85
C MET A 489 54.13 -4.02 -24.46
N LEU A 490 54.26 -2.69 -24.34
CA LEU A 490 54.03 -2.04 -23.05
C LEU A 490 52.60 -2.27 -22.58
N ALA A 491 51.64 -2.26 -23.51
CA ALA A 491 50.24 -2.42 -23.11
C ALA A 491 49.97 -3.84 -22.62
N THR A 492 50.59 -4.84 -23.25
CA THR A 492 50.36 -6.23 -22.86
C THR A 492 51.23 -6.66 -21.68
N SER A 493 52.29 -5.92 -21.37
CA SER A 493 53.13 -6.27 -20.23
C SER A 493 52.33 -6.20 -18.94
N ARG A 494 52.46 -7.23 -18.12
CA ARG A 494 51.76 -7.32 -16.83
C ARG A 494 50.25 -7.32 -16.99
N GLY A 495 49.75 -7.55 -18.20
CA GLY A 495 48.33 -7.56 -18.45
C GLY A 495 47.63 -6.29 -18.02
N GLN A 496 48.32 -5.15 -18.15
CA GLN A 496 47.73 -3.89 -17.74
C GLN A 496 46.53 -3.54 -18.61
N VAL A 497 46.63 -3.76 -19.91
CA VAL A 497 45.51 -3.48 -20.81
C VAL A 497 44.31 -4.33 -20.43
N TYR A 498 44.54 -5.61 -20.16
CA TYR A 498 43.44 -6.50 -19.78
C TYR A 498 42.83 -6.08 -18.46
N GLN A 499 43.66 -5.69 -17.48
CA GLN A 499 43.13 -5.27 -16.19
C GLN A 499 42.29 -4.01 -16.32
N VAL A 500 42.77 -3.03 -17.10
CA VAL A 500 42.01 -1.79 -17.25
C VAL A 500 40.72 -2.06 -18.03
N MET A 501 40.77 -2.96 -19.01
CA MET A 501 39.55 -3.31 -19.72
C MET A 501 38.53 -3.97 -18.79
N SER A 502 39.01 -4.87 -17.91
CA SER A 502 38.12 -5.49 -16.95
C SER A 502 37.51 -4.47 -16.01
N GLU A 503 38.33 -3.51 -15.55
CA GLU A 503 37.81 -2.45 -14.68
C GLU A 503 36.76 -1.61 -15.40
N MET A 504 37.02 -1.27 -16.66
CA MET A 504 36.05 -0.50 -17.43
C MET A 504 34.74 -1.27 -17.59
N ALA A 505 34.84 -2.57 -17.90
CA ALA A 505 33.63 -3.38 -18.03
C ALA A 505 32.87 -3.45 -16.70
N LEU A 506 33.60 -3.53 -15.59
CA LEU A 506 32.95 -3.51 -14.28
C LEU A 506 32.20 -2.20 -14.09
N CYS A 507 32.84 -1.08 -14.41
CA CYS A 507 32.20 0.23 -14.35
C CYS A 507 31.23 0.47 -15.50
N LEU A 508 31.23 -0.40 -16.51
CA LEU A 508 30.33 -0.29 -17.66
C LEU A 508 29.59 -1.60 -17.89
N GLY A 509 29.08 -2.21 -16.82
CA GLY A 509 28.40 -3.47 -16.88
C GLY A 509 26.93 -3.35 -16.51
N THR A 510 26.35 -4.50 -16.15
CA THR A 510 24.95 -4.58 -15.74
C THR A 510 24.78 -4.84 -14.25
N THR A 511 25.79 -5.38 -13.57
CA THR A 511 25.69 -5.64 -12.15
C THR A 511 25.47 -4.34 -11.39
N HIS A 512 25.13 -4.48 -10.10
CA HIS A 512 24.91 -3.31 -9.26
C HIS A 512 26.16 -2.45 -9.11
N GLU A 513 27.35 -3.03 -9.33
CA GLU A 513 28.58 -2.26 -9.29
C GLU A 513 28.77 -1.38 -10.52
N ALA A 514 27.99 -1.58 -11.56
CA ALA A 514 28.14 -0.79 -12.78
C ALA A 514 27.74 0.65 -12.53
N ALA A 515 28.34 1.56 -13.30
CA ALA A 515 28.08 2.98 -13.16
C ALA A 515 26.87 3.45 -13.95
N PHE A 516 26.49 2.73 -15.00
CA PHE A 516 25.36 3.09 -15.86
C PHE A 516 24.27 2.03 -15.76
N ARG A 517 23.18 2.27 -16.48
CA ARG A 517 22.06 1.35 -16.48
C ARG A 517 22.46 0.02 -17.10
N PRO A 518 21.65 -1.03 -16.90
CA PRO A 518 21.99 -2.33 -17.49
C PRO A 518 22.14 -2.28 -19.00
N ALA A 519 21.23 -1.62 -19.70
CA ALA A 519 21.32 -1.55 -21.16
C ALA A 519 22.55 -0.77 -21.59
N VAL A 520 22.91 0.28 -20.86
CA VAL A 520 24.09 1.06 -21.21
C VAL A 520 25.32 0.17 -21.21
N GLY A 521 25.53 -0.58 -20.12
CA GLY A 521 26.67 -1.47 -20.06
C GLY A 521 26.59 -2.60 -21.07
N ALA A 522 25.38 -3.12 -21.29
CA ALA A 522 25.22 -4.18 -22.28
C ALA A 522 25.65 -3.73 -23.66
N ARG A 523 25.35 -2.47 -24.02
CA ARG A 523 25.75 -1.95 -25.31
C ARG A 523 27.18 -1.43 -25.32
N ALA A 524 27.74 -1.14 -24.14
CA ALA A 524 29.12 -0.66 -24.06
C ALA A 524 30.12 -1.81 -24.14
N ARG A 525 29.77 -2.98 -23.59
CA ARG A 525 30.66 -4.13 -23.66
C ARG A 525 30.88 -4.62 -25.08
N LEU A 526 30.08 -4.15 -26.05
CA LEU A 526 30.21 -4.63 -27.42
C LEU A 526 31.55 -4.25 -28.02
N VAL A 527 32.03 -3.04 -27.75
CA VAL A 527 33.31 -2.61 -28.33
C VAL A 527 34.44 -3.46 -27.76
N PHE A 528 34.43 -3.72 -26.46
CA PHE A 528 35.47 -4.55 -25.86
C PHE A 528 35.39 -5.99 -26.37
N GLN A 529 34.18 -6.51 -26.55
CA GLN A 529 34.03 -7.86 -27.07
C GLN A 529 34.57 -7.95 -28.50
N ASP A 530 34.29 -6.93 -29.32
CA ASP A 530 34.81 -6.93 -30.68
C ASP A 530 36.33 -6.80 -30.69
N LEU A 531 36.88 -5.98 -29.79
CA LEU A 531 38.33 -5.85 -29.70
C LEU A 531 38.97 -7.19 -29.35
N LEU A 532 38.40 -7.90 -28.36
CA LEU A 532 38.91 -9.22 -28.02
C LEU A 532 38.71 -10.20 -29.17
N LYS A 533 37.62 -10.06 -29.93
CA LYS A 533 37.40 -10.93 -31.07
C LYS A 533 38.50 -10.77 -32.11
N ARG A 534 38.85 -9.49 -32.33
CA ARG A 534 39.84 -9.03 -33.32
C ARG A 534 41.27 -9.19 -32.80
N SER A 535 41.48 -9.24 -31.48
CA SER A 535 42.80 -9.46 -30.85
C SER A 535 42.98 -10.91 -30.40
N ALA A 536 41.97 -11.77 -30.58
CA ALA A 536 42.07 -13.19 -30.16
C ALA A 536 43.03 -13.89 -31.10
N TYR A 537 42.76 -13.82 -32.41
CA TYR A 537 43.56 -14.58 -33.35
C TYR A 537 44.97 -14.03 -33.53
N LEU A 538 45.24 -12.82 -33.02
CA LEU A 538 46.59 -12.23 -33.14
C LEU A 538 47.48 -12.71 -32.00
N ILE A 539 47.15 -12.33 -30.76
CA ILE A 539 47.88 -12.81 -29.59
C ILE A 539 47.32 -14.19 -29.27
N PRO A 540 48.13 -15.17 -28.85
CA PRO A 540 47.60 -16.53 -28.68
C PRO A 540 46.68 -16.63 -27.47
N TYR A 541 46.02 -17.79 -27.38
CA TYR A 541 45.17 -18.08 -26.24
C TYR A 541 46.00 -18.10 -24.96
N GLN A 542 45.51 -17.42 -23.93
CA GLN A 542 46.24 -17.29 -22.68
C GLN A 542 45.25 -16.94 -21.58
N ASP A 543 45.67 -17.17 -20.33
CA ASP A 543 44.77 -17.04 -19.20
C ASP A 543 44.32 -15.60 -18.99
N GLU A 544 45.22 -14.64 -19.23
CA GLU A 544 44.86 -13.23 -19.03
C GLU A 544 43.72 -12.78 -19.93
N PRO A 545 43.79 -12.93 -21.25
CA PRO A 545 42.63 -12.56 -22.08
C PRO A 545 41.36 -13.29 -21.68
N VAL A 546 41.48 -14.51 -21.17
CA VAL A 546 40.29 -15.28 -20.82
C VAL A 546 39.64 -14.69 -19.57
N PHE A 547 40.44 -14.43 -18.54
CA PHE A 547 39.90 -13.78 -17.35
C PHE A 547 39.35 -12.41 -17.68
N SER A 548 39.96 -11.69 -18.63
CA SER A 548 39.44 -10.40 -19.04
C SER A 548 38.04 -10.55 -19.65
N LEU A 549 37.90 -11.48 -20.61
CA LEU A 549 36.60 -11.70 -21.22
C LEU A 549 35.57 -12.17 -20.20
N LEU A 550 36.01 -12.97 -19.23
CA LEU A 550 35.09 -13.43 -18.18
C LEU A 550 34.60 -12.26 -17.34
N ALA A 551 35.52 -11.40 -16.89
CA ALA A 551 35.12 -10.23 -16.12
C ALA A 551 34.26 -9.29 -16.93
N ILE A 552 34.44 -9.27 -18.25
CA ILE A 552 33.60 -8.43 -19.11
C ILE A 552 32.19 -9.00 -19.19
N LEU A 553 32.05 -10.22 -19.71
CA LEU A 553 30.73 -10.79 -19.96
C LEU A 553 29.95 -11.00 -18.66
N ALA A 554 30.63 -11.49 -17.61
CA ALA A 554 29.92 -11.76 -16.36
C ALA A 554 29.80 -10.52 -15.49
N THR A 555 30.87 -9.74 -15.37
CA THR A 555 30.93 -8.47 -14.65
C THR A 555 31.08 -8.70 -13.15
N GLY A 556 31.04 -9.94 -12.68
CA GLY A 556 31.14 -10.20 -11.25
C GLY A 556 29.84 -10.08 -10.50
N ARG A 557 28.70 -10.30 -11.16
CA ARG A 557 27.42 -10.21 -10.50
C ARG A 557 27.20 -11.40 -9.57
N GLN A 558 26.13 -11.32 -8.78
CA GLN A 558 25.84 -12.33 -7.78
C GLN A 558 24.93 -13.41 -8.39
N TYR A 559 24.53 -14.37 -7.56
CA TYR A 559 23.66 -15.46 -8.01
C TYR A 559 22.22 -14.99 -8.15
N TRP A 560 21.75 -14.13 -7.26
CA TRP A 560 20.38 -13.63 -7.29
C TRP A 560 20.18 -12.50 -8.30
N ASP A 561 21.20 -12.17 -9.08
CA ASP A 561 21.09 -11.16 -10.13
C ASP A 561 20.58 -11.73 -11.44
N VAL A 562 20.00 -12.93 -11.40
CA VAL A 562 19.47 -13.60 -12.59
C VAL A 562 17.95 -13.57 -12.51
N THR A 563 17.31 -13.09 -13.57
CA THR A 563 15.86 -13.01 -13.65
C THR A 563 15.42 -13.36 -15.06
N ASP A 564 14.16 -13.78 -15.18
CA ASP A 564 13.57 -14.14 -16.46
C ASP A 564 12.91 -12.95 -17.14
N ALA A 565 13.21 -11.73 -16.72
CA ALA A 565 12.60 -10.54 -17.32
C ALA A 565 13.02 -10.41 -18.79
N LEU A 566 12.05 -10.54 -19.69
CA LEU A 566 12.34 -10.42 -21.12
C LEU A 566 12.68 -8.98 -21.46
N SER A 567 13.79 -8.79 -22.16
CA SER A 567 14.25 -7.47 -22.57
C SER A 567 14.47 -7.46 -24.08
N ALA A 568 14.87 -6.30 -24.59
CA ALA A 568 15.10 -6.15 -26.03
C ALA A 568 16.23 -7.05 -26.49
N SER A 569 16.13 -7.51 -27.74
CA SER A 569 17.17 -8.35 -28.31
C SER A 569 18.53 -7.66 -28.30
N SER A 570 18.54 -6.34 -28.47
CA SER A 570 19.80 -5.59 -28.45
C SER A 570 20.59 -5.87 -27.18
N LEU A 571 19.93 -5.83 -26.02
CA LEU A 571 20.62 -6.12 -24.77
C LEU A 571 21.20 -7.52 -24.76
N ASN A 572 20.54 -8.49 -25.40
CA ASN A 572 21.04 -9.84 -25.46
C ASN A 572 22.08 -10.05 -26.55
N GLN A 573 22.26 -9.06 -27.43
CA GLN A 573 23.24 -9.16 -28.51
C GLN A 573 24.64 -9.46 -27.96
N VAL A 574 25.12 -8.64 -27.02
CA VAL A 574 26.46 -8.83 -26.47
C VAL A 574 26.69 -10.27 -26.03
N TYR A 575 25.63 -10.95 -25.60
CA TYR A 575 25.76 -12.35 -25.18
C TYR A 575 25.69 -13.30 -26.38
N THR A 576 24.63 -13.17 -27.19
CA THR A 576 24.42 -14.10 -28.29
C THR A 576 25.57 -14.06 -29.29
N ASP A 577 26.29 -12.93 -29.36
CA ASP A 577 27.44 -12.85 -30.25
C ASP A 577 28.43 -13.97 -30.01
N MET A 578 28.53 -14.44 -28.76
CA MET A 578 29.42 -15.55 -28.45
C MET A 578 29.06 -16.79 -29.25
N LEU A 579 27.78 -16.97 -29.57
CA LEU A 579 27.32 -18.10 -30.36
C LEU A 579 26.94 -17.72 -31.79
N ASP A 580 27.13 -16.46 -32.18
CA ASP A 580 26.82 -16.01 -33.53
C ASP A 580 28.04 -15.92 -34.42
N ASP A 581 29.07 -15.19 -33.98
CA ASP A 581 30.30 -15.05 -34.76
C ASP A 581 31.20 -16.26 -34.55
N GLU A 582 31.79 -16.74 -35.65
CA GLU A 582 32.67 -17.90 -35.57
C GLU A 582 33.97 -17.60 -34.84
N THR A 583 34.44 -16.35 -34.90
CA THR A 583 35.68 -16.00 -34.21
C THR A 583 35.53 -16.15 -32.70
N LEU A 584 34.41 -15.69 -32.14
CA LEU A 584 34.14 -15.83 -30.72
C LEU A 584 33.52 -17.17 -30.35
N PHE A 585 33.32 -18.06 -31.33
CA PHE A 585 32.75 -19.37 -31.09
C PHE A 585 33.81 -20.47 -31.09
N THR A 586 34.68 -20.47 -32.09
CA THR A 586 35.72 -21.49 -32.22
C THR A 586 36.98 -21.16 -31.43
N GLN A 587 37.09 -19.96 -30.87
CA GLN A 587 38.27 -19.54 -30.13
C GLN A 587 38.07 -19.50 -28.62
N PHE A 588 36.92 -19.02 -28.15
CA PHE A 588 36.66 -18.91 -26.71
C PHE A 588 35.74 -20.02 -26.22
N THR A 589 34.56 -20.15 -26.83
CA THR A 589 33.59 -21.15 -26.34
C THR A 589 34.13 -22.57 -26.54
N MET A 590 34.59 -22.89 -27.74
CA MET A 590 35.11 -24.23 -28.00
C MET A 590 36.33 -24.52 -27.14
N GLN A 591 37.28 -23.57 -27.08
CA GLN A 591 38.46 -23.78 -26.27
C GLN A 591 38.11 -23.87 -24.79
N ALA A 592 37.16 -23.05 -24.33
CA ALA A 592 36.73 -23.12 -22.93
C ALA A 592 36.12 -24.48 -22.62
N ILE A 593 35.32 -25.02 -23.54
CA ILE A 593 34.73 -26.34 -23.33
C ILE A 593 35.82 -27.41 -23.32
N ASN A 594 36.81 -27.28 -24.22
CA ASN A 594 37.87 -28.27 -24.28
C ASN A 594 38.75 -28.24 -23.03
N ARG A 595 38.93 -27.06 -22.42
CA ARG A 595 39.75 -26.93 -21.22
C ARG A 595 38.85 -27.06 -19.99
N PHE A 596 38.40 -28.29 -19.77
CA PHE A 596 37.47 -28.58 -18.68
C PHE A 596 37.61 -30.05 -18.32
N PRO A 597 37.59 -30.40 -17.02
CA PRO A 597 37.54 -29.51 -15.85
C PRO A 597 38.89 -28.90 -15.49
N TYR A 598 39.89 -29.07 -16.37
CA TYR A 598 41.22 -28.53 -16.09
C TYR A 598 41.15 -27.03 -15.80
N GLU A 599 40.61 -26.26 -16.74
CA GLU A 599 40.37 -24.83 -16.55
C GLU A 599 38.87 -24.68 -16.30
N PHE A 600 38.49 -24.74 -15.02
CA PHE A 600 37.08 -24.86 -14.67
C PHE A 600 36.38 -23.50 -14.67
N ASN A 601 37.06 -22.46 -14.18
CA ASN A 601 36.40 -21.16 -14.03
C ASN A 601 35.87 -20.61 -15.34
N PRO A 602 36.61 -20.64 -16.45
CA PRO A 602 36.06 -20.07 -17.70
C PRO A 602 34.78 -20.76 -18.16
N PHE A 603 34.82 -22.08 -18.29
CA PHE A 603 33.63 -22.81 -18.73
C PHE A 603 32.48 -22.62 -17.75
N SER A 604 32.77 -22.61 -16.45
CA SER A 604 31.72 -22.45 -15.46
C SER A 604 31.05 -21.09 -15.59
N VAL A 605 31.85 -20.02 -15.65
CA VAL A 605 31.30 -18.68 -15.74
C VAL A 605 30.55 -18.50 -17.05
N LEU A 606 31.06 -19.09 -18.14
CA LEU A 606 30.37 -18.99 -19.42
C LEU A 606 29.01 -19.65 -19.34
N CYS A 607 28.94 -20.87 -18.81
CA CYS A 607 27.65 -21.53 -18.66
C CYS A 607 26.72 -20.71 -17.77
N ARG A 608 27.28 -20.12 -16.70
CA ARG A 608 26.45 -19.35 -15.77
C ARG A 608 25.82 -18.16 -16.49
N VAL A 609 26.64 -17.36 -17.18
CA VAL A 609 26.12 -16.17 -17.86
C VAL A 609 25.16 -16.57 -18.98
N LEU A 610 25.45 -17.66 -19.69
CA LEU A 610 24.56 -18.09 -20.76
C LEU A 610 23.20 -18.51 -20.20
N ALA A 611 23.19 -19.29 -19.12
CA ALA A 611 21.94 -19.71 -18.52
C ALA A 611 21.19 -18.54 -17.91
N ALA A 612 21.91 -17.51 -17.48
CA ALA A 612 21.25 -16.34 -16.89
C ALA A 612 20.70 -15.41 -17.97
N ALA A 613 21.29 -15.41 -19.16
CA ALA A 613 20.89 -14.50 -20.23
C ALA A 613 19.90 -15.11 -21.21
N LEU A 614 19.91 -16.43 -21.39
CA LEU A 614 19.04 -17.08 -22.38
C LEU A 614 17.87 -17.78 -21.72
N ILE A 615 17.31 -17.21 -20.66
CA ILE A 615 16.16 -17.82 -20.00
C ILE A 615 14.91 -17.65 -20.86
N THR A 616 14.71 -16.46 -21.43
CA THR A 616 13.54 -16.19 -22.25
C THR A 616 13.77 -16.48 -23.72
N ASN A 617 15.02 -16.54 -24.17
CA ASN A 617 15.32 -16.82 -25.57
C ASN A 617 15.06 -18.28 -25.87
N LYS A 618 13.87 -18.57 -26.42
CA LYS A 618 13.51 -19.95 -26.73
C LYS A 618 14.33 -20.53 -27.87
N ASP A 619 14.93 -19.67 -28.71
CA ASP A 619 15.74 -20.16 -29.82
C ASP A 619 17.09 -20.69 -29.36
N LYS A 620 17.57 -20.26 -28.20
CA LYS A 620 18.84 -20.72 -27.64
C LYS A 620 18.69 -21.02 -26.16
N ALA A 621 17.59 -21.68 -25.79
CA ALA A 621 17.34 -22.02 -24.40
C ALA A 621 17.95 -23.36 -23.99
N ASP A 622 18.23 -24.24 -24.94
CA ASP A 622 18.79 -25.55 -24.66
C ASP A 622 20.27 -25.65 -25.03
N VAL A 623 20.95 -24.51 -25.13
CA VAL A 623 22.38 -24.53 -25.45
C VAL A 623 23.20 -24.89 -24.23
N VAL A 624 22.86 -24.33 -23.07
CA VAL A 624 23.58 -24.66 -21.84
C VAL A 624 23.32 -26.12 -21.46
N THR A 625 22.05 -26.55 -21.54
CA THR A 625 21.72 -27.94 -21.27
C THR A 625 22.48 -28.88 -22.20
N GLY A 626 22.54 -28.53 -23.49
CA GLY A 626 23.28 -29.36 -24.43
C GLY A 626 24.75 -29.44 -24.11
N TRP A 627 25.37 -28.29 -23.80
CA TRP A 627 26.79 -28.29 -23.48
C TRP A 627 27.08 -29.05 -22.19
N LEU A 628 26.15 -29.02 -21.24
CA LEU A 628 26.39 -29.68 -19.95
C LEU A 628 26.10 -31.18 -20.00
N TRP A 629 25.15 -31.61 -20.82
CA TRP A 629 24.77 -33.01 -20.89
C TRP A 629 25.47 -33.78 -22.00
N ARG A 630 26.00 -33.10 -23.00
CA ARG A 630 26.64 -33.73 -24.15
C ARG A 630 27.96 -33.04 -24.47
N THR A 631 28.78 -32.84 -23.44
CA THR A 631 30.08 -32.21 -23.63
C THR A 631 30.87 -32.97 -24.69
N PRO A 632 31.49 -32.28 -25.65
CA PRO A 632 32.15 -33.02 -26.74
C PRO A 632 33.46 -33.68 -26.33
N THR A 633 34.24 -33.06 -25.46
CA THR A 633 35.55 -33.57 -25.10
C THR A 633 35.77 -33.42 -23.60
N LEU A 634 36.83 -34.07 -23.12
CA LEU A 634 37.22 -34.02 -21.72
C LEU A 634 38.70 -33.65 -21.61
N THR A 635 39.05 -32.98 -20.52
CA THR A 635 40.43 -32.57 -20.29
C THR A 635 40.65 -32.45 -18.79
N VAL A 636 41.62 -33.19 -18.27
CA VAL A 636 41.95 -33.18 -16.85
C VAL A 636 43.43 -33.52 -16.70
N ASP A 637 44.00 -33.15 -15.55
CA ASP A 637 45.40 -33.42 -15.30
C ASP A 637 45.68 -34.92 -15.38
N TRP A 638 46.94 -35.24 -15.68
CA TRP A 638 47.35 -36.64 -15.82
C TRP A 638 47.94 -37.14 -14.51
N ASN A 639 47.56 -38.36 -14.14
CA ASN A 639 48.04 -38.97 -12.89
C ASN A 639 49.21 -39.89 -13.18
N PRO A 640 50.33 -39.76 -12.47
CA PRO A 640 51.46 -40.67 -12.75
C PRO A 640 51.10 -42.13 -12.67
N ALA A 641 50.09 -42.49 -11.87
CA ALA A 641 49.72 -43.89 -11.74
C ALA A 641 49.23 -44.47 -13.06
N TRP A 642 48.72 -43.63 -13.96
CA TRP A 642 48.21 -44.07 -15.25
C TRP A 642 49.30 -44.18 -16.32
N ASP A 643 50.58 -44.12 -15.94
CA ASP A 643 51.65 -44.21 -16.93
C ASP A 643 51.66 -45.59 -17.59
N ARG A 644 51.28 -46.62 -16.86
CA ARG A 644 51.20 -47.98 -17.39
C ARG A 644 49.83 -48.32 -17.96
N SER A 645 49.03 -47.31 -18.31
CA SER A 645 47.69 -47.51 -18.82
C SER A 645 47.46 -46.67 -20.07
N TYR A 646 48.48 -46.56 -20.93
CA TYR A 646 48.34 -45.85 -22.19
C TYR A 646 49.50 -46.23 -23.09
N GLU A 647 49.33 -45.97 -24.39
CA GLU A 647 50.36 -46.23 -25.37
C GLU A 647 50.23 -45.21 -26.50
N LEU A 648 51.36 -44.66 -26.93
CA LEU A 648 51.37 -43.67 -27.99
C LEU A 648 51.18 -44.37 -29.34
N CYS A 649 50.25 -43.84 -30.14
CA CYS A 649 49.98 -44.40 -31.46
C CYS A 649 51.00 -43.97 -32.51
N PHE A 650 51.88 -43.02 -32.17
CA PHE A 650 52.92 -42.55 -33.09
C PHE A 650 52.32 -42.02 -34.39
N GLU A 651 51.09 -41.49 -34.31
CA GLU A 651 50.45 -40.92 -35.49
C GLU A 651 51.02 -39.54 -35.82
N ASP A 652 50.93 -38.61 -34.88
CA ASP A 652 51.48 -37.26 -35.04
C ASP A 652 52.19 -36.88 -33.75
N GLU A 653 53.49 -36.61 -33.85
CA GLU A 653 54.25 -36.25 -32.66
C GLU A 653 53.90 -34.85 -32.18
N ASN A 654 53.52 -33.95 -33.08
CA ASN A 654 53.13 -32.61 -32.67
C ASN A 654 51.80 -32.62 -31.93
N THR A 655 50.85 -33.44 -32.39
CA THR A 655 49.58 -33.59 -31.69
C THR A 655 49.72 -34.45 -30.44
N ASN A 656 50.66 -35.40 -30.43
CA ASN A 656 50.89 -36.27 -29.28
C ASN A 656 49.63 -37.09 -28.97
N SER A 657 49.12 -37.76 -29.99
CA SER A 657 47.95 -38.61 -29.82
C SER A 657 48.34 -39.96 -29.22
N PHE A 658 47.33 -40.65 -28.69
CA PHE A 658 47.55 -41.94 -28.06
C PHE A 658 46.23 -42.69 -28.00
N ARG A 659 46.30 -43.95 -27.57
CA ARG A 659 45.12 -44.81 -27.44
C ARG A 659 45.24 -45.61 -26.16
N LEU A 660 44.12 -45.71 -25.44
CA LEU A 660 44.11 -46.46 -24.19
C LEU A 660 44.22 -47.96 -24.48
N THR A 661 45.13 -48.63 -23.77
CA THR A 661 45.34 -50.05 -23.93
C THR A 661 44.65 -50.90 -22.88
N ARG A 662 44.50 -50.38 -21.66
CA ARG A 662 43.77 -51.05 -20.60
C ARG A 662 42.37 -50.45 -20.47
N ASP A 663 41.48 -51.22 -19.84
CA ASP A 663 40.10 -50.80 -19.63
C ASP A 663 40.06 -49.94 -18.37
N VAL A 664 40.34 -48.65 -18.54
CA VAL A 664 40.41 -47.74 -17.39
C VAL A 664 39.05 -47.66 -16.73
N ASP A 665 39.04 -47.83 -15.40
CA ASP A 665 37.83 -47.72 -14.60
C ASP A 665 38.00 -46.55 -13.65
N LEU A 666 37.29 -45.46 -13.92
CA LEU A 666 37.37 -44.27 -13.09
C LEU A 666 36.52 -44.42 -11.83
N PHE A 667 36.99 -43.81 -10.74
CA PHE A 667 36.30 -43.84 -9.46
C PHE A 667 36.11 -45.26 -8.95
N GLY A 668 37.07 -46.14 -9.26
CA GLY A 668 37.00 -47.52 -8.84
C GLY A 668 37.27 -47.70 -7.36
N GLU A 682 25.23 -48.17 -11.55
CA GLU A 682 25.99 -47.51 -12.61
C GLU A 682 27.09 -46.63 -12.03
N ARG A 683 28.28 -46.73 -12.59
CA ARG A 683 29.36 -45.79 -12.32
C ARG A 683 29.98 -45.34 -13.64
N PHE A 684 30.66 -44.19 -13.59
CA PHE A 684 31.28 -43.61 -14.78
C PHE A 684 32.39 -44.53 -15.28
N ILE A 685 32.17 -45.17 -16.43
CA ILE A 685 33.16 -46.01 -17.09
C ILE A 685 33.43 -45.47 -18.48
N ILE A 686 34.70 -45.40 -18.85
CA ILE A 686 35.13 -44.96 -20.17
C ILE A 686 35.46 -46.20 -21.00
N PRO A 687 34.98 -46.29 -22.24
CA PRO A 687 35.31 -47.46 -23.07
C PRO A 687 36.75 -47.43 -23.53
N GLU A 688 37.31 -48.62 -23.73
CA GLU A 688 38.68 -48.75 -24.20
C GLU A 688 38.75 -48.44 -25.70
N GLY A 689 39.80 -47.72 -26.09
CA GLY A 689 40.00 -47.32 -27.47
C GLY A 689 39.73 -45.86 -27.76
N THR A 690 39.62 -45.01 -26.73
CA THR A 690 39.31 -43.61 -26.92
C THR A 690 40.56 -42.83 -27.30
N LEU A 691 40.40 -41.91 -28.24
CA LEU A 691 41.51 -41.07 -28.69
C LEU A 691 41.69 -39.90 -27.73
N GLY A 692 42.89 -39.32 -27.75
CA GLY A 692 43.19 -38.18 -26.91
C GLY A 692 44.35 -37.37 -27.44
N ARG A 693 44.43 -36.14 -26.98
CA ARG A 693 45.48 -35.20 -27.36
C ARG A 693 46.12 -34.64 -26.11
N PHE A 694 47.46 -34.63 -26.09
CA PHE A 694 48.21 -34.10 -24.95
C PHE A 694 48.43 -32.60 -25.20
N VAL A 695 47.71 -31.77 -24.46
CA VAL A 695 47.78 -30.32 -24.65
C VAL A 695 49.10 -29.73 -24.18
N THR A 696 49.90 -30.47 -23.42
CA THR A 696 51.18 -30.00 -22.88
C THR A 696 51.11 -28.53 -22.47
N THR A 701 48.25 -32.80 -18.39
CA THR A 701 46.86 -32.87 -18.81
C THR A 701 46.77 -33.24 -20.29
N ALA A 702 45.61 -33.74 -20.71
CA ALA A 702 45.40 -34.15 -22.09
C ALA A 702 43.92 -34.14 -22.41
N ARG A 703 43.60 -33.87 -23.67
CA ARG A 703 42.22 -33.84 -24.14
C ARG A 703 41.77 -35.25 -24.51
N LEU A 704 40.49 -35.52 -24.29
CA LEU A 704 39.87 -36.78 -24.67
C LEU A 704 38.65 -36.49 -25.53
N GLU A 705 38.60 -37.10 -26.72
CA GLU A 705 37.46 -36.93 -27.63
C GLU A 705 36.43 -38.03 -27.37
N PHE A 706 35.74 -37.90 -26.24
CA PHE A 706 34.73 -38.85 -25.82
C PHE A 706 33.46 -38.11 -25.43
N GLU A 707 32.32 -38.60 -25.92
CA GLU A 707 31.04 -37.99 -25.63
C GLU A 707 30.54 -38.45 -24.27
N HIS A 708 30.14 -37.50 -23.43
CA HIS A 708 29.67 -37.83 -22.09
C HIS A 708 28.86 -36.64 -21.55
N SER A 709 28.25 -36.86 -20.39
CA SER A 709 27.51 -35.82 -19.68
C SER A 709 28.41 -35.25 -18.59
N ALA A 710 28.88 -34.02 -18.77
CA ALA A 710 29.76 -33.41 -17.78
C ALA A 710 29.07 -33.24 -16.44
N LEU A 711 27.74 -33.13 -16.44
CA LEU A 711 27.01 -32.93 -15.19
C LEU A 711 27.18 -34.14 -14.26
N ALA A 712 27.05 -35.34 -14.81
CA ALA A 712 27.18 -36.55 -13.99
C ALA A 712 28.61 -36.68 -13.44
N LEU A 713 29.60 -36.41 -14.28
CA LEU A 713 30.98 -36.51 -13.82
C LEU A 713 31.27 -35.48 -12.74
N LEU A 714 30.73 -34.26 -12.91
CA LEU A 714 30.92 -33.23 -11.88
C LEU A 714 30.26 -33.63 -10.58
N GLY A 715 29.06 -34.21 -10.65
CA GLY A 715 28.41 -34.69 -9.44
C GLY A 715 29.19 -35.80 -8.76
N LYS A 716 29.77 -36.70 -9.55
CA LYS A 716 30.59 -37.77 -8.98
C LYS A 716 31.83 -37.21 -8.30
N ARG A 717 32.48 -36.22 -8.94
CA ARG A 717 33.65 -35.59 -8.32
C ARG A 717 33.26 -34.89 -7.03
N LEU A 718 32.12 -34.19 -7.03
CA LEU A 718 31.66 -33.54 -5.81
C LEU A 718 31.41 -34.56 -4.71
N GLU A 719 30.81 -35.71 -5.06
CA GLU A 719 30.56 -36.75 -4.06
C GLU A 719 31.87 -37.29 -3.50
N VAL A 720 32.85 -37.53 -4.37
CA VAL A 720 34.13 -38.07 -3.92
C VAL A 720 34.84 -37.06 -3.01
N LYS A 721 34.73 -35.77 -3.32
CA LYS A 721 35.37 -34.76 -2.49
C LYS A 721 34.64 -34.59 -1.16
N ALA A 722 33.31 -34.75 -1.17
CA ALA A 722 32.54 -34.62 0.06
C ALA A 722 32.75 -35.80 0.98
N ALA A 723 32.97 -37.00 0.43
CA ALA A 723 33.21 -38.17 1.24
C ALA A 723 34.59 -38.19 1.88
N GLU A 724 35.42 -37.17 1.63
CA GLU A 724 36.78 -37.10 2.19
C GLU A 724 37.60 -38.33 1.80
N GLU A 725 37.25 -38.96 0.68
CA GLU A 725 38.00 -40.10 0.16
C GLU A 725 38.83 -39.66 -1.05
N ILE A 726 40.05 -40.20 -1.13
CA ILE A 726 40.99 -39.86 -2.19
C ILE A 726 41.40 -41.14 -2.89
N CYS A 727 41.58 -41.06 -4.20
CA CYS A 727 41.97 -42.20 -5.02
C CYS A 727 43.29 -41.89 -5.72
N ASP A 728 44.32 -42.67 -5.40
CA ASP A 728 45.62 -42.48 -6.04
C ASP A 728 45.57 -42.88 -7.50
N SER A 729 44.80 -43.93 -7.82
CA SER A 729 44.65 -44.40 -9.19
C SER A 729 43.57 -43.65 -9.96
N GLY A 730 42.96 -42.64 -9.35
CA GLY A 730 41.93 -41.85 -9.99
C GLY A 730 42.37 -40.41 -10.24
N MET A 731 41.47 -39.68 -10.88
CA MET A 731 41.74 -38.28 -11.20
C MET A 731 41.90 -37.47 -9.92
N ALA A 732 42.54 -36.31 -10.04
CA ALA A 732 42.76 -35.45 -8.90
C ALA A 732 41.45 -34.81 -8.45
N PRO A 733 41.31 -34.51 -7.16
CA PRO A 733 40.07 -33.91 -6.66
C PRO A 733 39.97 -32.43 -7.03
N LEU A 734 38.74 -31.94 -7.03
CA LEU A 734 38.50 -30.54 -7.31
C LEU A 734 39.05 -29.66 -6.19
N ASP A 735 39.48 -28.46 -6.56
CA ASP A 735 39.99 -27.51 -5.58
C ASP A 735 38.82 -26.83 -4.86
N VAL A 736 39.15 -26.18 -3.75
CA VAL A 736 38.12 -25.49 -2.96
C VAL A 736 37.40 -24.45 -3.82
N ASP A 737 38.16 -23.54 -4.42
CA ASP A 737 37.56 -22.55 -5.30
C ASP A 737 36.87 -23.21 -6.49
N GLU A 738 37.48 -24.27 -7.02
CA GLU A 738 36.85 -24.98 -8.13
C GLU A 738 35.51 -25.58 -7.71
N GLN A 739 35.46 -26.19 -6.52
CA GLN A 739 34.20 -26.74 -6.03
C GLN A 739 33.16 -25.63 -5.83
N ALA A 740 33.58 -24.50 -5.27
CA ALA A 740 32.65 -23.39 -5.06
C ALA A 740 32.08 -22.92 -6.38
N GLU A 741 32.93 -22.73 -7.39
CA GLU A 741 32.45 -22.26 -8.69
C GLU A 741 31.55 -23.31 -9.34
N ALA A 742 31.89 -24.60 -9.16
CA ALA A 742 31.05 -25.67 -9.70
C ALA A 742 29.65 -25.62 -9.11
N VAL A 743 29.57 -25.54 -7.79
CA VAL A 743 28.27 -25.52 -7.13
C VAL A 743 27.52 -24.24 -7.50
N ALA A 744 28.23 -23.13 -7.69
CA ALA A 744 27.58 -21.88 -8.05
C ALA A 744 26.95 -21.99 -9.44
N MET A 745 27.70 -22.51 -10.41
CA MET A 745 27.15 -22.66 -11.75
C MET A 745 26.00 -23.67 -11.76
N LEU A 746 26.11 -24.72 -10.96
CA LEU A 746 25.00 -25.67 -10.86
C LEU A 746 23.75 -25.00 -10.33
N ALA A 747 23.91 -24.19 -9.28
CA ALA A 747 22.76 -23.48 -8.71
C ALA A 747 22.15 -22.53 -9.71
N THR A 748 22.99 -21.79 -10.46
CA THR A 748 22.46 -20.85 -11.43
C THR A 748 21.73 -21.57 -12.55
N VAL A 749 22.27 -22.68 -13.04
CA VAL A 749 21.61 -23.43 -14.10
C VAL A 749 20.28 -23.99 -13.61
N LEU A 750 20.27 -24.50 -12.36
CA LEU A 750 19.03 -25.03 -11.82
C LEU A 750 17.97 -23.95 -11.66
N ARG A 751 18.38 -22.76 -11.20
CA ARG A 751 17.45 -21.65 -11.09
C ARG A 751 16.91 -21.24 -12.45
N ALA A 752 17.78 -21.17 -13.46
CA ALA A 752 17.32 -20.84 -14.81
C ALA A 752 16.33 -21.87 -15.31
N GLU A 753 16.59 -23.16 -15.07
CA GLU A 753 15.67 -24.20 -15.48
C GLU A 753 14.32 -24.05 -14.79
N SER A 754 14.35 -23.80 -13.48
CA SER A 754 13.10 -23.65 -12.73
C SER A 754 12.32 -22.42 -13.20
N LEU A 755 13.02 -21.36 -13.61
CA LEU A 755 12.35 -20.15 -14.04
C LEU A 755 11.77 -20.31 -15.45
N LYS A 756 12.47 -21.04 -16.33
CA LYS A 756 11.97 -21.24 -17.68
C LYS A 756 10.91 -22.33 -17.76
N SER A 757 10.87 -23.24 -16.79
CA SER A 757 9.83 -24.28 -16.80
C SER A 757 8.47 -23.70 -16.49
N THR A 758 8.39 -22.76 -15.54
CA THR A 758 7.11 -22.16 -15.19
C THR A 758 6.55 -21.36 -16.36
N ALA A 759 7.41 -20.69 -17.12
CA ALA A 759 6.96 -19.90 -18.25
C ALA A 759 6.27 -20.79 -19.27
N LYS A 760 5.29 -20.22 -19.97
CA LYS A 760 4.55 -20.97 -20.98
C LYS A 760 5.48 -21.40 -22.11
N GLY A 761 5.23 -22.60 -22.64
CA GLY A 761 6.01 -23.14 -23.73
C GLY A 761 7.18 -24.02 -23.31
N GLY A 762 7.51 -24.07 -22.03
CA GLY A 762 8.61 -24.88 -21.54
C GLY A 762 8.15 -26.27 -21.14
N ASP A 763 9.06 -26.98 -20.47
CA ASP A 763 8.80 -28.33 -19.99
C ASP A 763 8.88 -28.35 -18.46
N PRO A 764 7.81 -28.72 -17.76
CA PRO A 764 7.87 -28.71 -16.29
C PRO A 764 8.82 -29.74 -15.69
N GLU A 765 9.37 -30.65 -16.49
CA GLU A 765 10.30 -31.66 -16.02
C GLU A 765 11.76 -31.25 -16.19
N ALA A 766 12.02 -30.00 -16.57
CA ALA A 766 13.41 -29.58 -16.76
C ALA A 766 14.22 -29.66 -15.47
N PRO A 767 13.82 -29.05 -14.35
CA PRO A 767 14.66 -29.15 -13.15
C PRO A 767 14.74 -30.57 -12.61
N LEU A 768 13.65 -31.33 -12.67
CA LEU A 768 13.67 -32.70 -12.21
C LEU A 768 14.63 -33.53 -13.05
N LYS A 769 14.58 -33.38 -14.37
CA LYS A 769 15.49 -34.10 -15.25
C LYS A 769 16.94 -33.69 -14.98
N PHE A 770 17.17 -32.39 -14.75
CA PHE A 770 18.52 -31.93 -14.45
C PHE A 770 19.05 -32.55 -13.17
N LEU A 771 18.23 -32.59 -12.13
CA LEU A 771 18.65 -33.21 -10.87
C LEU A 771 18.88 -34.71 -11.05
N LYS A 772 18.03 -35.38 -11.84
CA LYS A 772 18.21 -36.80 -12.07
C LYS A 772 19.52 -37.08 -12.80
N GLU A 773 19.86 -36.23 -13.77
CA GLU A 773 21.12 -36.39 -14.48
C GLU A 773 22.31 -36.09 -13.57
N ALA A 774 22.17 -35.10 -12.68
CA ALA A 774 23.25 -34.79 -11.76
C ALA A 774 23.47 -35.92 -10.76
N SER A 775 22.39 -36.58 -10.34
CA SER A 775 22.48 -37.73 -9.44
C SER A 775 22.60 -39.06 -10.19
N ARG A 776 22.97 -39.03 -11.46
CA ARG A 776 23.12 -40.25 -12.22
C ARG A 776 24.48 -40.89 -11.95
N LEU A 777 24.57 -42.19 -12.23
CA LEU A 777 25.79 -42.97 -12.02
C LEU A 777 26.41 -42.70 -10.65
N LEU A 778 25.55 -42.46 -9.66
CA LEU A 778 25.99 -42.26 -8.27
C LEU A 778 25.41 -43.36 -7.40
N PRO A 779 25.88 -43.51 -6.17
CA PRO A 779 25.31 -44.54 -5.29
C PRO A 779 23.82 -44.31 -5.09
N HIS A 780 23.06 -45.42 -5.09
CA HIS A 780 21.61 -45.32 -4.98
C HIS A 780 21.19 -44.71 -3.65
N ASN A 781 22.01 -44.84 -2.62
CA ASN A 781 21.68 -44.33 -1.29
C ASN A 781 21.95 -42.84 -1.12
N LYS A 782 22.26 -42.12 -2.20
CA LYS A 782 22.55 -40.70 -2.10
C LYS A 782 22.44 -40.06 -3.48
N ASP A 783 22.19 -38.76 -3.47
CA ASP A 783 22.06 -37.96 -4.69
C ASP A 783 22.89 -36.70 -4.53
N ILE A 784 22.82 -35.83 -5.54
CA ILE A 784 23.57 -34.57 -5.51
C ILE A 784 23.21 -33.77 -4.26
N LEU A 785 21.93 -33.79 -3.87
CA LEU A 785 21.52 -33.13 -2.64
C LEU A 785 22.23 -33.74 -1.44
N THR A 786 22.32 -35.07 -1.39
CA THR A 786 23.06 -35.72 -0.33
C THR A 786 24.55 -35.38 -0.41
N VAL A 787 25.08 -35.20 -1.61
CA VAL A 787 26.47 -34.78 -1.76
C VAL A 787 26.68 -33.41 -1.11
N ILE A 788 25.77 -32.48 -1.37
CA ILE A 788 25.87 -31.16 -0.76
C ILE A 788 25.71 -31.25 0.75
N SER A 789 24.84 -32.15 1.21
CA SER A 789 24.65 -32.34 2.64
C SER A 789 25.95 -32.83 3.29
N ASP A 790 26.61 -33.80 2.66
CA ASP A 790 27.87 -34.30 3.19
C ASP A 790 28.95 -33.23 3.15
N THR A 791 28.96 -32.42 2.09
CA THR A 791 29.92 -31.32 2.01
C THR A 791 29.73 -30.36 3.17
N ILE A 792 28.48 -29.97 3.44
CA ILE A 792 28.20 -29.08 4.56
C ILE A 792 28.62 -29.73 5.87
N ASP A 793 28.29 -31.01 6.06
CA ASP A 793 28.60 -31.67 7.32
C ASP A 793 30.11 -31.78 7.54
N GLY A 794 30.88 -31.91 6.46
CA GLY A 794 32.32 -32.00 6.57
C GLY A 794 32.99 -30.66 6.78
N LEU A 795 32.51 -29.62 6.08
CA LEU A 795 33.08 -28.29 6.20
C LEU A 795 32.60 -27.54 7.43
N VAL A 796 31.52 -28.00 8.09
CA VAL A 796 30.98 -27.32 9.25
C VAL A 796 31.52 -27.91 10.56
N GLU A 797 32.45 -28.86 10.48
CA GLU A 797 32.98 -29.47 11.70
C GLU A 797 33.74 -28.45 12.54
N LYS A 798 34.61 -27.67 11.91
CA LYS A 798 35.38 -26.66 12.61
C LYS A 798 34.55 -25.38 12.76
N GLU A 799 35.02 -24.50 13.64
CA GLU A 799 34.33 -23.23 13.86
C GLU A 799 34.34 -22.40 12.59
N LEU A 800 33.22 -21.70 12.34
CA LEU A 800 33.12 -20.86 11.16
C LEU A 800 34.24 -19.82 11.11
N LEU A 801 34.67 -19.34 12.28
CA LEU A 801 35.76 -18.35 12.30
C LEU A 801 37.06 -18.97 11.82
N GLU A 802 37.27 -20.26 12.07
CA GLU A 802 38.49 -20.96 11.66
C GLU A 802 38.29 -21.60 10.28
N LEU A 803 37.96 -20.75 9.31
CA LEU A 803 37.77 -21.17 7.93
C LEU A 803 38.43 -20.16 7.01
N ASP A 804 39.13 -20.66 5.99
CA ASP A 804 39.76 -19.79 5.02
C ASP A 804 38.75 -19.31 3.99
N GLY A 805 39.18 -18.32 3.20
CA GLY A 805 38.35 -17.71 2.19
C GLY A 805 37.65 -18.72 1.31
N PRO A 806 38.42 -19.53 0.59
CA PRO A 806 37.81 -20.48 -0.35
C PRO A 806 36.80 -21.41 0.30
N GLN A 807 37.01 -21.81 1.56
CA GLN A 807 36.00 -22.64 2.21
C GLN A 807 34.71 -21.86 2.44
N ILE A 808 34.83 -20.54 2.58
CA ILE A 808 33.63 -19.72 2.76
C ILE A 808 32.94 -19.54 1.42
N ALA A 809 33.71 -19.47 0.32
CA ALA A 809 33.09 -19.43 -0.99
C ALA A 809 32.36 -20.74 -1.29
N VAL A 810 32.95 -21.86 -0.86
CA VAL A 810 32.27 -23.15 -1.03
C VAL A 810 30.98 -23.19 -0.23
N LEU A 811 31.01 -22.71 1.02
CA LEU A 811 29.79 -22.70 1.82
C LEU A 811 28.73 -21.79 1.19
N ALA A 812 29.15 -20.64 0.68
CA ALA A 812 28.20 -19.77 0.00
C ALA A 812 27.58 -20.46 -1.21
N SER A 813 28.41 -21.14 -2.00
CA SER A 813 27.89 -21.80 -3.19
C SER A 813 26.96 -22.97 -2.84
N CYS A 814 27.28 -23.72 -1.78
CA CYS A 814 26.38 -24.81 -1.40
C CYS A 814 25.05 -24.26 -0.90
N LEU A 815 25.08 -23.15 -0.16
CA LEU A 815 23.82 -22.52 0.25
C LEU A 815 23.04 -22.05 -0.97
N GLN A 816 23.73 -21.51 -1.97
CA GLN A 816 23.07 -21.11 -3.20
C GLN A 816 22.43 -22.29 -3.91
N PHE A 817 23.12 -23.44 -3.91
CA PHE A 817 22.56 -24.64 -4.54
C PHE A 817 21.34 -25.14 -3.77
N LEU A 818 21.39 -25.07 -2.45
CA LEU A 818 20.20 -25.41 -1.66
C LEU A 818 19.04 -24.48 -2.00
N HIS A 819 19.32 -23.18 -2.14
CA HIS A 819 18.29 -22.25 -2.56
C HIS A 819 17.71 -22.62 -3.91
N ALA A 820 18.57 -22.98 -4.86
CA ALA A 820 18.11 -23.34 -6.20
C ALA A 820 17.22 -24.58 -6.15
N ALA A 821 17.66 -25.61 -5.40
CA ALA A 821 16.89 -26.85 -5.32
C ALA A 821 15.65 -26.72 -4.45
N LEU A 822 15.52 -25.64 -3.69
CA LEU A 822 14.34 -25.45 -2.86
C LEU A 822 13.06 -25.42 -3.69
N ALA A 823 13.14 -24.94 -4.93
CA ALA A 823 11.94 -24.80 -5.75
C ALA A 823 11.43 -26.15 -6.24
N VAL A 824 12.30 -26.93 -6.88
CA VAL A 824 11.85 -28.20 -7.47
C VAL A 824 11.78 -29.35 -6.48
N CYS A 825 12.49 -29.30 -5.35
CA CYS A 825 12.47 -30.38 -4.36
C CYS A 825 12.39 -29.82 -2.95
N PRO A 826 11.29 -29.16 -2.60
CA PRO A 826 11.22 -28.56 -1.25
C PRO A 826 11.29 -29.58 -0.14
N GLY A 827 10.76 -30.79 -0.37
CA GLY A 827 10.70 -31.78 0.69
C GLY A 827 12.06 -32.13 1.26
N ARG A 828 13.00 -32.50 0.39
CA ARG A 828 14.33 -32.89 0.85
C ARG A 828 15.07 -31.70 1.45
N VAL A 829 14.88 -30.52 0.88
CA VAL A 829 15.54 -29.33 1.42
C VAL A 829 15.09 -29.09 2.85
N TRP A 830 13.78 -29.18 3.10
CA TRP A 830 13.29 -28.99 4.46
C TRP A 830 13.74 -30.11 5.38
N ALA A 831 13.75 -31.36 4.88
CA ALA A 831 14.19 -32.48 5.69
C ALA A 831 15.64 -32.31 6.13
N TYR A 832 16.48 -31.75 5.25
CA TYR A 832 17.86 -31.51 5.61
C TYR A 832 18.02 -30.31 6.53
N MET A 833 17.28 -29.22 6.25
CA MET A 833 17.36 -28.05 7.12
C MET A 833 16.91 -28.38 8.53
N SER A 834 16.03 -29.37 8.68
CA SER A 834 15.62 -29.81 10.01
C SER A 834 16.79 -30.36 10.82
N ARG A 835 17.84 -30.83 10.15
CA ARG A 835 19.01 -31.40 10.81
C ARG A 835 20.31 -30.83 10.24
N CYS A 836 20.24 -29.62 9.68
CA CYS A 836 21.44 -29.01 9.11
C CYS A 836 22.51 -28.75 10.15
N ALA A 837 22.13 -28.61 11.42
CA ALA A 837 23.07 -28.38 12.52
C ALA A 837 23.83 -27.07 12.35
N LEU A 838 23.31 -26.14 11.54
CA LEU A 838 23.95 -24.85 11.31
C LEU A 838 23.12 -23.67 11.80
N ILE A 839 21.89 -23.88 12.21
CA ILE A 839 21.06 -22.84 12.82
C ILE A 839 20.40 -23.44 14.07
N ALA A 840 20.89 -23.03 15.24
CA ALA A 840 20.38 -23.49 16.52
C ALA A 840 20.01 -24.98 16.49
N GLY A 841 20.81 -25.79 15.80
CA GLY A 841 20.50 -27.20 15.65
C GLY A 841 20.88 -28.02 16.86
N ASP A 842 22.17 -28.05 17.18
CA ASP A 842 22.69 -28.80 18.31
C ASP A 842 23.78 -27.99 18.99
N ALA A 843 24.37 -28.56 20.02
CA ALA A 843 25.43 -27.92 20.79
C ALA A 843 26.83 -28.17 20.23
N ARG A 844 26.93 -28.68 19.01
CA ARG A 844 28.23 -28.94 18.41
C ARG A 844 28.77 -27.66 17.77
N PRO A 845 30.09 -27.49 17.71
CA PRO A 845 30.63 -26.27 17.08
C PRO A 845 30.40 -26.27 15.58
N GLY A 846 30.00 -25.11 15.07
CA GLY A 846 29.70 -24.94 13.66
C GLY A 846 28.43 -24.14 13.42
N ARG A 847 27.81 -23.69 14.51
CA ARG A 847 26.58 -22.92 14.39
C ARG A 847 26.82 -21.62 13.63
N LEU A 848 25.75 -21.12 13.00
CA LEU A 848 25.84 -19.88 12.23
C LEU A 848 25.83 -18.63 13.11
N SER A 849 25.41 -18.76 14.37
CA SER A 849 25.34 -17.61 15.26
C SER A 849 26.69 -17.27 15.90
N ARG A 850 27.70 -18.13 15.75
CA ARG A 850 29.02 -17.89 16.33
C ARG A 850 29.92 -17.07 15.42
N ILE A 851 29.43 -16.61 14.27
CA ILE A 851 30.24 -15.80 13.36
C ILE A 851 29.99 -14.32 13.62
N THR A 852 29.39 -14.01 14.77
CA THR A 852 29.09 -12.63 15.13
C THR A 852 30.33 -11.98 15.75
N GLY A 853 30.16 -10.80 16.32
CA GLY A 853 31.24 -10.08 16.95
C GLY A 853 31.75 -8.94 16.09
N SER A 854 32.88 -8.38 16.53
CA SER A 854 33.52 -7.26 15.84
C SER A 854 34.55 -7.79 14.85
N LEU A 855 34.04 -8.39 13.78
CA LEU A 855 34.87 -9.00 12.75
C LEU A 855 34.82 -8.14 11.49
N ASP A 856 35.57 -8.56 10.47
CA ASP A 856 35.65 -7.88 9.19
C ASP A 856 35.01 -8.78 8.13
N MET A 857 33.88 -8.35 7.59
CA MET A 857 33.14 -9.12 6.59
C MET A 857 33.52 -8.60 5.20
N TYR A 858 34.66 -9.08 4.71
CA TYR A 858 35.13 -8.73 3.38
C TYR A 858 34.33 -9.50 2.34
N ALA A 859 34.71 -9.37 1.07
CA ALA A 859 34.00 -10.08 0.00
C ALA A 859 34.04 -11.58 0.21
N GLU A 860 35.13 -12.11 0.77
CA GLU A 860 35.22 -13.53 1.03
C GLU A 860 34.24 -13.97 2.12
N ARG A 861 34.09 -13.16 3.17
CA ARG A 861 33.20 -13.48 4.28
C ARG A 861 31.80 -12.91 4.11
N PHE A 862 31.60 -11.99 3.18
CA PHE A 862 30.28 -11.41 2.94
C PHE A 862 29.45 -12.24 1.96
N ASP A 863 30.10 -12.92 1.01
CA ASP A 863 29.36 -13.75 0.07
C ASP A 863 28.65 -14.91 0.75
N LEU A 864 29.03 -15.23 1.99
CA LEU A 864 28.38 -16.31 2.72
C LEU A 864 27.06 -15.84 3.33
N LEU A 865 27.10 -14.76 4.10
CA LEU A 865 25.88 -14.28 4.77
C LEU A 865 24.90 -13.70 3.77
N SER A 866 25.38 -12.99 2.76
CA SER A 866 24.49 -12.42 1.76
C SER A 866 23.70 -13.50 1.04
N SER A 867 24.26 -14.71 0.95
CA SER A 867 23.56 -15.84 0.35
C SER A 867 22.70 -16.59 1.36
N ALA A 868 23.17 -16.69 2.61
CA ALA A 868 22.41 -17.39 3.63
C ALA A 868 21.11 -16.67 3.94
N VAL A 869 21.14 -15.34 4.02
CA VAL A 869 19.93 -14.57 4.31
C VAL A 869 18.91 -14.77 3.20
N LYS A 870 19.35 -14.74 1.95
CA LYS A 870 18.43 -14.94 0.83
C LYS A 870 17.90 -16.38 0.80
N LEU A 871 18.74 -17.35 1.14
CA LEU A 871 18.27 -18.73 1.26
C LEU A 871 17.19 -18.83 2.33
N PHE A 872 17.38 -18.17 3.47
CA PHE A 872 16.36 -18.19 4.52
C PHE A 872 15.08 -17.53 4.04
N ALA A 873 15.20 -16.41 3.32
CA ALA A 873 14.02 -15.73 2.80
C ALA A 873 13.26 -16.64 1.84
N ALA A 874 13.97 -17.33 0.97
CA ALA A 874 13.32 -18.25 0.04
C ALA A 874 12.66 -19.41 0.78
N LEU A 875 13.32 -19.92 1.83
CA LEU A 875 12.72 -20.97 2.63
C LEU A 875 11.42 -20.51 3.26
N ILE A 876 11.41 -19.29 3.81
CA ILE A 876 10.18 -18.77 4.42
C ILE A 876 9.10 -18.57 3.37
N ASP A 877 9.49 -18.07 2.19
CA ASP A 877 8.50 -17.89 1.13
C ASP A 877 7.89 -19.22 0.71
N SER A 878 8.73 -20.27 0.60
CA SER A 878 8.22 -21.57 0.23
C SER A 878 7.31 -22.14 1.32
N ALA A 879 7.66 -21.93 2.59
CA ALA A 879 6.83 -22.42 3.68
C ALA A 879 5.50 -21.67 3.73
N ALA A 880 5.49 -20.40 3.29
CA ALA A 880 4.25 -19.62 3.30
C ALA A 880 3.16 -20.32 2.49
N CYS A 881 3.53 -21.10 1.49
CA CYS A 881 2.56 -21.83 0.66
C CYS A 881 2.22 -23.15 1.36
N SER A 882 1.35 -23.05 2.36
CA SER A 882 0.91 -24.20 3.14
C SER A 882 -0.42 -24.76 2.66
N ALA A 883 -0.71 -24.63 1.37
CA ALA A 883 -1.97 -25.11 0.79
C ALA A 883 -1.75 -26.22 -0.24
N VAL A 884 -0.56 -26.81 -0.28
CA VAL A 884 -0.28 -27.87 -1.24
C VAL A 884 -0.56 -29.23 -0.58
N PRO A 903 6.34 -33.83 -4.24
CA PRO A 903 6.66 -32.40 -4.09
C PRO A 903 7.06 -32.04 -2.66
N TRP A 904 6.30 -32.54 -1.67
CA TRP A 904 6.57 -32.28 -0.27
C TRP A 904 6.70 -33.56 0.53
N LEU A 905 7.06 -34.67 -0.12
CA LEU A 905 7.21 -35.94 0.57
C LEU A 905 8.40 -35.88 1.52
N GLY A 906 8.15 -36.16 2.79
CA GLY A 906 9.19 -36.16 3.80
C GLY A 906 9.21 -34.94 4.70
N THR A 907 8.07 -34.30 4.93
CA THR A 907 8.00 -33.11 5.78
C THR A 907 6.77 -33.22 6.67
N SER A 908 6.62 -32.25 7.57
CA SER A 908 5.49 -32.22 8.49
C SER A 908 5.41 -30.83 9.10
N GLU A 909 4.25 -30.54 9.71
CA GLU A 909 4.03 -29.22 10.29
C GLU A 909 5.07 -28.91 11.37
N LYS A 910 5.36 -29.87 12.24
CA LYS A 910 6.30 -29.64 13.32
C LYS A 910 7.70 -29.37 12.78
N ILE A 911 8.12 -30.12 11.77
CA ILE A 911 9.45 -29.93 11.20
C ILE A 911 9.59 -28.54 10.60
N LEU A 912 8.60 -28.13 9.80
CA LEU A 912 8.65 -26.80 9.20
C LEU A 912 8.62 -25.72 10.27
N SER A 913 7.81 -25.92 11.32
CA SER A 913 7.74 -24.93 12.39
C SER A 913 9.08 -24.78 13.08
N ARG A 914 9.74 -25.90 13.39
CA ARG A 914 11.04 -25.84 14.06
C ARG A 914 12.09 -25.18 13.15
N VAL A 915 12.08 -25.53 11.86
CA VAL A 915 13.03 -24.93 10.94
C VAL A 915 12.80 -23.42 10.84
N ALA A 916 11.53 -23.01 10.80
CA ALA A 916 11.23 -21.59 10.72
C ALA A 916 11.65 -20.86 11.98
N LEU A 917 11.46 -21.48 13.15
CA LEU A 917 11.89 -20.86 14.39
C LEU A 917 13.40 -20.70 14.42
N ALA A 918 14.13 -21.74 14.01
CA ALA A 918 15.59 -21.64 13.97
C ALA A 918 16.04 -20.57 12.99
N ILE A 919 15.39 -20.49 11.83
CA ILE A 919 15.73 -19.49 10.84
C ILE A 919 15.49 -18.09 11.40
N ALA A 920 14.36 -17.90 12.09
CA ALA A 920 14.07 -16.60 12.68
C ALA A 920 15.11 -16.23 13.73
N GLN A 921 15.50 -17.19 14.57
CA GLN A 921 16.52 -16.91 15.58
C GLN A 921 17.84 -16.53 14.92
N ALA A 922 18.24 -17.25 13.86
CA ALA A 922 19.48 -16.93 13.18
C ALA A 922 19.41 -15.54 12.53
N ALA A 923 18.28 -15.23 11.90
CA ALA A 923 18.13 -13.92 11.27
C ALA A 923 18.19 -12.80 12.30
N LEU A 924 17.57 -13.02 13.47
CA LEU A 924 17.61 -12.00 14.51
C LEU A 924 19.02 -11.83 15.07
N ASP A 925 19.76 -12.94 15.22
CA ASP A 925 21.14 -12.84 15.66
C ASP A 925 21.98 -12.06 14.65
N VAL A 926 21.78 -12.33 13.36
CA VAL A 926 22.51 -11.60 12.32
C VAL A 926 22.14 -10.12 12.35
N TYR A 927 20.86 -9.82 12.53
CA TYR A 927 20.43 -8.42 12.57
C TYR A 927 21.01 -7.70 13.78
N GLU A 928 21.19 -8.40 14.89
CA GLU A 928 21.77 -7.78 16.08
C GLU A 928 23.29 -7.66 15.97
N SER A 929 23.94 -8.55 15.22
CA SER A 929 25.39 -8.52 15.10
C SER A 929 25.90 -7.66 13.97
N THR A 930 25.05 -7.35 12.97
CA THR A 930 25.51 -6.55 11.84
C THR A 930 25.97 -5.16 12.25
N THR A 931 25.57 -4.68 13.42
CA THR A 931 25.94 -3.34 13.88
C THR A 931 27.36 -3.27 14.43
N THR A 932 28.17 -4.30 14.24
CA THR A 932 29.55 -4.32 14.71
C THR A 932 30.57 -4.67 13.64
N TRP A 933 30.17 -5.35 12.56
CA TRP A 933 31.11 -5.73 11.52
C TRP A 933 31.61 -4.50 10.78
N ARG A 934 32.79 -4.65 10.15
CA ARG A 934 33.42 -3.59 9.37
C ARG A 934 33.55 -4.09 7.94
N PHE A 935 32.68 -3.61 7.07
CA PHE A 935 32.68 -4.03 5.67
C PHE A 935 33.61 -3.14 4.85
N ARG A 936 34.15 -3.71 3.77
CA ARG A 936 35.02 -2.95 2.89
C ARG A 936 34.30 -1.76 2.27
N SER A 937 32.99 -1.88 2.05
CA SER A 937 32.19 -0.82 1.48
C SER A 937 30.82 -0.82 2.15
N GLU A 938 30.05 0.22 1.86
CA GLU A 938 28.71 0.35 2.44
C GLU A 938 27.66 -0.45 1.68
N LEU A 939 27.91 -0.76 0.41
CA LEU A 939 26.91 -1.48 -0.38
C LEU A 939 26.67 -2.88 0.18
N ASP A 940 27.72 -3.54 0.67
CA ASP A 940 27.55 -4.88 1.23
C ASP A 940 26.63 -4.85 2.45
N ARG A 941 26.92 -3.95 3.39
CA ARG A 941 26.07 -3.83 4.58
C ARG A 941 24.66 -3.41 4.20
N SER A 942 24.53 -2.56 3.19
CA SER A 942 23.20 -2.14 2.74
C SER A 942 22.40 -3.34 2.21
N ILE A 943 23.05 -4.18 1.40
CA ILE A 943 22.37 -5.35 0.86
C ILE A 943 22.00 -6.31 1.98
N LEU A 944 22.90 -6.48 2.95
CA LEU A 944 22.61 -7.39 4.07
C LEU A 944 21.42 -6.89 4.87
N VAL A 945 21.40 -5.59 5.20
CA VAL A 945 20.28 -5.03 5.94
C VAL A 945 19.00 -5.17 5.15
N ARG A 946 19.05 -4.88 3.85
CA ARG A 946 17.87 -5.01 3.00
C ARG A 946 17.33 -6.44 3.05
N ASP A 947 18.22 -7.42 2.93
CA ASP A 947 17.78 -8.82 2.89
C ASP A 947 17.14 -9.23 4.22
N VAL A 948 17.81 -8.90 5.33
CA VAL A 948 17.27 -9.32 6.63
C VAL A 948 15.96 -8.61 6.91
N VAL A 949 15.85 -7.33 6.55
CA VAL A 949 14.62 -6.59 6.79
C VAL A 949 13.49 -7.15 5.93
N GLY A 950 13.77 -7.49 4.68
CA GLY A 950 12.76 -8.09 3.84
C GLY A 950 12.29 -9.43 4.39
N LEU A 951 13.24 -10.24 4.88
CA LEU A 951 12.87 -11.53 5.47
C LEU A 951 11.96 -11.32 6.67
N MET A 952 12.35 -10.43 7.59
CA MET A 952 11.54 -10.19 8.78
C MET A 952 10.17 -9.63 8.42
N HIS A 953 10.11 -8.76 7.40
CA HIS A 953 8.82 -8.20 6.99
C HIS A 953 7.92 -9.28 6.41
N LYS A 954 8.46 -10.13 5.54
CA LYS A 954 7.67 -11.22 4.98
C LYS A 954 7.21 -12.18 6.06
N LEU A 955 8.02 -12.36 7.11
CA LEU A 955 7.59 -13.22 8.22
C LEU A 955 6.46 -12.57 9.01
N VAL A 956 6.57 -11.27 9.27
CA VAL A 956 5.57 -10.60 10.09
C VAL A 956 4.23 -10.52 9.36
N VAL A 957 4.24 -10.08 8.10
CA VAL A 957 2.99 -9.89 7.37
C VAL A 957 2.27 -11.23 7.20
N HIS A 958 3.02 -12.30 6.92
CA HIS A 958 2.41 -13.61 6.72
C HIS A 958 1.67 -14.11 7.95
N ALA A 959 2.06 -13.65 9.15
CA ALA A 959 1.44 -14.16 10.37
C ALA A 959 0.09 -13.50 10.64
N HIS A 960 -0.02 -12.20 10.38
CA HIS A 960 -1.24 -11.45 10.67
C HIS A 960 -2.13 -11.24 9.45
N THR A 961 -1.62 -11.52 8.25
CA THR A 961 -2.45 -11.36 7.05
C THR A 961 -3.69 -12.24 7.11
N LEU A 962 -3.58 -13.41 7.74
CA LEU A 962 -4.70 -14.32 7.89
C LEU A 962 -4.76 -14.82 9.34
N SER A 963 -5.91 -15.38 9.70
CA SER A 963 -6.13 -15.90 11.04
C SER A 963 -6.48 -17.39 11.04
N SER A 964 -6.35 -18.07 9.90
CA SER A 964 -6.67 -19.49 9.81
C SER A 964 -5.43 -20.32 10.15
N HIS A 965 -5.53 -21.63 9.99
CA HIS A 965 -4.42 -22.52 10.27
C HIS A 965 -3.34 -22.49 9.20
N LEU A 966 -3.62 -21.91 8.03
CA LEU A 966 -2.63 -21.86 6.97
C LEU A 966 -1.37 -21.11 7.40
N THR A 967 -1.52 -20.16 8.33
CA THR A 967 -0.40 -19.35 8.83
C THR A 967 0.13 -19.87 10.16
N SER A 968 -0.02 -21.17 10.42
CA SER A 968 0.46 -21.76 11.66
C SER A 968 1.87 -22.30 11.56
N THR A 969 2.36 -22.61 10.35
CA THR A 969 3.71 -23.15 10.21
C THR A 969 4.75 -22.13 10.65
N LEU A 970 4.53 -20.86 10.35
CA LEU A 970 5.45 -19.79 10.71
C LEU A 970 4.98 -18.99 11.92
N SER A 971 4.06 -19.55 12.70
CA SER A 971 3.51 -18.80 13.83
C SER A 971 4.50 -18.71 14.98
N PRO A 972 5.18 -19.79 15.38
CA PRO A 972 6.17 -19.63 16.46
C PRO A 972 7.28 -18.67 16.09
N ALA A 973 7.60 -18.58 14.79
CA ALA A 973 8.68 -17.71 14.33
C ALA A 973 8.23 -16.26 14.36
N ALA A 974 7.11 -15.96 13.69
CA ALA A 974 6.58 -14.60 13.73
C ALA A 974 6.39 -14.15 15.17
N ALA A 975 5.79 -14.99 16.01
CA ALA A 975 5.61 -14.67 17.42
C ALA A 975 6.93 -14.31 18.09
N HIS A 976 7.97 -15.14 17.88
CA HIS A 976 9.28 -14.83 18.44
C HIS A 976 9.78 -13.47 17.99
N ILE A 977 9.80 -13.24 16.67
CA ILE A 977 10.30 -11.97 16.15
C ILE A 977 9.51 -10.79 16.72
N ILE A 978 8.20 -10.97 16.94
CA ILE A 978 7.40 -9.86 17.46
C ILE A 978 7.71 -9.63 18.93
N SER A 979 7.83 -10.70 19.71
CA SER A 979 8.17 -10.54 21.12
C SER A 979 9.56 -9.95 21.28
N SER A 980 10.45 -10.16 20.31
CA SER A 980 11.80 -9.64 20.39
C SER A 980 11.95 -8.24 19.78
N PHE A 981 10.99 -7.78 18.99
CA PHE A 981 11.05 -6.45 18.40
C PHE A 981 9.99 -5.50 18.97
N LEU A 982 9.16 -5.94 19.91
CA LEU A 982 8.17 -5.08 20.53
C LEU A 982 8.40 -4.89 22.02
N THR A 983 8.86 -5.93 22.72
CA THR A 983 9.12 -5.85 24.16
C THR A 983 10.43 -6.55 24.48
N PRO A 984 11.54 -6.04 23.95
CA PRO A 984 12.85 -6.64 24.23
C PRO A 984 13.33 -6.25 25.62
N PRO A 985 14.41 -6.87 26.10
CA PRO A 985 14.92 -6.51 27.42
C PRO A 985 15.55 -5.13 27.39
N PRO A 986 15.61 -4.43 28.52
CA PRO A 986 16.17 -3.06 28.51
C PRO A 986 17.67 -3.03 28.28
N SER A 987 18.37 -4.16 28.41
CA SER A 987 19.81 -4.17 28.22
C SER A 987 20.18 -4.25 26.74
N ALA A 988 19.42 -5.02 25.97
CA ALA A 988 19.67 -5.20 24.54
C ALA A 988 18.60 -4.51 23.69
N SER A 989 18.00 -3.44 24.22
CA SER A 989 16.96 -2.74 23.47
C SER A 989 17.55 -1.88 22.36
N SER A 990 18.70 -1.25 22.61
CA SER A 990 19.32 -0.38 21.62
C SER A 990 20.10 -1.16 20.57
N LEU A 991 20.55 -2.38 20.88
CA LEU A 991 21.28 -3.17 19.90
C LEU A 991 20.41 -3.53 18.70
N ARG A 992 19.09 -3.66 18.91
CA ARG A 992 18.18 -3.96 17.83
C ARG A 992 17.69 -2.74 17.07
N PHE A 993 17.89 -1.54 17.64
CA PHE A 993 17.43 -0.31 17.02
C PHE A 993 18.54 0.47 16.34
N GLN A 994 19.79 0.32 16.77
CA GLN A 994 20.88 1.04 16.15
C GLN A 994 21.04 0.73 14.66
N PRO A 995 20.81 -0.50 14.18
CA PRO A 995 20.94 -0.73 12.73
C PRO A 995 20.03 0.16 11.90
N LEU A 996 18.77 0.29 12.30
CA LEU A 996 17.85 1.13 11.56
C LEU A 996 18.29 2.58 11.58
N LEU A 997 18.74 3.06 12.74
CA LEU A 997 19.20 4.45 12.84
C LEU A 997 20.41 4.67 11.92
N GLY A 998 21.36 3.74 11.92
CA GLY A 998 22.50 3.88 11.04
C GLY A 998 22.11 3.86 9.57
N THR A 999 21.16 3.00 9.20
CA THR A 999 20.69 2.98 7.82
C THR A 999 20.06 4.31 7.44
N LEU A 1000 19.21 4.86 8.32
CA LEU A 1000 18.59 6.14 8.01
C LEU A 1000 19.64 7.25 7.90
N LEU A 1001 20.66 7.22 8.76
CA LEU A 1001 21.71 8.22 8.69
C LEU A 1001 22.45 8.13 7.35
N VAL A 1002 22.85 6.91 6.97
CA VAL A 1002 23.58 6.72 5.72
C VAL A 1002 22.72 7.15 4.53
N ALA A 1003 21.40 6.96 4.63
CA ALA A 1003 20.55 7.36 3.52
C ALA A 1003 20.38 8.87 3.46
N LEU A 1004 20.25 9.51 4.62
CA LEU A 1004 20.03 10.96 4.67
C LEU A 1004 21.33 11.74 4.45
N ILE A 1005 22.49 11.09 4.45
CA ILE A 1005 23.73 11.78 4.07
C ILE A 1005 24.45 11.06 2.94
N THR A 1006 23.68 10.49 1.99
CA THR A 1006 24.33 9.99 0.79
C THR A 1006 24.20 11.02 -0.32
N PRO A 1007 25.28 11.38 -1.02
CA PRO A 1007 25.17 12.45 -2.00
C PRO A 1007 24.43 11.99 -3.25
N ARG A 1008 23.79 12.95 -3.91
CA ARG A 1008 23.07 12.65 -5.14
C ARG A 1008 24.05 12.45 -6.28
N ALA A 1009 23.85 11.38 -7.05
CA ALA A 1009 24.72 11.08 -8.18
C ALA A 1009 23.90 10.50 -9.32
N THR A 1010 24.22 10.93 -10.53
CA THR A 1010 23.52 10.44 -11.72
C THR A 1010 24.06 9.08 -12.17
N LEU A 1011 25.25 8.70 -11.75
CA LEU A 1011 25.85 7.43 -12.11
C LEU A 1011 25.59 6.39 -11.02
N TYR A 1012 26.04 5.17 -11.28
CA TYR A 1012 25.86 4.04 -10.36
C TYR A 1012 24.39 3.86 -10.02
N PRO A 1013 23.53 3.54 -11.00
CA PRO A 1013 22.12 3.32 -10.69
C PRO A 1013 21.89 2.07 -9.87
N GLY A 1014 22.78 1.08 -9.93
CA GLY A 1014 22.60 -0.11 -9.12
C GLY A 1014 22.61 0.19 -7.63
N GLN A 1015 23.61 0.94 -7.18
CA GLN A 1015 23.67 1.31 -5.77
C GLN A 1015 22.47 2.16 -5.38
N SER A 1016 22.04 3.04 -6.27
CA SER A 1016 20.88 3.89 -5.98
C SER A 1016 19.63 3.04 -5.77
N ARG A 1017 19.36 2.11 -6.69
CA ARG A 1017 18.17 1.28 -6.56
C ARG A 1017 18.28 0.36 -5.35
N ILE A 1018 19.48 -0.13 -5.05
CA ILE A 1018 19.63 -0.99 -3.87
C ILE A 1018 19.35 -0.20 -2.60
N LEU A 1019 19.86 1.02 -2.51
CA LEU A 1019 19.59 1.85 -1.34
C LEU A 1019 18.11 2.20 -1.25
N ALA A 1020 17.46 2.47 -2.38
CA ALA A 1020 16.04 2.76 -2.38
C ALA A 1020 15.24 1.56 -1.87
N GLU A 1021 15.55 0.37 -2.37
CA GLU A 1021 14.84 -0.82 -1.92
C GLU A 1021 15.11 -1.09 -0.44
N ARG A 1022 16.34 -0.83 0.01
CA ARG A 1022 16.65 -1.00 1.43
C ARG A 1022 15.81 -0.05 2.28
N VAL A 1023 15.72 1.21 1.88
CA VAL A 1023 14.92 2.18 2.62
C VAL A 1023 13.46 1.77 2.64
N THR A 1024 12.94 1.33 1.50
CA THR A 1024 11.53 0.93 1.44
C THR A 1024 11.28 -0.30 2.31
N SER A 1025 12.23 -1.24 2.34
CA SER A 1025 12.08 -2.41 3.19
C SER A 1025 12.11 -2.03 4.66
N VAL A 1026 13.02 -1.14 5.06
CA VAL A 1026 13.08 -0.69 6.44
C VAL A 1026 11.79 0.00 6.83
N LEU A 1027 11.26 0.85 5.95
CA LEU A 1027 10.00 1.54 6.25
C LEU A 1027 8.84 0.55 6.37
N ALA A 1028 8.77 -0.43 5.47
CA ALA A 1028 7.72 -1.43 5.55
C ALA A 1028 7.83 -2.24 6.84
N PHE A 1029 9.06 -2.56 7.24
CA PHE A 1029 9.27 -3.31 8.48
C PHE A 1029 8.85 -2.49 9.70
N CYS A 1030 9.19 -1.20 9.71
CA CYS A 1030 8.72 -0.35 10.79
C CYS A 1030 7.20 -0.31 10.84
N THR A 1031 6.56 -0.20 9.67
CA THR A 1031 5.10 -0.17 9.62
C THR A 1031 4.52 -1.48 10.16
N SER A 1032 5.11 -2.60 9.76
CA SER A 1032 4.61 -3.89 10.22
C SER A 1032 4.76 -4.01 11.74
N LEU A 1033 5.89 -3.57 12.29
CA LEU A 1033 6.06 -3.62 13.74
C LEU A 1033 5.05 -2.74 14.43
N LEU A 1034 4.79 -1.54 13.89
CA LEU A 1034 3.80 -0.66 14.49
C LEU A 1034 2.41 -1.29 14.49
N ARG A 1035 2.03 -1.91 13.37
CA ARG A 1035 0.73 -2.56 13.30
C ARG A 1035 0.65 -3.74 14.26
N ALA A 1036 1.73 -4.53 14.36
CA ALA A 1036 1.74 -5.64 15.30
C ALA A 1036 1.60 -5.16 16.74
N ALA A 1037 2.27 -4.05 17.07
CA ALA A 1037 2.14 -3.50 18.42
C ALA A 1037 0.73 -2.99 18.66
N ASP A 1038 0.13 -2.34 17.65
CA ASP A 1038 -1.25 -1.88 17.80
C ASP A 1038 -2.18 -3.04 18.06
N PHE A 1039 -1.95 -4.17 17.37
CA PHE A 1039 -2.74 -5.36 17.59
C PHE A 1039 -2.23 -6.09 18.83
N LEU A 1040 -3.04 -7.01 19.33
CA LEU A 1040 -2.78 -7.84 20.50
C LEU A 1040 -2.86 -7.06 21.81
N GLY A 1041 -3.19 -5.77 21.77
CA GLY A 1041 -3.34 -5.00 22.99
C GLY A 1041 -2.04 -4.71 23.70
N GLN A 1042 -1.16 -3.93 23.08
CA GLN A 1042 0.09 -3.50 23.69
C GLN A 1042 -0.08 -2.07 24.18
N THR A 1043 -0.04 -1.88 25.50
CA THR A 1043 -0.25 -0.57 26.09
C THR A 1043 1.04 0.24 26.21
N HIS A 1044 2.17 -0.42 26.38
CA HIS A 1044 3.47 0.25 26.52
C HIS A 1044 4.40 -0.26 25.42
N ILE A 1045 4.64 0.58 24.41
CA ILE A 1045 5.51 0.22 23.30
C ILE A 1045 6.84 0.93 23.45
N PRO A 1046 7.89 0.25 23.92
CA PRO A 1046 9.19 0.92 24.05
C PRO A 1046 9.82 1.29 22.71
N LEU A 1047 9.36 0.71 21.60
CA LEU A 1047 9.89 1.05 20.29
C LEU A 1047 9.41 2.40 19.78
N GLN A 1048 8.36 2.96 20.38
CA GLN A 1048 7.84 4.24 19.91
C GLN A 1048 8.82 5.37 20.21
N THR A 1049 9.53 5.29 21.33
CA THR A 1049 10.51 6.32 21.66
C THR A 1049 11.60 6.41 20.60
N HIS A 1050 12.01 5.26 20.06
CA HIS A 1050 13.01 5.26 19.01
C HIS A 1050 12.40 5.59 17.65
N LEU A 1051 11.16 5.19 17.41
CA LEU A 1051 10.52 5.51 16.13
C LEU A 1051 10.27 7.00 15.99
N PHE A 1052 10.06 7.71 17.10
CA PHE A 1052 9.94 9.17 17.02
C PHE A 1052 11.24 9.80 16.53
N GLN A 1053 12.37 9.42 17.13
CA GLN A 1053 13.65 9.96 16.70
C GLN A 1053 14.07 9.42 15.34
N SER A 1054 13.46 8.33 14.87
CA SER A 1054 13.69 7.89 13.50
C SER A 1054 12.86 8.72 12.52
N ALA A 1055 11.64 9.07 12.89
CA ALA A 1055 10.85 10.01 12.08
C ALA A 1055 11.53 11.37 12.02
N CYS A 1056 12.24 11.74 13.09
CA CYS A 1056 13.04 12.96 13.06
C CYS A 1056 13.97 13.00 11.84
N LEU A 1057 14.47 11.84 11.41
CA LEU A 1057 15.33 11.75 10.24
C LEU A 1057 14.52 11.52 8.97
N LEU A 1058 13.46 10.71 9.06
CA LEU A 1058 12.61 10.44 7.92
C LEU A 1058 11.91 11.70 7.42
N ALA A 1059 11.85 12.75 8.24
CA ALA A 1059 11.28 14.00 7.76
C ALA A 1059 12.16 14.66 6.71
N ARG A 1060 13.48 14.50 6.81
CA ARG A 1060 14.41 15.02 5.83
C ARG A 1060 14.81 14.01 4.76
N LEU A 1061 14.71 12.71 5.07
CA LEU A 1061 15.13 11.69 4.12
C LEU A 1061 14.51 11.84 2.73
N PRO A 1062 13.20 12.11 2.58
CA PRO A 1062 12.65 12.27 1.22
C PRO A 1062 13.35 13.34 0.39
N ALA A 1063 13.97 14.33 1.03
CA ALA A 1063 14.64 15.38 0.28
C ALA A 1063 15.73 14.82 -0.63
N ALA A 1064 16.32 13.68 -0.26
CA ALA A 1064 17.36 13.09 -1.09
C ALA A 1064 16.78 12.29 -2.26
N ASN A 1065 15.59 11.73 -2.10
CA ASN A 1065 14.97 10.94 -3.15
C ASN A 1065 13.46 11.03 -3.01
N ALA A 1066 12.77 11.34 -4.11
CA ALA A 1066 11.32 11.45 -4.08
C ALA A 1066 10.65 10.10 -3.87
N VAL A 1067 11.32 9.01 -4.24
CA VAL A 1067 10.74 7.67 -4.08
C VAL A 1067 10.31 7.44 -2.64
N TYR A 1068 11.05 7.99 -1.68
CA TYR A 1068 10.76 7.75 -0.27
C TYR A 1068 9.54 8.52 0.21
N ARG A 1069 8.94 9.37 -0.61
CA ARG A 1069 7.85 10.22 -0.12
C ARG A 1069 6.64 9.39 0.28
N ALA A 1070 6.33 8.33 -0.46
CA ALA A 1070 5.14 7.54 -0.13
C ALA A 1070 5.43 6.61 1.05
N PRO A 1071 6.42 5.71 0.95
CA PRO A 1071 6.74 4.84 2.09
C PRO A 1071 6.90 5.57 3.42
N VAL A 1072 7.71 6.64 3.45
CA VAL A 1072 7.90 7.42 4.67
C VAL A 1072 6.54 7.84 5.25
N LEU A 1073 5.72 8.49 4.42
CA LEU A 1073 4.39 8.90 4.87
C LEU A 1073 3.59 7.73 5.43
N GLU A 1074 3.61 6.58 4.74
CA GLU A 1074 2.93 5.40 5.27
C GLU A 1074 3.40 5.07 6.68
N LEU A 1075 4.72 4.95 6.87
CA LEU A 1075 5.28 4.72 8.19
C LEU A 1075 4.73 5.72 9.20
N LEU A 1076 4.86 7.02 8.89
CA LEU A 1076 4.34 8.06 9.77
C LEU A 1076 2.88 7.82 10.10
N ARG A 1077 2.07 7.45 9.11
CA ARG A 1077 0.66 7.18 9.34
C ARG A 1077 0.48 6.06 10.35
N ALA A 1078 1.34 5.05 10.28
CA ALA A 1078 1.19 3.91 11.17
C ALA A 1078 1.66 4.26 12.58
N LEU A 1079 2.71 5.08 12.68
CA LEU A 1079 3.14 5.58 13.97
C LEU A 1079 2.04 6.41 14.62
N VAL A 1080 1.38 7.27 13.83
CA VAL A 1080 0.27 8.06 14.36
C VAL A 1080 -0.86 7.16 14.81
N GLU A 1081 -1.17 6.12 14.03
CA GLU A 1081 -2.23 5.19 14.43
C GLU A 1081 -1.88 4.50 15.74
N VAL A 1082 -0.61 4.11 15.92
CA VAL A 1082 -0.20 3.51 17.19
C VAL A 1082 -0.23 4.54 18.31
N ALA A 1083 -0.04 5.81 17.99
CA ALA A 1083 -0.12 6.88 18.99
C ALA A 1083 -1.55 7.22 19.36
N GLY A 1084 -2.52 6.84 18.52
CA GLY A 1084 -3.92 7.09 18.81
C GLY A 1084 -4.46 6.10 19.83
N ARG A 1085 -4.40 4.81 19.51
CA ARG A 1085 -4.89 3.76 20.41
C ARG A 1085 -3.76 3.35 21.36
N ALA A 1086 -3.42 4.27 22.25
CA ALA A 1086 -2.36 4.03 23.22
C ALA A 1086 -2.41 5.06 24.34
N GLU A 1092 -1.81 13.38 26.27
CA GLU A 1092 -1.45 13.47 24.85
C GLU A 1092 -0.20 12.64 24.57
N PRO A 1093 -0.04 12.19 23.32
CA PRO A 1093 1.12 11.39 22.97
C PRO A 1093 2.38 12.25 22.90
N PRO A 1094 3.54 11.65 22.71
CA PRO A 1094 4.78 12.43 22.60
C PRO A 1094 4.69 13.46 21.49
N SER A 1095 4.87 14.73 21.85
CA SER A 1095 4.76 15.81 20.88
C SER A 1095 5.75 15.61 19.74
N LEU A 1096 5.23 15.43 18.53
CA LEU A 1096 6.09 15.22 17.37
C LEU A 1096 6.82 16.48 16.96
N LEU A 1097 6.28 17.66 17.29
CA LEU A 1097 6.96 18.90 16.96
C LEU A 1097 8.26 19.05 17.74
N GLY A 1098 8.32 18.47 18.94
CA GLY A 1098 9.56 18.51 19.71
C GLY A 1098 10.67 17.71 19.08
N TYR A 1099 10.34 16.64 18.36
CA TYR A 1099 11.33 15.82 17.68
C TYR A 1099 11.65 16.35 16.29
N LEU A 1100 10.65 16.86 15.57
CA LEU A 1100 10.90 17.37 14.21
C LEU A 1100 11.57 18.74 14.26
N GLY A 1101 10.91 19.71 14.86
CA GLY A 1101 11.42 21.07 14.91
C GLY A 1101 10.57 22.00 14.07
N SER A 1102 10.53 23.27 14.49
CA SER A 1102 9.71 24.26 13.80
C SER A 1102 10.11 24.37 12.33
N HIS A 1103 11.36 24.72 12.07
CA HIS A 1103 11.81 24.91 10.69
C HIS A 1103 11.70 23.61 9.89
N ALA A 1104 12.17 22.50 10.46
CA ALA A 1104 12.11 21.22 9.75
C ALA A 1104 10.67 20.80 9.50
N ALA A 1105 9.79 20.99 10.49
CA ALA A 1105 8.39 20.62 10.31
C ALA A 1105 7.73 21.47 9.24
N ARG A 1106 8.00 22.78 9.24
CA ARG A 1106 7.42 23.64 8.21
C ARG A 1106 7.94 23.26 6.82
N SER A 1107 9.22 22.91 6.73
CA SER A 1107 9.76 22.49 5.43
C SER A 1107 9.10 21.19 4.96
N PHE A 1108 8.95 20.23 5.87
CA PHE A 1108 8.29 18.98 5.50
C PHE A 1108 6.86 19.22 5.07
N ILE A 1109 6.15 20.11 5.77
CA ILE A 1109 4.77 20.41 5.39
C ILE A 1109 4.71 21.06 4.02
N SER A 1110 5.60 22.03 3.77
CA SER A 1110 5.63 22.69 2.47
C SER A 1110 6.04 21.74 1.35
N LEU A 1111 6.77 20.67 1.68
CA LEU A 1111 7.15 19.69 0.67
C LEU A 1111 6.02 18.72 0.38
N VAL A 1112 5.27 18.31 1.42
CA VAL A 1112 4.25 17.29 1.24
C VAL A 1112 2.87 17.86 0.90
N GLU A 1113 2.64 19.16 1.11
CA GLU A 1113 1.30 19.70 0.91
C GLU A 1113 0.83 19.50 -0.52
N GLY A 1114 1.72 19.62 -1.50
CA GLY A 1114 1.34 19.35 -2.86
C GLY A 1114 1.32 17.87 -3.17
N ILE A 1115 0.14 17.33 -3.44
CA ILE A 1115 -0.03 15.89 -3.65
C ILE A 1115 0.42 15.54 -5.06
N ASP A 1116 1.68 15.12 -5.20
CA ASP A 1116 2.21 14.63 -6.47
C ASP A 1116 1.80 15.55 -7.62
N LYS A 1117 2.14 16.82 -7.48
CA LYS A 1117 1.71 17.84 -8.43
C LYS A 1117 2.34 17.65 -9.80
N PRO A 1118 3.65 17.36 -9.91
CA PRO A 1118 4.26 17.31 -11.24
C PRO A 1118 3.76 16.17 -12.10
N PHE A 1119 3.24 15.10 -11.51
CA PHE A 1119 2.73 13.95 -12.25
C PHE A 1119 1.26 13.72 -12.02
N GLY A 1120 0.81 13.70 -10.77
CA GLY A 1120 -0.59 13.51 -10.47
C GLY A 1120 -1.03 12.06 -10.54
N ARG A 1121 -0.34 11.20 -9.80
CA ARG A 1121 -0.67 9.78 -9.74
C ARG A 1121 -1.74 9.51 -8.69
N VAL A 1122 -2.37 8.35 -8.81
CA VAL A 1122 -3.46 7.98 -7.91
C VAL A 1122 -2.93 7.27 -6.66
N GLU A 1123 -1.90 6.43 -6.81
CA GLU A 1123 -1.39 5.69 -5.66
C GLU A 1123 -0.81 6.63 -4.61
N HIS A 1124 0.13 7.49 -5.02
CA HIS A 1124 0.74 8.40 -4.07
C HIS A 1124 -0.27 9.42 -3.57
N ALA A 1125 -1.39 9.59 -4.28
CA ALA A 1125 -2.40 10.54 -3.85
C ALA A 1125 -3.21 9.93 -2.72
N VAL A 1126 -3.73 8.72 -2.93
CA VAL A 1126 -4.45 8.04 -1.87
C VAL A 1126 -3.54 7.89 -0.64
N VAL A 1127 -2.25 7.63 -0.87
CA VAL A 1127 -1.30 7.49 0.24
C VAL A 1127 -1.22 8.80 1.02
N THR A 1128 -1.08 9.93 0.32
CA THR A 1128 -0.94 11.19 1.06
C THR A 1128 -2.25 11.62 1.70
N TRP A 1129 -3.38 11.17 1.17
CA TRP A 1129 -4.66 11.57 1.73
C TRP A 1129 -4.95 10.75 2.99
N ARG A 1130 -4.59 9.47 2.96
CA ARG A 1130 -4.71 8.64 4.15
C ARG A 1130 -3.74 9.13 5.22
N PHE A 1131 -2.53 9.53 4.83
CA PHE A 1131 -1.59 10.09 5.79
C PHE A 1131 -2.14 11.35 6.44
N PHE A 1132 -2.69 12.27 5.63
CA PHE A 1132 -3.25 13.49 6.20
C PHE A 1132 -4.43 13.18 7.12
N ALA A 1133 -5.31 12.27 6.71
CA ALA A 1133 -6.45 11.91 7.54
C ALA A 1133 -6.00 11.32 8.87
N ALA A 1134 -5.00 10.44 8.84
CA ALA A 1134 -4.51 9.84 10.09
C ALA A 1134 -3.84 10.88 10.97
N VAL A 1135 -3.08 11.80 10.38
CA VAL A 1135 -2.41 12.82 11.18
C VAL A 1135 -3.44 13.74 11.82
N ILE A 1136 -4.55 14.00 11.14
CA ILE A 1136 -5.55 14.91 11.69
C ILE A 1136 -6.41 14.20 12.74
N ARG A 1137 -6.72 12.92 12.51
CA ARG A 1137 -7.58 12.18 13.44
C ARG A 1137 -6.95 12.03 14.82
N ASN A 1138 -5.62 11.98 14.89
CA ASN A 1138 -4.96 11.80 16.17
C ASN A 1138 -4.88 13.15 16.90
N ARG A 1139 -4.30 13.13 18.10
CA ARG A 1139 -4.19 14.32 18.94
C ARG A 1139 -3.19 15.34 18.43
N GLN A 1140 -2.54 15.11 17.28
CA GLN A 1140 -1.67 16.12 16.72
C GLN A 1140 -2.44 17.39 16.45
N GLN A 1141 -1.97 18.50 17.02
CA GLN A 1141 -2.65 19.79 16.90
C GLN A 1141 -1.80 20.87 16.26
N TRP A 1142 -0.51 20.96 16.61
CA TRP A 1142 0.38 21.88 15.92
C TRP A 1142 0.50 21.55 14.44
N MET A 1143 0.79 20.28 14.13
CA MET A 1143 0.95 19.89 12.74
C MET A 1143 -0.37 20.02 11.99
N ALA A 1144 -1.47 19.63 12.62
CA ALA A 1144 -2.78 19.77 11.97
C ALA A 1144 -3.08 21.23 11.66
N GLY A 1145 -2.80 22.13 12.61
CA GLY A 1145 -3.03 23.55 12.35
C GLY A 1145 -2.15 24.09 11.24
N CYS A 1146 -0.86 23.72 11.26
CA CYS A 1146 0.04 24.20 10.21
C CYS A 1146 -0.31 23.62 8.85
N LEU A 1147 -0.94 22.44 8.81
CA LEU A 1147 -1.30 21.81 7.55
C LEU A 1147 -2.64 22.30 7.02
N LEU A 1148 -3.57 22.69 7.89
CA LEU A 1148 -4.86 23.21 7.46
C LEU A 1148 -4.81 24.71 7.16
N THR A 1149 -4.23 25.49 8.07
CA THR A 1149 -4.13 26.93 7.83
C THR A 1149 -3.07 27.24 6.77
N GLY A 1150 -1.97 26.48 6.76
CA GLY A 1150 -0.91 26.68 5.80
C GLY A 1150 0.31 27.39 6.34
N ARG A 1151 0.28 27.85 7.58
CA ARG A 1151 1.41 28.55 8.18
C ARG A 1151 1.62 28.08 9.61
N VAL A 1169 -8.99 28.99 6.86
CA VAL A 1169 -8.48 29.96 5.90
C VAL A 1169 -7.79 29.10 4.83
N GLY A 1170 -6.46 29.13 4.75
CA GLY A 1170 -5.75 28.32 3.78
C GLY A 1170 -5.63 29.00 2.43
N GLU A 1171 -4.40 29.21 1.97
CA GLU A 1171 -4.15 29.71 0.63
C GLU A 1171 -3.21 28.77 -0.14
N GLY A 1172 -2.27 28.17 0.58
CA GLY A 1172 -1.41 27.15 0.01
C GLY A 1172 -1.49 25.85 0.76
N SER A 1173 -2.48 25.73 1.64
CA SER A 1173 -2.64 24.53 2.46
C SER A 1173 -3.24 23.39 1.64
N VAL A 1174 -3.16 22.18 2.20
CA VAL A 1174 -3.68 20.99 1.54
C VAL A 1174 -5.12 21.22 1.08
N LEU A 1175 -5.91 21.96 1.86
CA LEU A 1175 -7.33 22.12 1.52
C LEU A 1175 -7.50 22.96 0.27
N ALA A 1176 -6.59 23.91 0.02
CA ALA A 1176 -6.69 24.71 -1.20
C ALA A 1176 -6.63 23.83 -2.44
N ALA A 1177 -5.91 22.71 -2.37
CA ALA A 1177 -5.84 21.78 -3.49
C ALA A 1177 -6.92 20.72 -3.41
N ALA A 1178 -7.37 20.38 -2.19
CA ALA A 1178 -8.45 19.42 -2.06
C ALA A 1178 -9.74 19.98 -2.64
N MET A 1179 -9.97 21.28 -2.49
CA MET A 1179 -11.13 21.89 -3.14
C MET A 1179 -11.00 21.88 -4.65
N GLU A 1180 -9.79 22.12 -5.16
CA GLU A 1180 -9.57 22.06 -6.60
C GLU A 1180 -9.81 20.67 -7.15
N ARG A 1181 -9.55 19.64 -6.35
CA ARG A 1181 -9.86 18.28 -6.80
C ARG A 1181 -11.32 17.94 -6.62
N LEU A 1182 -11.96 18.46 -5.57
CA LEU A 1182 -13.38 18.21 -5.35
C LEU A 1182 -14.23 18.86 -6.43
N ARG A 1183 -13.80 19.99 -6.99
CA ARG A 1183 -14.58 20.66 -8.01
C ARG A 1183 -14.48 19.99 -9.38
N GLU A 1184 -13.83 18.82 -9.46
CA GLU A 1184 -13.75 18.08 -10.72
C GLU A 1184 -13.95 16.59 -10.49
N VAL A 1185 -14.75 16.21 -9.49
CA VAL A 1185 -14.99 14.80 -9.22
C VAL A 1185 -15.74 14.13 -10.35
N LYS A 1186 -16.47 14.91 -11.17
CA LYS A 1186 -17.22 14.31 -12.27
C LYS A 1186 -16.30 13.58 -13.24
N SER A 1187 -15.05 14.03 -13.36
CA SER A 1187 -14.08 13.41 -14.24
C SER A 1187 -12.90 12.79 -13.51
N LEU A 1188 -12.70 13.10 -12.23
CA LEU A 1188 -11.58 12.55 -11.49
C LEU A 1188 -11.81 11.08 -11.19
N ASP A 1189 -10.71 10.33 -11.04
CA ASP A 1189 -10.79 8.91 -10.74
C ASP A 1189 -11.54 8.71 -9.42
N VAL A 1190 -12.51 7.80 -9.43
CA VAL A 1190 -13.29 7.53 -8.24
C VAL A 1190 -12.41 7.01 -7.11
N GLN A 1191 -11.31 6.33 -7.45
CA GLN A 1191 -10.43 5.77 -6.44
C GLN A 1191 -9.84 6.87 -5.56
N GLU A 1192 -9.34 7.94 -6.18
CA GLU A 1192 -8.77 9.04 -5.42
C GLU A 1192 -9.85 9.88 -4.75
N ALA A 1193 -11.05 9.93 -5.33
CA ALA A 1193 -12.12 10.71 -4.74
C ALA A 1193 -12.48 10.19 -3.35
N VAL A 1194 -12.44 8.87 -3.17
CA VAL A 1194 -12.74 8.30 -1.87
C VAL A 1194 -11.75 8.80 -0.82
N ALA A 1195 -10.46 8.79 -1.16
CA ALA A 1195 -9.44 9.24 -0.21
C ALA A 1195 -9.57 10.75 0.05
N VAL A 1196 -9.89 11.53 -0.98
CA VAL A 1196 -10.06 12.97 -0.79
C VAL A 1196 -11.23 13.22 0.15
N MET A 1197 -12.34 12.51 -0.03
CA MET A 1197 -13.49 12.70 0.84
C MET A 1197 -13.19 12.22 2.26
N ASP A 1198 -12.40 11.16 2.39
CA ASP A 1198 -11.99 10.71 3.72
C ASP A 1198 -11.17 11.78 4.43
N PHE A 1199 -10.24 12.40 3.69
CA PHE A 1199 -9.47 13.50 4.27
C PHE A 1199 -10.38 14.66 4.67
N VAL A 1200 -11.36 14.98 3.83
CA VAL A 1200 -12.28 16.06 4.16
C VAL A 1200 -13.03 15.76 5.44
N VAL A 1201 -13.53 14.52 5.58
CA VAL A 1201 -14.28 14.16 6.77
C VAL A 1201 -13.38 14.18 8.01
N SER A 1202 -12.14 13.73 7.85
CA SER A 1202 -11.20 13.73 8.98
C SER A 1202 -10.84 15.15 9.40
N ALA A 1203 -10.79 16.08 8.44
CA ALA A 1203 -10.52 17.47 8.78
C ALA A 1203 -11.75 18.18 9.32
N GLN A 1204 -12.95 17.70 8.97
CA GLN A 1204 -14.17 18.33 9.45
C GLN A 1204 -14.52 17.88 10.86
N ASN A 1205 -14.51 16.57 11.11
CA ASN A 1205 -14.97 16.07 12.41
C ASN A 1205 -14.07 16.55 13.55
N TYR A 1206 -12.78 16.75 13.28
CA TYR A 1206 -11.84 17.21 14.31
C TYR A 1206 -11.55 18.70 14.23
N TRP A 1207 -11.54 19.28 13.04
CA TRP A 1207 -11.31 20.71 12.85
C TRP A 1207 -12.43 21.29 11.99
N PRO A 1208 -13.66 21.32 12.53
CA PRO A 1208 -14.78 21.83 11.72
C PRO A 1208 -14.75 23.33 11.52
N TRP A 1209 -14.39 24.09 12.55
CA TRP A 1209 -14.48 25.55 12.48
C TRP A 1209 -13.72 26.12 11.28
N THR A 1210 -12.71 25.41 10.78
CA THR A 1210 -11.94 25.88 9.64
C THR A 1210 -12.48 25.34 8.32
N ILE A 1211 -12.67 24.02 8.25
CA ILE A 1211 -13.07 23.40 6.99
C ILE A 1211 -14.47 23.88 6.59
N PHE A 1212 -15.42 23.85 7.54
CA PHE A 1212 -16.77 24.28 7.21
C PHE A 1212 -16.82 25.76 6.87
N ALA A 1213 -16.01 26.58 7.57
CA ALA A 1213 -15.95 28.00 7.25
C ALA A 1213 -15.46 28.23 5.83
N VAL A 1214 -14.37 27.55 5.46
CA VAL A 1214 -13.82 27.72 4.12
C VAL A 1214 -14.79 27.20 3.07
N ARG A 1215 -15.54 26.13 3.39
CA ARG A 1215 -16.47 25.58 2.42
C ARG A 1215 -17.68 26.49 2.23
N LYS A 1216 -18.13 27.13 3.31
CA LYS A 1216 -19.23 28.09 3.19
C LYS A 1216 -18.79 29.34 2.45
N GLU A 1217 -17.56 29.79 2.69
CA GLU A 1217 -17.03 30.92 1.93
C GLU A 1217 -16.83 30.58 0.46
N LYS A 1218 -16.74 29.29 0.12
CA LYS A 1218 -16.57 28.84 -1.26
C LYS A 1218 -17.61 27.78 -1.61
N GLU A 1219 -18.80 27.86 -1.01
CA GLU A 1219 -19.83 26.85 -1.27
C GLU A 1219 -20.35 26.91 -2.69
N VAL A 1220 -20.23 28.05 -3.37
CA VAL A 1220 -20.73 28.17 -4.74
C VAL A 1220 -20.06 27.19 -5.69
N VAL A 1221 -18.90 26.64 -5.30
CA VAL A 1221 -18.19 25.70 -6.15
C VAL A 1221 -18.36 24.26 -5.68
N ASP A 1222 -18.73 24.03 -4.42
CA ASP A 1222 -18.87 22.69 -3.88
C ASP A 1222 -20.31 22.19 -3.87
N ALA A 1223 -21.27 23.05 -3.50
CA ALA A 1223 -22.66 22.62 -3.46
C ALA A 1223 -23.18 22.27 -4.86
N LEU A 1224 -22.78 23.06 -5.86
CA LEU A 1224 -23.21 22.75 -7.23
C LEU A 1224 -22.68 21.41 -7.70
N ARG A 1225 -21.40 21.14 -7.42
CA ARG A 1225 -20.82 19.86 -7.82
C ARG A 1225 -21.45 18.70 -7.05
N GLY A 1226 -21.76 18.91 -5.77
CA GLY A 1226 -22.45 17.88 -5.02
C GLY A 1226 -23.82 17.57 -5.58
N TYR A 1227 -24.58 18.62 -5.94
CA TYR A 1227 -25.88 18.41 -6.55
C TYR A 1227 -25.76 17.70 -7.89
N VAL A 1228 -24.76 18.07 -8.69
CA VAL A 1228 -24.54 17.40 -9.97
C VAL A 1228 -24.26 15.92 -9.75
N ARG A 1229 -23.37 15.61 -8.80
CA ARG A 1229 -23.06 14.21 -8.51
C ARG A 1229 -24.30 13.46 -8.05
N GLY A 1230 -25.13 14.10 -7.21
CA GLY A 1230 -26.29 13.41 -6.68
C GLY A 1230 -27.34 13.15 -7.74
N LEU A 1231 -27.62 14.14 -8.59
CA LEU A 1231 -28.70 13.99 -9.58
C LEU A 1231 -28.36 12.91 -10.61
N LYS A 1232 -27.11 12.85 -11.06
CA LYS A 1232 -26.68 11.92 -12.10
C LYS A 1232 -25.98 10.69 -11.50
N ALA A 1233 -26.42 10.23 -10.33
CA ALA A 1233 -25.90 9.02 -9.70
C ALA A 1233 -26.97 7.94 -9.73
N PRO A 1234 -26.99 7.07 -10.75
CA PRO A 1234 -27.98 5.99 -10.76
C PRO A 1234 -27.81 5.05 -9.57
N GLY A 1235 -28.91 4.40 -9.22
CA GLY A 1235 -28.90 3.47 -8.10
C GLY A 1235 -28.29 2.12 -8.46
N MET A 1236 -28.86 1.44 -9.45
CA MET A 1236 -28.37 0.14 -9.90
C MET A 1236 -27.35 0.39 -11.01
N VAL A 1237 -26.07 0.47 -10.63
CA VAL A 1237 -25.00 0.70 -11.59
C VAL A 1237 -24.32 -0.59 -12.01
N MET A 1238 -24.59 -1.71 -11.34
CA MET A 1238 -24.04 -2.99 -11.75
C MET A 1238 -24.46 -3.34 -13.18
N LYS A 1239 -25.76 -3.30 -13.45
CA LYS A 1239 -26.26 -3.66 -14.79
C LYS A 1239 -25.62 -2.82 -15.89
N THR A 1240 -25.37 -1.54 -15.63
CA THR A 1240 -24.77 -0.70 -16.67
C THR A 1240 -23.27 -0.97 -16.76
N ASP A 1241 -22.60 -0.22 -17.62
CA ASP A 1241 -21.17 -0.40 -17.84
C ASP A 1241 -20.39 -0.07 -16.58
N GLY A 1242 -19.82 -1.09 -15.94
CA GLY A 1242 -19.06 -0.89 -14.72
C GLY A 1242 -19.52 -1.77 -13.59
N ALA A 1243 -18.61 -2.56 -13.02
CA ALA A 1243 -18.91 -3.45 -11.91
C ALA A 1243 -18.15 -3.10 -10.64
N ALA A 1244 -16.87 -2.75 -10.75
CA ALA A 1244 -16.10 -2.37 -9.57
C ALA A 1244 -16.31 -0.92 -9.18
N ALA A 1245 -16.73 -0.06 -10.12
CA ALA A 1245 -16.98 1.34 -9.82
C ALA A 1245 -18.22 1.54 -8.95
N ALA A 1246 -19.07 0.53 -8.82
CA ALA A 1246 -20.27 0.68 -8.01
C ALA A 1246 -19.92 0.95 -6.55
N ALA A 1247 -18.99 0.16 -6.00
CA ALA A 1247 -18.60 0.36 -4.60
C ALA A 1247 -17.94 1.72 -4.41
N PHE A 1248 -17.10 2.13 -5.36
CA PHE A 1248 -16.45 3.43 -5.26
C PHE A 1248 -17.47 4.56 -5.27
N GLN A 1249 -18.45 4.48 -6.18
CA GLN A 1249 -19.49 5.51 -6.24
C GLN A 1249 -20.33 5.51 -4.97
N ALA A 1250 -20.64 4.33 -4.43
CA ALA A 1250 -21.40 4.27 -3.20
C ALA A 1250 -20.64 4.89 -2.04
N ARG A 1251 -19.33 4.63 -1.95
CA ARG A 1251 -18.52 5.22 -0.90
C ARG A 1251 -18.44 6.74 -1.05
N ILE A 1252 -18.29 7.21 -2.29
CA ILE A 1252 -18.26 8.65 -2.52
C ILE A 1252 -19.57 9.29 -2.10
N ALA A 1253 -20.69 8.67 -2.47
CA ALA A 1253 -22.00 9.20 -2.08
C ALA A 1253 -22.16 9.18 -0.57
N ALA A 1254 -21.69 8.13 0.10
CA ALA A 1254 -21.78 8.07 1.54
C ALA A 1254 -20.99 9.19 2.20
N TYR A 1255 -19.76 9.42 1.73
CA TYR A 1255 -18.96 10.51 2.29
C TYR A 1255 -19.60 11.87 2.02
N VAL A 1256 -20.16 12.05 0.82
CA VAL A 1256 -20.82 13.32 0.51
C VAL A 1256 -22.02 13.53 1.42
N ALA A 1257 -22.80 12.47 1.67
CA ALA A 1257 -23.94 12.58 2.56
C ALA A 1257 -23.50 12.90 3.98
N GLU A 1258 -22.40 12.27 4.43
CA GLU A 1258 -21.90 12.55 5.77
C GLU A 1258 -21.45 14.00 5.90
N THR A 1259 -20.74 14.52 4.89
CA THR A 1259 -20.30 15.91 4.93
C THR A 1259 -21.49 16.86 4.90
N PHE A 1260 -22.49 16.57 4.04
CA PHE A 1260 -23.69 17.39 4.02
C PHE A 1260 -24.39 17.38 5.38
N ALA A 1261 -24.47 16.22 6.02
CA ALA A 1261 -25.12 16.14 7.32
C ALA A 1261 -24.35 16.93 8.37
N MET A 1262 -23.02 16.85 8.35
CA MET A 1262 -22.22 17.58 9.33
C MET A 1262 -22.37 19.08 9.14
N GLN A 1263 -22.30 19.56 7.88
CA GLN A 1263 -22.44 20.99 7.65
C GLN A 1263 -23.85 21.46 7.97
N LEU A 1264 -24.87 20.62 7.75
CA LEU A 1264 -26.23 21.00 8.13
C LEU A 1264 -26.37 21.08 9.64
N TYR A 1265 -25.74 20.15 10.37
CA TYR A 1265 -25.74 20.24 11.83
C TYR A 1265 -25.07 21.53 12.30
N HIS A 1266 -23.93 21.88 11.70
CA HIS A 1266 -23.26 23.12 12.08
C HIS A 1266 -24.12 24.33 11.78
N MET A 1267 -24.77 24.35 10.61
CA MET A 1267 -25.63 25.48 10.26
C MET A 1267 -26.81 25.57 11.22
N ARG A 1268 -27.42 24.44 11.56
CA ARG A 1268 -28.51 24.45 12.53
C ARG A 1268 -28.05 25.00 13.86
N GLN A 1269 -26.85 24.60 14.31
CA GLN A 1269 -26.27 25.20 15.50
C GLN A 1269 -26.10 26.71 15.32
N MET A 1270 -25.84 27.15 14.08
CA MET A 1270 -25.75 28.56 13.76
C MET A 1270 -27.07 29.14 13.25
N ARG A 1271 -28.12 28.31 13.14
CA ARG A 1271 -29.45 28.77 12.73
C ARG A 1271 -29.44 29.28 11.29
N GLN A 1272 -28.72 28.60 10.42
CA GLN A 1272 -28.64 28.96 9.00
C GLN A 1272 -28.73 27.71 8.14
N ALA A 1273 -29.62 26.79 8.48
CA ALA A 1273 -29.74 25.51 7.78
C ALA A 1273 -31.08 25.35 7.06
N GLU A 1274 -31.90 26.39 7.02
CA GLU A 1274 -33.22 26.27 6.39
C GLU A 1274 -33.09 26.19 4.87
N LYS A 1275 -32.53 27.23 4.25
CA LYS A 1275 -32.47 27.28 2.80
C LYS A 1275 -31.58 26.17 2.24
N PHE A 1276 -30.44 25.90 2.90
CA PHE A 1276 -29.55 24.86 2.41
C PHE A 1276 -30.23 23.50 2.45
N ALA A 1277 -30.94 23.20 3.54
CA ALA A 1277 -31.66 21.93 3.62
C ALA A 1277 -32.78 21.86 2.59
N GLY A 1278 -33.50 22.96 2.40
CA GLY A 1278 -34.56 22.98 1.40
C GLY A 1278 -34.04 22.76 0.00
N GLU A 1279 -32.82 23.24 -0.29
CA GLU A 1279 -32.23 23.02 -1.60
C GLU A 1279 -31.62 21.62 -1.72
N LEU A 1280 -31.18 21.04 -0.61
CA LEU A 1280 -30.54 19.73 -0.67
C LEU A 1280 -31.54 18.58 -0.71
N VAL A 1281 -32.71 18.75 -0.09
CA VAL A 1281 -33.70 17.67 -0.08
C VAL A 1281 -34.10 17.25 -1.48
N ALA A 1282 -33.94 18.13 -2.47
CA ALA A 1282 -34.26 17.81 -3.85
C ALA A 1282 -33.18 17.00 -4.55
N ASP A 1283 -32.10 16.63 -3.84
CA ASP A 1283 -31.00 15.88 -4.40
C ASP A 1283 -30.87 14.48 -3.81
N LEU A 1284 -31.84 14.04 -3.02
CA LEU A 1284 -31.79 12.76 -2.34
C LEU A 1284 -32.24 11.59 -3.21
N ASP A 1285 -32.33 11.79 -4.53
CA ASP A 1285 -32.81 10.72 -5.41
C ASP A 1285 -31.93 9.48 -5.30
N TYR A 1286 -30.61 9.65 -5.44
CA TYR A 1286 -29.71 8.51 -5.31
C TYR A 1286 -29.89 7.80 -3.98
N PHE A 1287 -30.21 8.55 -2.91
CA PHE A 1287 -30.47 7.93 -1.62
C PHE A 1287 -31.74 7.09 -1.69
N LEU A 1288 -32.84 7.67 -2.18
CA LEU A 1288 -34.07 6.90 -2.35
C LEU A 1288 -33.84 5.64 -3.18
N ARG A 1289 -32.84 5.65 -4.05
CA ARG A 1289 -32.58 4.51 -4.93
C ARG A 1289 -31.73 3.44 -4.25
N GLU A 1290 -30.57 3.81 -3.70
CA GLU A 1290 -29.59 2.86 -3.17
C GLU A 1290 -29.13 3.28 -1.79
N GLY A 1291 -30.08 3.58 -0.91
CA GLY A 1291 -29.74 3.97 0.46
C GLY A 1291 -29.92 2.86 1.46
N VAL A 1292 -31.01 2.93 2.24
CA VAL A 1292 -31.26 1.95 3.28
C VAL A 1292 -31.36 0.54 2.72
N MET A 1293 -31.72 0.39 1.44
CA MET A 1293 -31.82 -0.93 0.83
C MET A 1293 -30.42 -1.53 0.71
N VAL A 1294 -30.17 -2.60 1.46
CA VAL A 1294 -28.90 -3.31 1.44
C VAL A 1294 -29.05 -4.67 0.75
N TRP A 1295 -30.14 -4.86 0.01
CA TRP A 1295 -30.42 -6.15 -0.62
C TRP A 1295 -29.48 -6.45 -1.78
N GLY A 1296 -28.50 -5.60 -2.05
CA GLY A 1296 -27.53 -5.87 -3.11
C GLY A 1296 -26.39 -6.77 -2.68
N TYR A 1297 -26.66 -7.66 -1.71
CA TYR A 1297 -25.61 -8.55 -1.23
C TYR A 1297 -25.44 -9.77 -2.14
N ASN A 1298 -26.49 -10.15 -2.86
CA ASN A 1298 -26.43 -11.22 -3.84
C ASN A 1298 -25.80 -12.49 -3.25
N ALA A 1299 -26.35 -12.93 -2.12
CA ALA A 1299 -25.85 -14.12 -1.45
C ALA A 1299 -25.80 -15.33 -2.36
N SER A 1300 -26.49 -15.29 -3.51
CA SER A 1300 -26.52 -16.43 -4.41
C SER A 1300 -25.12 -16.76 -4.92
N LEU A 1301 -24.45 -15.79 -5.55
CA LEU A 1301 -23.12 -16.03 -6.09
C LEU A 1301 -22.11 -16.31 -4.99
N HIS A 1302 -22.27 -15.68 -3.82
CA HIS A 1302 -21.37 -15.97 -2.71
C HIS A 1302 -21.49 -17.43 -2.28
N GLY A 1303 -22.72 -17.92 -2.12
CA GLY A 1303 -22.91 -19.32 -1.76
C GLY A 1303 -22.41 -20.26 -2.83
N ASN A 1304 -22.63 -19.90 -4.11
CA ASN A 1304 -22.12 -20.73 -5.20
C ASN A 1304 -20.61 -20.82 -5.16
N PHE A 1305 -19.93 -19.69 -4.96
CA PHE A 1305 -18.47 -19.69 -4.87
C PHE A 1305 -18.00 -20.49 -3.67
N ALA A 1306 -18.69 -20.36 -2.53
CA ALA A 1306 -18.30 -21.13 -1.35
C ALA A 1306 -18.42 -22.62 -1.61
N ARG A 1307 -19.51 -23.05 -2.23
CA ARG A 1307 -19.68 -24.47 -2.53
C ARG A 1307 -18.64 -24.95 -3.53
N ASN A 1308 -18.37 -24.17 -4.56
CA ASN A 1308 -17.38 -24.57 -5.56
C ASN A 1308 -15.99 -24.65 -4.96
N PHE A 1309 -15.68 -23.79 -4.00
CA PHE A 1309 -14.36 -23.83 -3.36
C PHE A 1309 -14.27 -24.97 -2.36
N ALA A 1310 -15.35 -25.30 -1.66
CA ALA A 1310 -15.34 -26.41 -0.73
C ALA A 1310 -15.35 -27.75 -1.45
N LYS A 1311 -15.86 -27.80 -2.68
CA LYS A 1311 -15.87 -29.05 -3.43
C LYS A 1311 -14.50 -29.37 -4.03
N ARG A 1312 -13.76 -28.34 -4.45
CA ARG A 1312 -12.44 -28.53 -5.03
C ARG A 1312 -11.32 -28.48 -4.00
N PHE A 1313 -11.54 -27.81 -2.86
CA PHE A 1313 -10.55 -27.71 -1.79
C PHE A 1313 -11.19 -28.19 -0.49
N PRO A 1314 -11.24 -29.50 -0.26
CA PRO A 1314 -11.85 -29.99 0.98
C PRO A 1314 -11.16 -29.49 2.23
N GLY A 1315 -9.83 -29.37 2.21
CA GLY A 1315 -9.09 -28.95 3.38
C GLY A 1315 -9.19 -27.47 3.66
N VAL A 1316 -9.04 -26.65 2.63
CA VAL A 1316 -9.07 -25.20 2.78
C VAL A 1316 -10.49 -24.71 2.53
N GLU A 1317 -10.99 -23.87 3.42
CA GLU A 1317 -12.33 -23.32 3.32
C GLU A 1317 -12.27 -21.89 2.80
N VAL A 1318 -13.45 -21.38 2.41
CA VAL A 1318 -13.51 -20.02 1.88
C VAL A 1318 -13.34 -18.99 3.00
N ASP A 1319 -13.81 -19.31 4.21
CA ASP A 1319 -13.68 -18.39 5.33
C ASP A 1319 -12.27 -18.33 5.88
N ASP A 1320 -11.39 -19.24 5.49
CA ASP A 1320 -10.02 -19.24 6.01
C ASP A 1320 -9.22 -18.05 5.51
N PHE A 1321 -9.66 -17.40 4.44
CA PHE A 1321 -8.97 -16.25 3.87
C PHE A 1321 -9.45 -14.92 4.46
N LYS A 1322 -10.05 -14.95 5.63
CA LYS A 1322 -10.52 -13.73 6.27
C LYS A 1322 -9.36 -12.97 6.91
N ARG A 1323 -9.35 -11.66 6.70
CA ARG A 1323 -8.28 -10.83 7.25
C ARG A 1323 -8.40 -10.74 8.77
N THR A 1324 -7.25 -10.58 9.42
CA THR A 1324 -7.17 -10.50 10.87
C THR A 1324 -7.29 -9.07 11.38
N MET A 1325 -7.67 -8.12 10.52
CA MET A 1325 -7.76 -6.71 10.89
C MET A 1325 -6.40 -6.14 11.27
N TRP A 1326 -5.33 -6.67 10.66
CA TRP A 1326 -4.00 -6.15 10.93
C TRP A 1326 -3.75 -4.82 10.23
N LEU A 1327 -4.22 -4.69 9.00
CA LEU A 1327 -4.09 -3.47 8.20
C LEU A 1327 -5.47 -2.93 7.87
N PRO A 1328 -5.61 -1.62 7.71
CA PRO A 1328 -6.94 -1.07 7.38
C PRO A 1328 -7.46 -1.68 6.08
N ARG A 1329 -8.64 -2.29 6.17
CA ARG A 1329 -9.18 -3.01 5.02
C ARG A 1329 -9.44 -2.06 3.87
N GLU A 1330 -8.96 -2.43 2.69
CA GLU A 1330 -9.16 -1.62 1.50
C GLU A 1330 -10.58 -1.82 0.98
N LEU A 1331 -11.15 -0.75 0.44
CA LEU A 1331 -12.48 -0.84 -0.18
C LEU A 1331 -12.34 -1.16 -1.67
N GLY A 1332 -11.67 -2.28 -1.93
CA GLY A 1332 -11.41 -2.76 -3.27
C GLY A 1332 -11.72 -4.24 -3.37
N LYS A 1333 -10.93 -4.92 -4.21
CA LYS A 1333 -11.08 -6.35 -4.41
C LYS A 1333 -10.47 -7.18 -3.28
N GLY A 1334 -9.95 -6.54 -2.24
CA GLY A 1334 -9.38 -7.26 -1.12
C GLY A 1334 -9.95 -6.81 0.21
N TYR A 1335 -11.25 -6.49 0.24
CA TYR A 1335 -11.86 -6.00 1.46
C TYR A 1335 -11.89 -7.08 2.54
N TYR A 1336 -12.32 -8.29 2.18
CA TYR A 1336 -12.42 -9.39 3.13
C TYR A 1336 -11.46 -10.53 2.78
N TYR A 1337 -11.46 -10.99 1.54
CA TYR A 1337 -10.57 -12.06 1.13
C TYR A 1337 -9.20 -11.48 0.77
N ALA A 1338 -8.15 -12.09 1.31
CA ALA A 1338 -6.78 -11.63 1.06
C ALA A 1338 -6.34 -12.12 -0.31
N LEU A 1339 -6.50 -11.27 -1.32
CA LEU A 1339 -6.15 -11.64 -2.69
C LEU A 1339 -4.64 -11.57 -2.91
N GLU A 1340 -3.98 -10.56 -2.32
CA GLU A 1340 -2.54 -10.41 -2.52
C GLU A 1340 -1.78 -11.68 -2.14
N VAL A 1341 -2.25 -12.39 -1.11
CA VAL A 1341 -1.62 -13.66 -0.72
C VAL A 1341 -2.19 -14.83 -1.51
N ALA A 1342 -3.51 -14.83 -1.75
CA ALA A 1342 -4.12 -15.91 -2.50
C ALA A 1342 -3.49 -16.06 -3.88
N GLU A 1343 -3.16 -14.94 -4.52
CA GLU A 1343 -2.56 -15.00 -5.85
C GLU A 1343 -1.32 -15.88 -5.89
N GLN A 1344 -0.54 -15.89 -4.80
CA GLN A 1344 0.65 -16.71 -4.71
C GLN A 1344 0.46 -17.99 -3.92
N MET A 1345 -0.71 -18.16 -3.28
CA MET A 1345 -0.97 -19.35 -2.47
C MET A 1345 -1.78 -20.40 -3.20
N LEU A 1346 -2.71 -20.00 -4.07
CA LEU A 1346 -3.55 -20.93 -4.82
C LEU A 1346 -3.19 -20.99 -6.30
N GLY A 1347 -2.20 -20.23 -6.75
CA GLY A 1347 -1.79 -20.22 -8.13
C GLY A 1347 -0.79 -21.30 -8.50
N PHE A 1348 -0.58 -22.30 -7.64
CA PHE A 1348 0.37 -23.36 -7.94
C PHE A 1348 -0.25 -24.49 -8.75
N ASP A 1349 -1.55 -24.76 -8.56
CA ASP A 1349 -2.26 -25.79 -9.29
C ASP A 1349 -3.23 -25.16 -10.28
N ALA A 1350 -3.59 -25.94 -11.30
CA ALA A 1350 -4.51 -25.45 -12.32
C ALA A 1350 -5.88 -25.22 -11.73
N GLY A 1351 -6.49 -24.08 -12.07
CA GLY A 1351 -7.79 -23.74 -11.57
C GLY A 1351 -7.88 -22.29 -11.13
N TRP A 1352 -6.77 -21.74 -10.62
CA TRP A 1352 -6.76 -20.34 -10.20
C TRP A 1352 -6.60 -19.42 -11.40
N GLY A 1353 -5.66 -19.72 -12.29
CA GLY A 1353 -5.47 -18.92 -13.48
C GLY A 1353 -6.69 -18.90 -14.36
N GLY A 1354 -7.14 -20.07 -14.80
CA GLY A 1354 -8.35 -20.18 -15.59
C GLY A 1354 -8.20 -19.69 -17.01
N VAL A 1355 -9.00 -20.24 -17.91
CA VAL A 1355 -8.99 -19.80 -19.30
C VAL A 1355 -9.83 -18.54 -19.44
N LYS A 1356 -9.39 -17.64 -20.31
CA LYS A 1356 -10.10 -16.39 -20.61
C LYS A 1356 -10.39 -15.60 -19.33
N GLN A 1357 -9.40 -15.56 -18.44
CA GLN A 1357 -9.50 -14.82 -17.18
C GLN A 1357 -10.74 -15.25 -16.39
N SER A 1358 -10.90 -16.56 -16.26
CA SER A 1358 -12.01 -17.16 -15.54
C SER A 1358 -11.46 -17.93 -14.33
N GLY A 1359 -12.32 -18.73 -13.71
CA GLY A 1359 -11.90 -19.57 -12.60
C GLY A 1359 -12.36 -19.01 -11.27
N PHE A 1360 -11.56 -19.20 -10.22
CA PHE A 1360 -11.91 -18.71 -8.89
C PHE A 1360 -11.43 -17.29 -8.63
N ARG A 1361 -10.44 -16.81 -9.39
CA ARG A 1361 -9.93 -15.46 -9.18
C ARG A 1361 -10.99 -14.42 -9.47
N LYS A 1362 -11.65 -14.53 -10.62
CA LYS A 1362 -12.67 -13.54 -10.99
C LYS A 1362 -13.84 -13.60 -10.03
N GLU A 1363 -14.25 -14.80 -9.62
CA GLU A 1363 -15.37 -14.91 -8.69
C GLU A 1363 -15.02 -14.31 -7.32
N MET A 1364 -13.79 -14.56 -6.86
CA MET A 1364 -13.37 -13.96 -5.59
C MET A 1364 -13.30 -12.44 -5.70
N GLU A 1365 -12.84 -11.92 -6.82
CA GLU A 1365 -12.82 -10.48 -7.02
C GLU A 1365 -14.23 -9.90 -7.01
N THR A 1366 -15.17 -10.57 -7.68
CA THR A 1366 -16.55 -10.10 -7.68
C THR A 1366 -17.15 -10.14 -6.28
N ALA A 1367 -16.84 -11.18 -5.51
CA ALA A 1367 -17.34 -11.26 -4.14
C ALA A 1367 -16.76 -10.14 -3.28
N ASN A 1368 -15.47 -9.86 -3.43
CA ASN A 1368 -14.86 -8.76 -2.68
C ASN A 1368 -15.47 -7.43 -3.08
N LEU A 1369 -15.73 -7.23 -4.37
CA LEU A 1369 -16.38 -6.00 -4.81
C LEU A 1369 -17.78 -5.88 -4.22
N ASN A 1370 -18.52 -6.98 -4.16
CA ASN A 1370 -19.85 -6.95 -3.57
C ASN A 1370 -19.78 -6.62 -2.08
N LEU A 1371 -18.80 -7.18 -1.36
CA LEU A 1371 -18.65 -6.86 0.06
C LEU A 1371 -18.29 -5.39 0.25
N SER A 1372 -17.41 -4.86 -0.60
CA SER A 1372 -17.08 -3.43 -0.52
C SER A 1372 -18.30 -2.57 -0.80
N LEU A 1373 -19.13 -2.99 -1.77
CA LEU A 1373 -20.36 -2.26 -2.06
C LEU A 1373 -21.30 -2.29 -0.86
N VAL A 1374 -21.39 -3.44 -0.18
CA VAL A 1374 -22.24 -3.53 0.99
C VAL A 1374 -21.72 -2.63 2.11
N GLU A 1375 -20.41 -2.58 2.29
CA GLU A 1375 -19.84 -1.69 3.30
C GLU A 1375 -20.14 -0.23 2.97
N ALA A 1376 -20.00 0.15 1.70
CA ALA A 1376 -20.33 1.50 1.29
C ALA A 1376 -21.81 1.79 1.51
N GLN A 1377 -22.66 0.79 1.29
CA GLN A 1377 -24.09 0.96 1.52
C GLN A 1377 -24.38 1.16 3.00
N VAL A 1378 -23.66 0.45 3.88
CA VAL A 1378 -23.85 0.65 5.31
C VAL A 1378 -23.39 2.05 5.72
N SER A 1379 -22.27 2.50 5.15
CA SER A 1379 -21.80 3.86 5.46
C SER A 1379 -22.82 4.90 5.00
N LEU A 1380 -23.35 4.74 3.78
CA LEU A 1380 -24.39 5.64 3.30
C LEU A 1380 -25.64 5.54 4.17
N PHE A 1381 -25.94 4.34 4.69
CA PHE A 1381 -27.06 4.18 5.60
C PHE A 1381 -26.90 5.05 6.83
N HIS A 1382 -25.74 4.94 7.48
CA HIS A 1382 -25.50 5.77 8.67
C HIS A 1382 -25.54 7.26 8.33
N ALA A 1383 -24.92 7.65 7.21
CA ALA A 1383 -24.89 9.06 6.84
C ALA A 1383 -26.30 9.59 6.60
N TRP A 1384 -27.09 8.89 5.80
CA TRP A 1384 -28.46 9.31 5.52
C TRP A 1384 -29.33 9.25 6.76
N GLU A 1385 -29.07 8.30 7.65
CA GLU A 1385 -29.80 8.24 8.92
C GLU A 1385 -29.59 9.53 9.71
N TYR A 1386 -28.33 9.94 9.89
CA TYR A 1386 -28.06 11.18 10.59
C TYR A 1386 -28.68 12.37 9.86
N LEU A 1387 -28.53 12.41 8.53
CA LEU A 1387 -29.05 13.53 7.75
C LEU A 1387 -30.56 13.66 7.93
N LEU A 1388 -31.29 12.57 7.75
CA LEU A 1388 -32.74 12.61 7.87
C LEU A 1388 -33.17 12.88 9.31
N LEU A 1389 -32.43 12.35 10.29
CA LEU A 1389 -32.76 12.63 11.68
C LEU A 1389 -32.69 14.12 11.96
N GLU A 1390 -31.65 14.80 11.47
CA GLU A 1390 -31.56 16.24 11.69
C GLU A 1390 -32.56 17.01 10.83
N LEU A 1391 -32.86 16.51 9.63
CA LEU A 1391 -33.80 17.20 8.76
C LEU A 1391 -35.22 17.17 9.32
N THR A 1392 -35.61 16.05 9.94
CA THR A 1392 -36.93 15.96 10.55
C THR A 1392 -37.14 17.08 11.56
N LEU A 1393 -36.10 17.44 12.30
CA LEU A 1393 -36.18 18.58 13.21
C LEU A 1393 -36.12 19.89 12.43
N SER A 1394 -35.27 19.95 11.40
CA SER A 1394 -35.16 21.16 10.60
C SER A 1394 -36.47 21.49 9.89
N LEU A 1395 -37.05 20.51 9.22
CA LEU A 1395 -38.27 20.72 8.42
C LEU A 1395 -39.53 20.53 9.25
N LEU A 1396 -39.56 21.16 10.42
CA LEU A 1396 -40.74 21.16 11.27
C LEU A 1396 -41.92 21.96 10.70
N PRO A 1397 -41.70 23.05 9.95
CA PRO A 1397 -42.84 23.84 9.49
C PRO A 1397 -43.68 23.11 8.45
N LYS A 1398 -44.82 23.70 8.14
CA LYS A 1398 -45.80 23.11 7.22
C LYS A 1398 -45.47 23.56 5.80
N LYS A 1399 -44.47 22.91 5.22
CA LYS A 1399 -44.10 23.14 3.83
C LYS A 1399 -43.31 21.94 3.34
N GLU A 1400 -43.30 21.76 2.01
CA GLU A 1400 -42.69 20.60 1.38
C GLU A 1400 -43.05 19.30 2.10
N ASN A 1401 -44.26 19.28 2.69
CA ASN A 1401 -44.71 18.11 3.44
C ASN A 1401 -44.90 16.90 2.53
N ALA A 1402 -45.38 17.11 1.31
CA ALA A 1402 -45.68 16.00 0.43
C ALA A 1402 -44.44 15.16 0.15
N ALA A 1403 -43.44 15.76 -0.51
CA ALA A 1403 -42.21 15.03 -0.82
C ALA A 1403 -41.54 14.49 0.44
N PHE A 1404 -41.57 15.25 1.53
CA PHE A 1404 -40.94 14.80 2.77
C PHE A 1404 -41.59 13.51 3.27
N ALA A 1405 -42.92 13.51 3.38
CA ALA A 1405 -43.61 12.32 3.84
C ALA A 1405 -43.41 11.15 2.88
N ARG A 1406 -43.39 11.44 1.58
CA ARG A 1406 -43.17 10.37 0.61
C ARG A 1406 -41.80 9.73 0.81
N GLN A 1407 -40.77 10.56 0.98
CA GLN A 1407 -39.42 10.03 1.20
C GLN A 1407 -39.34 9.24 2.48
N VAL A 1408 -39.94 9.74 3.56
CA VAL A 1408 -39.87 9.04 4.85
C VAL A 1408 -40.58 7.69 4.73
N LEU A 1409 -41.77 7.67 4.15
CA LEU A 1409 -42.51 6.42 4.00
C LEU A 1409 -41.75 5.43 3.12
N GLN A 1410 -41.13 5.92 2.05
CA GLN A 1410 -40.34 5.04 1.19
C GLN A 1410 -39.18 4.44 1.95
N VAL A 1411 -38.50 5.26 2.76
CA VAL A 1411 -37.38 4.75 3.57
C VAL A 1411 -37.86 3.69 4.54
N VAL A 1412 -38.98 3.95 5.21
CA VAL A 1412 -39.52 2.98 6.17
C VAL A 1412 -39.87 1.67 5.46
N GLU A 1413 -40.50 1.77 4.29
CA GLU A 1413 -40.88 0.57 3.56
C GLU A 1413 -39.65 -0.21 3.11
N GLN A 1414 -38.62 0.48 2.63
CA GLN A 1414 -37.40 -0.19 2.22
C GLN A 1414 -36.75 -0.90 3.40
N CYS A 1415 -36.73 -0.25 4.56
CA CYS A 1415 -36.14 -0.88 5.75
C CYS A 1415 -36.93 -2.12 6.14
N LEU A 1416 -38.26 -2.01 6.19
CA LEU A 1416 -39.08 -3.14 6.58
C LEU A 1416 -38.98 -4.29 5.58
N GLU A 1417 -38.77 -3.98 4.30
CA GLU A 1417 -38.61 -5.03 3.31
C GLU A 1417 -37.25 -5.70 3.43
N ALA A 1418 -36.19 -4.91 3.67
CA ALA A 1418 -34.87 -5.51 3.85
C ALA A 1418 -34.82 -6.36 5.12
N ASN A 1419 -35.57 -5.98 6.15
CA ASN A 1419 -35.61 -6.77 7.37
C ASN A 1419 -36.17 -8.17 7.11
N GLN A 1420 -36.99 -8.33 6.07
CA GLN A 1420 -37.55 -9.62 5.71
C GLN A 1420 -36.68 -10.35 4.69
N ARG A 1421 -36.17 -9.65 3.69
CA ARG A 1421 -35.41 -10.29 2.63
C ARG A 1421 -34.10 -10.87 3.19
N SER A 1422 -33.34 -11.51 2.32
CA SER A 1422 -32.13 -12.21 2.75
C SER A 1422 -31.21 -11.28 3.52
N GLN A 1423 -30.76 -11.74 4.68
CA GLN A 1423 -29.89 -10.95 5.55
C GLN A 1423 -28.43 -11.23 5.22
N PRO A 1424 -27.53 -10.30 5.54
CA PRO A 1424 -26.10 -10.55 5.34
C PRO A 1424 -25.53 -11.39 6.47
N PRO A 1425 -24.32 -11.93 6.29
CA PRO A 1425 -23.71 -12.70 7.36
C PRO A 1425 -23.33 -11.84 8.56
N GLU A 1426 -23.27 -12.48 9.72
CA GLU A 1426 -22.95 -11.77 10.96
C GLU A 1426 -21.45 -11.77 11.26
N ASN A 1427 -20.69 -12.70 10.68
CA ASN A 1427 -19.25 -12.75 10.94
C ASN A 1427 -18.48 -11.75 10.07
N ILE A 1428 -19.00 -11.43 8.89
CA ILE A 1428 -18.33 -10.47 8.03
C ILE A 1428 -18.71 -9.04 8.40
N PHE A 1429 -20.01 -8.73 8.34
CA PHE A 1429 -20.52 -7.42 8.68
C PHE A 1429 -21.18 -7.43 10.05
N VAL A 1430 -21.56 -6.25 10.51
CA VAL A 1430 -22.21 -6.10 11.80
C VAL A 1430 -23.67 -6.51 11.70
N VAL A 1431 -24.18 -7.09 12.78
CA VAL A 1431 -25.58 -7.54 12.79
C VAL A 1431 -26.49 -6.33 12.62
N LEU A 1432 -27.39 -6.42 11.65
CA LEU A 1432 -28.31 -5.31 11.36
C LEU A 1432 -29.44 -5.22 12.37
N GLY A 1433 -29.76 -6.31 13.06
CA GLY A 1433 -30.79 -6.28 14.09
C GLY A 1433 -30.58 -5.17 15.08
N HIS A 1434 -31.56 -4.27 15.19
CA HIS A 1434 -31.60 -3.13 16.10
C HIS A 1434 -30.77 -1.97 15.55
N ALA A 1435 -30.14 -2.12 14.39
CA ALA A 1435 -29.36 -1.04 13.80
C ALA A 1435 -30.20 -0.14 12.89
N ARG A 1436 -31.20 -0.71 12.21
CA ARG A 1436 -32.04 0.04 11.29
C ARG A 1436 -33.49 0.10 11.76
N ALA A 1437 -33.78 -0.39 12.96
CA ALA A 1437 -35.14 -0.30 13.50
C ALA A 1437 -35.37 1.05 14.18
N GLY A 1438 -34.42 1.49 15.01
CA GLY A 1438 -34.54 2.79 15.65
C GLY A 1438 -34.65 3.93 14.66
N LEU A 1439 -34.08 3.76 13.46
CA LEU A 1439 -34.20 4.79 12.43
C LEU A 1439 -35.68 5.02 12.09
N ALA A 1440 -36.36 3.98 11.63
CA ALA A 1440 -37.79 4.11 11.34
C ALA A 1440 -38.57 4.48 12.58
N LEU A 1441 -38.13 4.02 13.76
CA LEU A 1441 -38.81 4.37 15.00
C LEU A 1441 -38.84 5.88 15.19
N THR A 1442 -37.68 6.52 15.16
CA THR A 1442 -37.62 7.97 15.36
C THR A 1442 -38.28 8.71 14.19
N LEU A 1443 -38.18 8.17 12.97
CA LEU A 1443 -38.86 8.80 11.85
C LEU A 1443 -40.36 8.87 12.10
N LEU A 1444 -40.98 7.74 12.43
CA LEU A 1444 -42.41 7.74 12.69
C LEU A 1444 -42.75 8.57 13.92
N GLN A 1445 -41.87 8.56 14.93
CA GLN A 1445 -42.05 9.42 16.10
C GLN A 1445 -42.22 10.87 15.69
N ARG A 1446 -41.22 11.41 14.98
CA ARG A 1446 -41.27 12.82 14.57
C ARG A 1446 -42.41 13.09 13.60
N LEU A 1447 -42.73 12.15 12.71
CA LEU A 1447 -43.86 12.37 11.80
C LEU A 1447 -45.18 12.42 12.54
N ALA A 1448 -45.30 11.64 13.63
CA ALA A 1448 -46.51 11.72 14.45
C ALA A 1448 -46.53 13.03 15.24
N ASP A 1449 -45.37 13.45 15.74
CA ASP A 1449 -45.30 14.76 16.40
C ASP A 1449 -45.73 15.87 15.46
N ALA A 1450 -45.41 15.73 14.17
CA ALA A 1450 -45.87 16.70 13.18
C ALA A 1450 -47.28 16.42 12.68
N ASN A 1451 -47.75 15.18 12.82
CA ASN A 1451 -49.11 14.80 12.42
C ASN A 1451 -49.34 15.09 10.93
N GLN A 1452 -48.50 14.47 10.10
CA GLN A 1452 -48.55 14.64 8.65
C GLN A 1452 -48.42 13.29 7.96
N LEU A 1453 -49.18 12.29 8.45
CA LEU A 1453 -49.15 10.96 7.88
C LEU A 1453 -50.37 10.72 7.00
N PRO A 1454 -50.24 9.97 5.91
CA PRO A 1454 -51.37 9.70 5.02
C PRO A 1454 -52.25 8.54 5.45
N ARG A 1455 -52.12 8.06 6.68
CA ARG A 1455 -52.91 6.94 7.20
C ARG A 1455 -52.99 5.81 6.18
N ASP A 1456 -51.81 5.43 5.67
CA ASP A 1456 -51.68 4.34 4.70
C ASP A 1456 -51.13 3.09 5.33
N VAL A 1457 -51.52 2.81 6.58
CA VAL A 1457 -51.01 1.64 7.29
C VAL A 1457 -51.55 0.34 6.74
N THR A 1458 -52.56 0.39 5.86
CA THR A 1458 -53.15 -0.83 5.33
C THR A 1458 -52.10 -1.78 4.74
N HIS A 1459 -51.01 -1.22 4.20
CA HIS A 1459 -49.94 -2.01 3.64
C HIS A 1459 -48.64 -1.93 4.42
N LEU A 1460 -48.43 -0.84 5.17
CA LEU A 1460 -47.18 -0.68 5.92
C LEU A 1460 -47.08 -1.67 7.06
N LEU A 1461 -48.20 -2.06 7.67
CA LEU A 1461 -48.18 -2.95 8.81
C LEU A 1461 -47.95 -4.41 8.43
N ALA A 1462 -48.19 -4.78 7.17
CA ALA A 1462 -48.00 -6.17 6.76
C ALA A 1462 -46.55 -6.61 6.94
N LEU A 1463 -45.60 -5.74 6.57
CA LEU A 1463 -44.20 -6.08 6.72
C LEU A 1463 -43.82 -6.23 8.19
N VAL A 1464 -44.35 -5.35 9.05
CA VAL A 1464 -44.06 -5.44 10.48
C VAL A 1464 -44.62 -6.74 11.04
N SER A 1465 -45.83 -7.12 10.62
CA SER A 1465 -46.42 -8.36 11.11
C SER A 1465 -45.60 -9.56 10.64
N SER A 1466 -45.18 -9.56 9.37
CA SER A 1466 -44.35 -10.65 8.88
C SER A 1466 -43.04 -10.74 9.64
N ALA A 1467 -42.44 -9.60 9.96
CA ALA A 1467 -41.21 -9.60 10.73
C ALA A 1467 -41.42 -10.15 12.14
N ILE A 1468 -42.50 -9.72 12.79
CA ILE A 1468 -42.79 -10.20 14.14
C ILE A 1468 -43.10 -11.69 14.13
N HIS A 1469 -43.64 -12.20 13.02
CA HIS A 1469 -43.95 -13.62 12.95
C HIS A 1469 -42.71 -14.45 12.65
N ALA A 1470 -41.81 -13.95 11.82
CA ALA A 1470 -40.61 -14.69 11.42
C ALA A 1470 -39.36 -14.23 12.15
N VAL A 1471 -39.49 -13.83 13.42
CA VAL A 1471 -38.35 -13.38 14.21
C VAL A 1471 -37.90 -14.43 15.23
N GLU A 1472 -38.57 -15.58 15.29
CA GLU A 1472 -38.30 -16.70 16.19
C GLU A 1472 -38.82 -16.41 17.60
N ASN A 1473 -39.47 -15.28 17.83
CA ASN A 1473 -40.05 -14.94 19.12
C ASN A 1473 -38.98 -14.88 20.20
N PRO A 1474 -37.99 -13.99 20.10
CA PRO A 1474 -36.96 -13.89 21.13
C PRO A 1474 -37.36 -12.95 22.25
N PHE A 1475 -38.63 -13.04 22.68
CA PHE A 1475 -39.18 -12.12 23.67
C PHE A 1475 -38.19 -11.81 24.80
N GLY A 1476 -37.61 -12.84 25.40
CA GLY A 1476 -36.70 -12.65 26.51
C GLY A 1476 -35.29 -13.13 26.25
N ALA A 1477 -34.92 -13.30 24.97
CA ALA A 1477 -33.62 -13.84 24.62
C ALA A 1477 -32.58 -12.71 24.63
N ASN A 1478 -31.39 -13.00 24.10
CA ASN A 1478 -30.35 -11.98 24.03
C ASN A 1478 -30.77 -10.84 23.10
N ASP A 1479 -31.63 -11.13 22.12
CA ASP A 1479 -32.07 -10.11 21.17
C ASP A 1479 -33.21 -9.28 21.77
N LEU A 1480 -33.01 -8.75 22.97
CA LEU A 1480 -34.01 -7.95 23.64
C LEU A 1480 -34.13 -6.56 23.01
N PRO A 1481 -33.03 -5.88 22.69
CA PRO A 1481 -33.16 -4.59 21.99
C PRO A 1481 -33.94 -4.70 20.69
N TYR A 1482 -33.74 -5.77 19.92
CA TYR A 1482 -34.46 -5.95 18.67
C TYR A 1482 -35.96 -6.09 18.92
N PHE A 1483 -36.33 -6.92 19.89
CA PHE A 1483 -37.74 -7.09 20.23
C PHE A 1483 -38.35 -5.77 20.69
N ARG A 1484 -37.63 -5.01 21.52
CA ARG A 1484 -38.16 -3.76 22.04
C ARG A 1484 -38.35 -2.74 20.92
N THR A 1485 -37.40 -2.64 20.00
CA THR A 1485 -37.53 -1.68 18.91
C THR A 1485 -38.64 -2.09 17.96
N LEU A 1486 -38.81 -3.40 17.71
CA LEU A 1486 -39.93 -3.84 16.90
C LEU A 1486 -41.26 -3.51 17.57
N LEU A 1487 -41.34 -3.69 18.89
CA LEU A 1487 -42.56 -3.34 19.61
C LEU A 1487 -42.85 -1.85 19.53
N LYS A 1488 -41.83 -1.01 19.68
CA LYS A 1488 -42.05 0.43 19.55
C LYS A 1488 -42.47 0.80 18.14
N ILE A 1489 -41.88 0.15 17.13
CA ILE A 1489 -42.25 0.42 15.75
C ILE A 1489 -43.71 0.07 15.51
N LEU A 1490 -44.13 -1.13 15.92
CA LEU A 1490 -45.51 -1.51 15.73
C LEU A 1490 -46.45 -0.62 16.53
N PHE A 1491 -46.00 -0.15 17.69
CA PHE A 1491 -46.80 0.78 18.48
C PHE A 1491 -47.06 2.07 17.72
N VAL A 1492 -45.99 2.69 17.19
CA VAL A 1492 -46.17 3.93 16.46
C VAL A 1492 -46.98 3.69 15.18
N VAL A 1493 -46.81 2.53 14.55
CA VAL A 1493 -47.57 2.24 13.33
C VAL A 1493 -49.06 2.13 13.65
N LEU A 1494 -49.42 1.36 14.67
CA LEU A 1494 -50.84 1.23 15.01
C LEU A 1494 -51.40 2.53 15.55
N ARG A 1495 -50.57 3.39 16.14
CA ARG A 1495 -51.06 4.71 16.54
C ARG A 1495 -51.36 5.57 15.32
N ALA A 1496 -50.48 5.57 14.33
CA ALA A 1496 -50.76 6.28 13.08
C ALA A 1496 -52.02 5.74 12.43
N ALA A 1497 -52.21 4.42 12.48
CA ALA A 1497 -53.43 3.83 11.94
C ALA A 1497 -54.66 4.32 12.70
N LYS A 1498 -54.54 4.45 14.03
CA LYS A 1498 -55.67 4.95 14.81
C LYS A 1498 -56.12 6.33 14.33
N GLN A 1499 -55.19 7.16 13.88
CA GLN A 1499 -55.55 8.50 13.41
C GLN A 1499 -56.44 8.45 12.18
N GLY A 1500 -56.43 7.36 11.44
CA GLY A 1500 -57.26 7.22 10.25
C GLY A 1500 -58.70 6.91 10.58
N VAL A 1509 -64.60 -0.87 7.96
CA VAL A 1509 -63.33 -0.44 7.41
C VAL A 1509 -62.42 -1.65 7.21
N ALA A 1510 -61.54 -1.57 6.21
CA ALA A 1510 -60.63 -2.66 5.89
C ALA A 1510 -59.42 -2.71 6.82
N ILE A 1511 -59.38 -1.88 7.85
CA ILE A 1511 -58.24 -1.86 8.76
C ILE A 1511 -58.38 -2.88 9.89
N THR A 1512 -59.61 -3.17 10.32
CA THR A 1512 -59.80 -4.03 11.49
C THR A 1512 -59.32 -5.44 11.24
N GLN A 1513 -59.60 -6.01 10.06
CA GLN A 1513 -59.15 -7.37 9.77
C GLN A 1513 -57.64 -7.43 9.72
N GLN A 1514 -56.98 -6.34 9.32
CA GLN A 1514 -55.53 -6.32 9.21
C GLN A 1514 -54.85 -6.03 10.54
N VAL A 1515 -55.54 -5.39 11.49
CA VAL A 1515 -54.93 -5.10 12.79
C VAL A 1515 -55.37 -6.06 13.89
N LEU A 1516 -56.34 -6.93 13.62
CA LEU A 1516 -56.73 -7.90 14.64
C LEU A 1516 -55.68 -9.01 14.81
N THR A 1517 -54.79 -9.17 13.82
CA THR A 1517 -53.76 -10.20 13.95
C THR A 1517 -52.84 -9.90 15.13
N ILE A 1518 -52.51 -8.63 15.35
CA ILE A 1518 -51.63 -8.28 16.46
C ILE A 1518 -52.37 -8.44 17.78
N LEU A 1519 -53.66 -8.14 17.80
CA LEU A 1519 -54.44 -8.28 19.03
C LEU A 1519 -54.69 -9.74 19.38
N ASP A 1520 -54.68 -10.62 18.39
CA ASP A 1520 -54.99 -12.03 18.64
C ASP A 1520 -53.74 -12.87 18.87
N ARG A 1521 -52.72 -12.73 18.02
CA ARG A 1521 -51.57 -13.62 18.03
C ARG A 1521 -50.33 -13.01 18.65
N VAL A 1522 -50.18 -11.69 18.62
CA VAL A 1522 -48.94 -11.05 19.05
C VAL A 1522 -49.04 -10.69 20.53
N VAL A 1523 -50.01 -9.84 20.88
CA VAL A 1523 -50.08 -9.33 22.25
C VAL A 1523 -50.26 -10.46 23.24
N ALA A 1524 -51.17 -11.41 22.93
CA ALA A 1524 -51.47 -12.49 23.86
C ALA A 1524 -50.25 -13.38 24.06
N ARG A 1525 -49.59 -13.76 22.97
CA ARG A 1525 -48.43 -14.65 23.06
C ARG A 1525 -47.30 -14.00 23.86
N CYS A 1526 -46.99 -12.74 23.56
CA CYS A 1526 -45.93 -12.05 24.28
C CYS A 1526 -46.28 -11.89 25.76
N PHE A 1527 -47.53 -11.54 26.06
CA PHE A 1527 -47.94 -11.40 27.44
C PHE A 1527 -47.83 -12.72 28.19
N ARG A 1528 -48.24 -13.82 27.56
CA ARG A 1528 -48.13 -15.12 28.22
C ARG A 1528 -46.67 -15.50 28.44
N ALA A 1529 -45.82 -15.25 27.45
CA ALA A 1529 -44.40 -15.55 27.60
C ALA A 1529 -43.79 -14.74 28.75
N LEU A 1530 -44.13 -13.46 28.83
CA LEU A 1530 -43.60 -12.62 29.90
C LEU A 1530 -44.10 -13.09 31.26
N ALA A 1531 -45.39 -13.41 31.36
CA ALA A 1531 -45.94 -13.89 32.62
C ALA A 1531 -45.30 -15.21 33.04
N ALA A 1532 -44.96 -16.06 32.07
CA ALA A 1532 -44.34 -17.35 32.40
C ALA A 1532 -42.87 -17.17 32.79
N LEU A 1533 -42.18 -16.21 32.19
CA LEU A 1533 -40.76 -16.01 32.52
C LEU A 1533 -40.61 -15.29 33.86
N VAL A 1534 -41.40 -14.25 34.10
CA VAL A 1534 -41.27 -13.48 35.33
C VAL A 1534 -41.55 -14.34 36.55
N HIS A 1535 -42.30 -15.43 36.40
CA HIS A 1535 -42.64 -16.34 37.49
C HIS A 1535 -42.99 -15.58 38.77
N THR A 1547 -35.78 -5.44 33.06
CA THR A 1547 -35.97 -6.30 31.89
C THR A 1547 -37.45 -6.58 31.69
N ALA A 1548 -38.05 -7.29 32.63
CA ALA A 1548 -39.45 -7.66 32.55
C ALA A 1548 -40.37 -6.46 32.76
N PRO A 1549 -40.07 -5.55 33.70
CA PRO A 1549 -40.99 -4.41 33.91
C PRO A 1549 -41.17 -3.55 32.67
N GLU A 1550 -40.08 -3.13 32.03
CA GLU A 1550 -40.20 -2.25 30.86
C GLU A 1550 -40.87 -2.98 29.70
N ASP A 1551 -40.56 -4.26 29.50
CA ASP A 1551 -41.20 -5.01 28.42
C ASP A 1551 -42.70 -5.14 28.65
N LEU A 1552 -43.10 -5.43 29.88
CA LEU A 1552 -44.52 -5.55 30.19
C LEU A 1552 -45.23 -4.21 30.05
N ALA A 1553 -44.58 -3.12 30.45
CA ALA A 1553 -45.16 -1.80 30.28
C ALA A 1553 -45.32 -1.47 28.80
N LEU A 1554 -44.33 -1.83 27.98
CA LEU A 1554 -44.42 -1.59 26.55
C LEU A 1554 -45.54 -2.40 25.92
N ILE A 1555 -45.71 -3.65 26.34
CA ILE A 1555 -46.80 -4.47 25.82
C ILE A 1555 -48.15 -3.88 26.25
N THR A 1556 -48.24 -3.39 27.48
CA THR A 1556 -49.47 -2.77 27.95
C THR A 1556 -49.80 -1.54 27.12
N ALA A 1557 -48.79 -0.69 26.86
CA ALA A 1557 -49.02 0.49 26.04
C ALA A 1557 -49.43 0.10 24.62
N ILE A 1558 -48.81 -0.95 24.07
CA ILE A 1558 -49.16 -1.43 22.74
C ILE A 1558 -50.64 -1.82 22.70
N LEU A 1559 -51.08 -2.63 23.67
CA LEU A 1559 -52.46 -3.05 23.69
C LEU A 1559 -53.41 -1.87 23.86
N GLN A 1560 -53.04 -0.92 24.73
CA GLN A 1560 -53.88 0.25 24.94
C GLN A 1560 -54.05 1.04 23.66
N ALA A 1561 -52.93 1.33 22.97
CA ALA A 1561 -53.00 2.11 21.74
C ALA A 1561 -53.62 1.33 20.59
N CYS A 1562 -53.61 -0.02 20.66
CA CYS A 1562 -54.19 -0.81 19.60
C CYS A 1562 -55.71 -0.96 19.76
N LEU A 1563 -56.19 -0.99 21.00
CA LEU A 1563 -57.63 -1.07 21.24
C LEU A 1563 -58.36 0.23 20.92
N SER A 1564 -57.67 1.25 20.45
CA SER A 1564 -58.26 2.55 20.16
C SER A 1564 -58.59 2.76 18.69
N VAL A 1565 -58.29 1.78 17.83
CA VAL A 1565 -58.56 1.95 16.40
C VAL A 1565 -60.07 1.97 16.18
N PRO A 1566 -60.60 2.84 15.31
CA PRO A 1566 -62.06 2.90 15.15
C PRO A 1566 -62.67 1.58 14.69
N GLY A 1567 -61.93 0.78 13.93
CA GLY A 1567 -62.45 -0.50 13.46
C GLY A 1567 -62.74 -1.51 14.55
N ILE A 1568 -62.34 -1.23 15.78
CA ILE A 1568 -62.55 -2.18 16.87
C ILE A 1568 -63.86 -1.91 17.62
N GLU A 1569 -64.40 -0.70 17.55
CA GLU A 1569 -65.63 -0.37 18.27
C GLU A 1569 -66.84 -1.13 17.73
N GLN A 1570 -66.71 -1.80 16.59
CA GLN A 1570 -67.79 -2.58 16.02
C GLN A 1570 -67.49 -4.07 16.00
N CYS A 1571 -66.23 -4.45 15.82
CA CYS A 1571 -65.78 -5.83 15.90
C CYS A 1571 -65.55 -6.32 17.33
N GLN A 1572 -66.10 -5.62 18.33
CA GLN A 1572 -65.92 -6.04 19.71
C GLN A 1572 -66.46 -7.45 19.92
N VAL A 1573 -67.62 -7.74 19.33
CA VAL A 1573 -68.15 -9.11 19.29
C VAL A 1573 -67.10 -10.10 18.79
N GLN A 1574 -66.59 -9.87 17.57
CA GLN A 1574 -65.60 -10.78 17.00
C GLN A 1574 -64.34 -10.93 17.86
N VAL A 1575 -63.96 -9.89 18.59
CA VAL A 1575 -62.70 -9.97 19.35
C VAL A 1575 -62.91 -10.47 20.77
N LEU A 1576 -64.14 -10.50 21.26
CA LEU A 1576 -64.39 -11.04 22.60
C LEU A 1576 -63.87 -12.47 22.72
N ASN A 1577 -64.12 -13.29 21.70
CA ASN A 1577 -63.70 -14.70 21.77
C ASN A 1577 -62.18 -14.85 21.71
N ILE A 1578 -61.50 -14.10 20.82
CA ILE A 1578 -60.05 -14.21 20.76
C ILE A 1578 -59.41 -13.69 22.04
N MET A 1579 -59.99 -12.64 22.64
CA MET A 1579 -59.43 -12.13 23.89
C MET A 1579 -59.74 -13.04 25.08
N ALA A 1580 -60.83 -13.82 25.00
CA ALA A 1580 -61.18 -14.72 26.09
C ALA A 1580 -60.56 -16.10 25.94
N ALA A 1581 -60.05 -16.44 24.76
CA ALA A 1581 -59.52 -17.79 24.54
C ALA A 1581 -58.23 -18.03 25.33
N HIS A 1582 -57.41 -17.00 25.52
CA HIS A 1582 -56.14 -17.17 26.21
C HIS A 1582 -56.25 -17.02 27.72
N ASP A 1583 -57.41 -16.60 28.23
CA ASP A 1583 -57.63 -16.47 29.67
C ASP A 1583 -56.56 -15.58 30.31
N VAL A 1584 -56.27 -14.45 29.65
CA VAL A 1584 -55.23 -13.55 30.13
C VAL A 1584 -55.57 -12.97 31.50
N PHE A 1585 -56.86 -12.82 31.79
CA PHE A 1585 -57.25 -12.21 33.06
C PHE A 1585 -56.74 -13.03 34.25
N GLN A 1586 -56.73 -14.35 34.13
CA GLN A 1586 -56.25 -15.19 35.24
C GLN A 1586 -54.78 -14.89 35.54
N VAL A 1587 -53.93 -14.92 34.53
CA VAL A 1587 -52.52 -14.66 34.75
C VAL A 1587 -52.30 -13.22 35.20
N ALA A 1588 -53.10 -12.28 34.70
CA ALA A 1588 -52.97 -10.89 35.12
C ALA A 1588 -53.26 -10.75 36.61
N VAL A 1589 -54.37 -11.34 37.07
CA VAL A 1589 -54.70 -11.28 38.50
C VAL A 1589 -53.65 -12.03 39.32
N ALA A 1590 -53.10 -13.11 38.78
CA ALA A 1590 -52.06 -13.84 39.50
C ALA A 1590 -50.83 -12.97 39.71
N LEU A 1591 -50.33 -12.36 38.63
CA LEU A 1591 -49.20 -11.45 38.77
C LEU A 1591 -49.53 -10.26 39.66
N PHE A 1592 -50.80 -9.84 39.69
CA PHE A 1592 -51.18 -8.74 40.57
C PHE A 1592 -51.11 -9.13 42.03
N SER A 1593 -51.27 -10.41 42.34
CA SER A 1593 -51.21 -10.89 43.73
C SER A 1593 -49.80 -10.74 44.29
N PRO A 1622 -43.41 -3.39 43.52
CA PRO A 1622 -44.71 -3.87 43.03
C PRO A 1622 -45.04 -3.34 41.63
N VAL A 1623 -44.01 -3.05 40.85
CA VAL A 1623 -44.22 -2.54 39.49
C VAL A 1623 -44.93 -3.59 38.64
N TYR A 1624 -44.67 -4.87 38.88
CA TYR A 1624 -45.35 -5.92 38.12
C TYR A 1624 -46.85 -5.88 38.37
N GLY A 1625 -47.26 -5.70 39.62
CA GLY A 1625 -48.67 -5.56 39.91
C GLY A 1625 -49.28 -4.34 39.25
N GLU A 1626 -48.54 -3.22 39.25
CA GLU A 1626 -49.01 -2.02 38.58
C GLU A 1626 -49.27 -2.29 37.10
N LEU A 1627 -48.30 -2.93 36.43
CA LEU A 1627 -48.44 -3.16 35.00
C LEU A 1627 -49.57 -4.15 34.71
N ALA A 1628 -49.72 -5.18 35.55
CA ALA A 1628 -50.83 -6.11 35.37
C ALA A 1628 -52.17 -5.41 35.56
N LEU A 1629 -52.25 -4.50 36.53
CA LEU A 1629 -53.47 -3.75 36.75
C LEU A 1629 -53.80 -2.87 35.56
N LEU A 1630 -52.80 -2.18 35.02
CA LEU A 1630 -53.03 -1.36 33.82
C LEU A 1630 -53.44 -2.23 32.64
N PHE A 1631 -52.86 -3.43 32.54
CA PHE A 1631 -53.20 -4.33 31.44
C PHE A 1631 -54.66 -4.78 31.53
N LEU A 1632 -55.09 -5.23 32.70
CA LEU A 1632 -56.49 -5.61 32.86
C LEU A 1632 -57.42 -4.42 32.72
N LEU A 1633 -56.94 -3.21 33.05
CA LEU A 1633 -57.74 -2.02 32.82
C LEU A 1633 -57.99 -1.81 31.33
N GLU A 1634 -56.91 -1.75 30.55
CA GLU A 1634 -57.07 -1.60 29.10
C GLU A 1634 -57.89 -2.73 28.51
N LEU A 1635 -57.80 -3.93 29.10
CA LEU A 1635 -58.66 -5.03 28.67
C LEU A 1635 -60.12 -4.72 28.93
N SER A 1636 -60.42 -4.10 30.08
CA SER A 1636 -61.80 -3.77 30.42
C SER A 1636 -62.37 -2.66 29.55
N ALA A 1637 -61.58 -2.09 28.62
CA ALA A 1637 -62.08 -1.03 27.76
C ALA A 1637 -63.27 -1.47 26.91
N LEU A 1638 -63.44 -2.77 26.72
CA LEU A 1638 -64.56 -3.27 25.93
C LEU A 1638 -65.72 -3.69 26.84
N PRO A 1639 -66.96 -3.41 26.45
CA PRO A 1639 -68.08 -3.68 27.37
C PRO A 1639 -68.17 -5.13 27.83
N ALA A 1640 -68.06 -6.08 26.90
CA ALA A 1640 -68.05 -7.49 27.29
C ALA A 1640 -66.91 -7.77 28.27
N LEU A 1641 -65.71 -7.30 27.96
CA LEU A 1641 -64.59 -7.48 28.89
C LEU A 1641 -64.79 -6.67 30.16
N ALA A 1642 -65.46 -5.52 30.05
CA ALA A 1642 -65.73 -4.71 31.25
C ALA A 1642 -66.60 -5.48 32.23
N GLU A 1643 -67.69 -6.09 31.73
CA GLU A 1643 -68.56 -6.87 32.61
C GLU A 1643 -67.86 -8.13 33.09
N HIS A 1644 -67.04 -8.75 32.22
CA HIS A 1644 -66.32 -9.94 32.64
C HIS A 1644 -65.40 -9.64 33.81
N LEU A 1645 -64.69 -8.51 33.77
CA LEU A 1645 -63.88 -8.10 34.91
C LEU A 1645 -64.77 -7.68 36.08
N ALA A 1646 -65.94 -7.10 35.79
CA ALA A 1646 -66.87 -6.68 36.84
C ALA A 1646 -67.47 -7.86 37.57
N CYS A 1647 -67.32 -9.08 37.05
CA CYS A 1647 -67.81 -10.26 37.76
C CYS A 1647 -67.03 -10.44 39.05
N ASP A 1648 -67.49 -11.38 39.88
CA ASP A 1648 -66.96 -11.51 41.23
C ASP A 1648 -65.53 -12.02 41.25
N GLY A 1649 -65.06 -12.61 40.16
CA GLY A 1649 -63.64 -12.96 40.03
C GLY A 1649 -62.71 -11.84 40.49
N LEU A 1650 -63.10 -10.59 40.18
CA LEU A 1650 -62.26 -9.45 40.53
C LEU A 1650 -62.30 -9.17 42.03
N LEU A 1651 -63.50 -8.99 42.60
CA LEU A 1651 -63.62 -8.55 43.98
C LEU A 1651 -62.88 -9.47 44.93
N GLY A 1652 -62.88 -10.78 44.65
CA GLY A 1652 -62.18 -11.72 45.50
C GLY A 1652 -60.73 -11.32 45.74
N HIS A 1653 -59.94 -11.23 44.66
CA HIS A 1653 -58.54 -10.84 44.80
C HIS A 1653 -58.40 -9.38 45.18
N LEU A 1654 -59.36 -8.53 44.80
CA LEU A 1654 -59.29 -7.13 45.17
C LEU A 1654 -59.35 -6.95 46.68
N ALA A 1655 -60.10 -7.80 47.36
CA ALA A 1655 -60.19 -7.75 48.82
C ALA A 1655 -59.20 -8.68 49.51
N ALA A 1656 -58.66 -9.66 48.78
CA ALA A 1656 -57.67 -10.59 49.35
C ALA A 1656 -56.24 -10.24 48.99
N ALA A 1657 -56.03 -9.27 48.09
CA ALA A 1657 -54.67 -8.92 47.67
C ALA A 1657 -53.80 -8.59 48.88
N ARG A 1658 -52.54 -9.02 48.80
CA ARG A 1658 -51.58 -8.70 49.86
C ARG A 1658 -51.23 -7.21 49.89
N LEU A 1659 -51.42 -6.49 48.79
CA LEU A 1659 -51.22 -5.05 48.80
C LEU A 1659 -52.09 -4.35 49.84
N ALA A 1660 -53.20 -4.98 50.25
CA ALA A 1660 -54.05 -4.34 51.25
C ALA A 1660 -53.32 -4.17 52.58
N GLY A 1661 -52.23 -4.92 52.78
CA GLY A 1661 -51.43 -4.69 53.97
C GLY A 1661 -50.89 -3.28 54.02
N TYR A 1662 -50.21 -2.86 52.95
CA TYR A 1662 -49.72 -1.49 52.88
C TYR A 1662 -50.86 -0.49 52.72
N MET A 1663 -51.96 -0.88 52.06
CA MET A 1663 -53.05 0.07 51.88
C MET A 1663 -53.69 0.44 53.21
N ARG A 1664 -53.89 -0.54 54.11
CA ARG A 1664 -54.51 -0.24 55.39
C ARG A 1664 -53.65 0.70 56.22
N ARG A 1665 -52.34 0.70 56.01
CA ARG A 1665 -51.46 1.59 56.75
C ARG A 1665 -51.73 3.04 56.37
N THR A 1666 -51.62 3.93 57.36
CA THR A 1666 -51.88 5.35 57.14
C THR A 1666 -50.76 6.04 56.37
N ASN A 1667 -49.62 5.39 56.16
CA ASN A 1667 -48.51 6.01 55.46
C ASN A 1667 -48.80 6.31 54.00
N VAL A 1668 -49.92 5.82 53.46
CA VAL A 1668 -50.25 6.07 52.07
C VAL A 1668 -50.28 7.57 51.80
N GLY A 1669 -49.81 7.96 50.63
CA GLY A 1669 -49.75 9.36 50.25
C GLY A 1669 -49.04 9.57 48.93
N PRO A 1670 -49.33 10.66 48.23
CA PRO A 1670 -48.68 10.86 46.93
C PRO A 1670 -47.22 11.24 47.05
N PHE A 1671 -46.86 12.05 48.05
CA PHE A 1671 -45.49 12.49 48.26
C PHE A 1671 -44.86 11.82 49.48
N ALA A 1672 -45.41 10.69 49.92
CA ALA A 1672 -44.88 10.02 51.11
C ALA A 1672 -43.42 9.65 50.90
N GLU A 1673 -42.64 9.78 51.99
CA GLU A 1673 -41.20 9.51 51.89
C GLU A 1673 -40.94 8.10 51.42
N ASN A 1674 -41.66 7.11 51.97
CA ASN A 1674 -41.44 5.73 51.59
C ASN A 1674 -41.79 5.51 50.12
N ALA A 1675 -40.90 4.80 49.41
CA ALA A 1675 -41.16 4.48 48.02
C ALA A 1675 -42.40 3.60 47.87
N GLY A 1676 -42.58 2.64 48.76
CA GLY A 1676 -43.73 1.76 48.68
C GLY A 1676 -45.04 2.50 48.82
N ALA A 1677 -45.11 3.43 49.79
CA ALA A 1677 -46.37 4.13 50.03
C ALA A 1677 -46.78 4.97 48.82
N ALA A 1678 -45.82 5.73 48.27
CA ALA A 1678 -46.12 6.53 47.09
C ALA A 1678 -46.46 5.65 45.90
N ARG A 1679 -45.75 4.53 45.74
CA ARG A 1679 -46.03 3.64 44.62
C ARG A 1679 -47.45 3.10 44.72
N CYS A 1680 -47.86 2.65 45.91
CA CYS A 1680 -49.21 2.15 46.09
C CYS A 1680 -50.25 3.25 45.85
N TYR A 1681 -50.00 4.45 46.39
CA TYR A 1681 -50.93 5.55 46.18
C TYR A 1681 -51.10 5.84 44.70
N ALA A 1682 -50.00 5.80 43.93
CA ALA A 1682 -50.09 6.07 42.50
C ALA A 1682 -50.83 4.95 41.78
N ILE A 1683 -50.51 3.69 42.10
CA ILE A 1683 -51.17 2.56 41.47
C ILE A 1683 -52.67 2.60 41.74
N TRP A 1684 -53.07 3.15 42.89
CA TRP A 1684 -54.49 3.31 43.19
C TRP A 1684 -55.11 4.51 42.47
N ALA A 1685 -54.40 5.63 42.42
CA ALA A 1685 -55.00 6.84 41.86
C ALA A 1685 -55.11 6.77 40.34
N LYS A 1686 -54.04 6.32 39.67
CA LYS A 1686 -54.00 6.35 38.22
C LYS A 1686 -54.71 5.17 37.56
N CYS A 1687 -54.86 4.05 38.27
CA CYS A 1687 -55.36 2.83 37.67
C CYS A 1687 -56.66 2.32 38.27
N LEU A 1688 -56.79 2.35 39.60
CA LEU A 1688 -57.94 1.71 40.23
C LEU A 1688 -59.23 2.47 39.94
N LEU A 1689 -59.19 3.81 39.91
CA LEU A 1689 -60.42 4.57 39.74
C LEU A 1689 -60.98 4.47 38.32
N PRO A 1690 -60.16 4.60 37.26
CA PRO A 1690 -60.72 4.36 35.92
C PRO A 1690 -61.30 2.96 35.76
N LEU A 1691 -60.67 1.96 36.38
CA LEU A 1691 -61.21 0.60 36.30
C LEU A 1691 -62.53 0.51 37.05
N LEU A 1692 -62.61 1.12 38.23
CA LEU A 1692 -63.87 1.16 38.96
C LEU A 1692 -64.98 1.76 38.11
N LEU A 1693 -64.73 2.93 37.53
CA LEU A 1693 -65.72 3.55 36.65
C LEU A 1693 -66.08 2.64 35.49
N ASN A 1694 -65.09 1.96 34.90
CA ASN A 1694 -65.36 1.11 33.74
C ASN A 1694 -66.27 -0.06 34.12
N ILE A 1695 -65.98 -0.72 35.25
CA ILE A 1695 -66.79 -1.85 35.66
C ILE A 1695 -68.14 -1.40 36.18
N LEU A 1696 -68.24 -0.16 36.66
CA LEU A 1696 -69.53 0.37 37.06
C LEU A 1696 -70.41 0.68 35.84
N ALA A 1697 -69.79 1.10 34.74
CA ALA A 1697 -70.56 1.34 33.53
C ALA A 1697 -71.36 0.11 33.12
N ALA A 1698 -70.74 -1.07 33.21
CA ALA A 1698 -71.41 -2.31 32.83
C ALA A 1698 -72.68 -2.49 33.64
N LEU A 1699 -72.53 -2.71 34.96
CA LEU A 1699 -73.65 -2.80 35.88
C LEU A 1699 -73.27 -2.12 37.18
N GLY A 1700 -74.08 -1.16 37.61
CA GLY A 1700 -73.82 -0.45 38.85
C GLY A 1700 -74.73 -0.86 39.98
N SER A 1701 -76.01 -1.11 39.66
CA SER A 1701 -76.97 -1.44 40.70
C SER A 1701 -76.58 -2.70 41.48
N THR A 1702 -75.91 -3.64 40.81
CA THR A 1702 -75.54 -4.89 41.48
C THR A 1702 -74.23 -4.76 42.25
N VAL A 1703 -73.24 -4.07 41.69
CA VAL A 1703 -71.93 -3.94 42.32
C VAL A 1703 -71.84 -2.76 43.27
N ALA A 1704 -72.93 -2.01 43.46
CA ALA A 1704 -72.89 -0.89 44.40
C ALA A 1704 -72.56 -1.34 45.82
N PRO A 1705 -73.18 -2.38 46.38
CA PRO A 1705 -72.74 -2.87 47.69
C PRO A 1705 -71.25 -3.16 47.76
N GLU A 1706 -70.69 -3.76 46.70
CA GLU A 1706 -69.27 -4.12 46.72
C GLU A 1706 -68.39 -2.89 46.81
N VAL A 1707 -68.62 -1.90 45.94
CA VAL A 1707 -67.80 -0.70 45.96
C VAL A 1707 -68.01 0.05 47.28
N ALA A 1708 -69.23 0.04 47.80
CA ALA A 1708 -69.48 0.69 49.09
C ALA A 1708 -68.65 0.04 50.20
N TRP A 1709 -68.63 -1.30 50.23
CA TRP A 1709 -67.84 -2.01 51.23
C TRP A 1709 -66.34 -1.73 51.04
N VAL A 1710 -65.89 -1.66 49.80
CA VAL A 1710 -64.48 -1.35 49.56
C VAL A 1710 -64.15 0.05 50.05
N LEU A 1711 -65.07 1.00 49.85
CA LEU A 1711 -64.85 2.37 50.28
C LEU A 1711 -64.81 2.51 51.80
N ASN A 1712 -65.70 1.81 52.50
CA ASN A 1712 -65.66 1.87 53.96
C ASN A 1712 -64.65 0.92 54.58
N GLN A 1713 -64.07 0.00 53.82
CA GLN A 1713 -63.02 -0.87 54.34
C GLN A 1713 -61.68 -0.16 54.37
N PHE A 1714 -61.48 0.82 53.49
CA PHE A 1714 -60.22 1.55 53.35
C PHE A 1714 -60.53 3.03 53.26
N PRO A 1715 -60.95 3.65 54.36
CA PRO A 1715 -61.21 5.10 54.34
C PRO A 1715 -59.96 5.96 54.37
N ASN A 1716 -58.78 5.37 54.61
CA ASN A 1716 -57.55 6.16 54.62
C ASN A 1716 -57.29 6.79 53.27
N LEU A 1717 -57.58 6.07 52.18
CA LEU A 1717 -57.37 6.61 50.85
C LEU A 1717 -58.25 7.84 50.64
N LEU A 1718 -59.53 7.76 51.00
CA LEU A 1718 -60.41 8.91 50.87
C LEU A 1718 -59.93 10.08 51.72
N GLN A 1719 -59.49 9.78 52.95
CA GLN A 1719 -59.00 10.86 53.81
C GLN A 1719 -57.79 11.55 53.19
N SER A 1720 -56.84 10.76 52.68
CA SER A 1720 -55.65 11.34 52.07
C SER A 1720 -56.00 12.15 50.83
N SER A 1721 -56.99 11.69 50.06
CA SER A 1721 -57.38 12.41 48.86
C SER A 1721 -58.09 13.72 49.19
N VAL A 1722 -58.87 13.75 50.27
CA VAL A 1722 -59.62 14.95 50.63
C VAL A 1722 -58.86 15.86 51.57
N GLU A 1723 -57.67 15.46 52.02
CA GLU A 1723 -56.86 16.24 52.94
C GLU A 1723 -55.66 16.91 52.29
N ARG A 1724 -55.02 16.26 51.32
CA ARG A 1724 -53.84 16.86 50.68
C ARG A 1724 -54.20 18.18 50.01
N ILE A 1725 -55.31 18.23 49.28
CA ILE A 1725 -55.74 19.46 48.62
C ILE A 1725 -56.35 20.39 49.67
N GLU A 1726 -55.73 21.56 49.85
CA GLU A 1726 -56.20 22.57 50.78
C GLU A 1726 -55.85 23.93 50.22
N PRO A 1727 -56.53 25.00 50.67
CA PRO A 1727 -56.25 26.36 50.20
C PRO A 1727 -54.79 26.74 50.37
N LEU A 1749 -55.13 17.54 37.21
CA LEU A 1749 -54.35 16.66 38.07
C LEU A 1749 -55.01 15.30 38.21
N LEU A 1750 -54.22 14.27 38.51
CA LEU A 1750 -54.76 12.93 38.65
C LEU A 1750 -55.76 12.82 39.79
N GLU A 1751 -55.74 13.77 40.73
CA GLU A 1751 -56.72 13.75 41.82
C GLU A 1751 -58.05 14.36 41.41
N ILE A 1752 -58.04 15.32 40.48
CA ILE A 1752 -59.31 15.88 40.01
C ILE A 1752 -60.12 14.80 39.29
N SER A 1753 -59.43 13.91 38.57
CA SER A 1753 -60.12 12.76 37.99
C SER A 1753 -60.74 11.90 39.07
N GLU A 1754 -60.05 11.75 40.21
CA GLU A 1754 -60.62 11.03 41.34
C GLU A 1754 -61.88 11.73 41.84
N ILE A 1755 -61.84 13.06 41.93
CA ILE A 1755 -63.02 13.80 42.39
C ILE A 1755 -64.18 13.58 41.44
N HIS A 1756 -63.92 13.60 40.13
CA HIS A 1756 -64.98 13.36 39.17
C HIS A 1756 -65.53 11.93 39.31
N SER A 1757 -64.64 10.96 39.50
CA SER A 1757 -65.08 9.58 39.65
C SER A 1757 -65.95 9.43 40.90
N LEU A 1758 -65.53 10.05 42.01
CA LEU A 1758 -66.33 10.01 43.23
C LEU A 1758 -67.67 10.67 43.03
N ALA A 1759 -67.71 11.78 42.30
CA ALA A 1759 -68.98 12.46 42.05
C ALA A 1759 -69.92 11.58 41.23
N LEU A 1760 -69.40 10.92 40.20
CA LEU A 1760 -70.24 10.04 39.40
C LEU A 1760 -70.71 8.84 40.22
N LEU A 1761 -69.82 8.27 41.03
CA LEU A 1761 -70.21 7.17 41.90
C LEU A 1761 -71.31 7.58 42.86
N THR A 1762 -71.16 8.76 43.48
CA THR A 1762 -72.19 9.26 44.38
C THR A 1762 -73.53 9.43 43.64
N ARG A 1763 -73.49 9.99 42.44
CA ARG A 1763 -74.72 10.19 41.68
C ARG A 1763 -75.41 8.87 41.39
N VAL A 1764 -74.65 7.88 40.91
CA VAL A 1764 -75.26 6.61 40.52
C VAL A 1764 -75.76 5.87 41.76
N LEU A 1765 -75.00 5.88 42.86
CA LEU A 1765 -75.45 5.19 44.04
C LEU A 1765 -76.67 5.86 44.65
N ALA A 1766 -76.78 7.18 44.55
CA ALA A 1766 -77.99 7.86 45.01
C ALA A 1766 -79.18 7.49 44.14
N ALA A 1767 -78.99 7.46 42.83
CA ALA A 1767 -80.07 7.08 41.92
C ALA A 1767 -80.53 5.65 42.22
N CYS A 1768 -79.60 4.76 42.54
CA CYS A 1768 -79.97 3.39 42.87
C CYS A 1768 -80.68 3.32 44.22
N ARG A 1769 -80.13 4.00 45.23
CA ARG A 1769 -80.73 3.99 46.56
C ARG A 1769 -82.13 4.60 46.56
N ALA A 1770 -82.43 5.48 45.59
CA ALA A 1770 -83.76 6.07 45.51
C ALA A 1770 -84.85 5.02 45.36
N GLN A 1771 -84.50 3.81 44.92
CA GLN A 1771 -85.46 2.71 44.77
C GLN A 1771 -85.40 1.73 45.93
N ASN A 1772 -84.22 1.24 46.27
CA ASN A 1772 -84.03 0.27 47.35
C ASN A 1772 -83.11 0.85 48.41
N ALA A 1773 -83.30 0.40 49.65
CA ALA A 1773 -82.49 0.85 50.78
C ALA A 1773 -81.57 -0.23 51.33
N ARG A 1774 -81.72 -1.49 50.89
CA ARG A 1774 -80.88 -2.56 51.43
C ARG A 1774 -79.41 -2.30 51.15
N ASP A 1775 -79.08 -1.85 49.95
CA ASP A 1775 -77.70 -1.66 49.54
C ASP A 1775 -77.23 -0.24 49.84
N VAL A 1776 -75.93 -0.01 49.64
CA VAL A 1776 -75.32 1.30 49.85
C VAL A 1776 -75.64 1.78 51.25
N PRO A 1777 -75.40 0.97 52.28
CA PRO A 1777 -75.76 1.41 53.65
C PRO A 1777 -75.21 2.78 54.02
N GLU A 1778 -73.98 3.08 53.62
CA GLU A 1778 -73.38 4.39 53.87
C GLU A 1778 -72.59 4.83 52.65
N VAL A 1779 -72.65 6.14 52.37
CA VAL A 1779 -71.96 6.68 51.19
C VAL A 1779 -70.46 6.84 51.47
N THR A 1780 -70.11 7.21 52.69
CA THR A 1780 -68.74 7.52 53.10
C THR A 1780 -68.09 8.52 52.14
N TRP A 1781 -68.67 9.73 52.15
CA TRP A 1781 -68.26 10.81 51.27
C TRP A 1781 -68.97 12.08 51.72
N ASP A 1782 -68.26 13.20 51.65
CA ASP A 1782 -68.76 14.48 52.10
C ASP A 1782 -68.94 15.43 50.92
N GLY A 1783 -70.03 16.20 50.95
CA GLY A 1783 -70.31 17.19 49.92
C GLY A 1783 -69.88 18.58 50.33
N ALA A 1784 -70.00 18.88 51.63
CA ALA A 1784 -69.62 20.20 52.13
C ALA A 1784 -68.15 20.48 51.82
N LYS A 1785 -67.25 19.65 52.33
CA LYS A 1785 -65.82 19.88 52.15
C LYS A 1785 -65.44 19.89 50.68
N VAL A 1786 -65.92 18.90 49.91
CA VAL A 1786 -65.53 18.80 48.50
C VAL A 1786 -66.06 19.99 47.70
N LEU A 1787 -67.29 20.42 47.99
CA LEU A 1787 -67.82 21.60 47.30
C LEU A 1787 -67.03 22.85 47.65
N GLU A 1788 -66.76 23.06 48.93
CA GLU A 1788 -65.94 24.21 49.32
C GLU A 1788 -64.57 24.17 48.66
N CYS A 1789 -64.00 22.96 48.54
CA CYS A 1789 -62.70 22.81 47.88
C CYS A 1789 -62.77 23.24 46.43
N VAL A 1790 -63.68 22.63 45.65
CA VAL A 1790 -63.80 23.00 44.24
C VAL A 1790 -64.18 24.47 44.09
N GLU A 1791 -64.79 25.06 45.11
CA GLU A 1791 -65.10 26.49 45.07
C GLU A 1791 -63.83 27.31 45.22
N TYR A 1792 -62.97 26.94 46.17
CA TYR A 1792 -61.73 27.64 46.43
C TYR A 1792 -60.63 27.30 45.42
N TRP A 1793 -60.90 26.42 44.46
CA TRP A 1793 -59.97 26.06 43.41
C TRP A 1793 -60.57 26.35 42.03
N LEU A 1794 -61.23 27.50 41.91
CA LEU A 1794 -61.89 27.88 40.66
C LEU A 1794 -62.17 29.38 40.64
N LYS A 1798 -53.71 32.38 38.40
CA LYS A 1798 -52.25 32.32 38.40
C LYS A 1798 -51.74 31.63 39.66
N VAL A 1799 -52.47 31.81 40.76
CA VAL A 1799 -52.08 31.20 42.02
C VAL A 1799 -52.12 29.69 41.94
N LEU A 1800 -52.87 29.12 40.99
CA LEU A 1800 -52.94 27.67 40.86
C LEU A 1800 -51.59 27.05 40.61
N ARG A 1801 -50.63 27.81 40.06
CA ARG A 1801 -49.29 27.32 39.78
C ARG A 1801 -48.44 27.19 41.04
N GLU A 1802 -49.01 27.41 42.22
CA GLU A 1802 -48.24 27.33 43.45
C GLU A 1802 -47.66 25.92 43.65
N ARG A 1803 -48.48 24.90 43.44
CA ARG A 1803 -48.07 23.52 43.65
C ARG A 1803 -48.17 22.69 42.38
N LEU A 1804 -47.71 23.23 41.25
CA LEU A 1804 -47.70 22.52 39.98
C LEU A 1804 -46.23 22.34 39.58
N VAL A 1805 -45.61 21.29 40.12
CA VAL A 1805 -44.23 20.94 39.79
C VAL A 1805 -44.18 19.58 39.09
N PRO A 1806 -44.67 19.45 37.86
CA PRO A 1806 -44.72 18.12 37.23
C PRO A 1806 -43.35 17.47 37.19
N LEU A 1807 -43.26 16.28 37.79
CA LEU A 1807 -41.99 15.56 37.86
C LEU A 1807 -41.80 14.60 36.70
N GLY A 1808 -42.86 13.94 36.25
CA GLY A 1808 -42.75 12.96 35.19
C GLY A 1808 -42.40 13.57 33.87
N PRO A 1809 -43.31 14.36 33.31
CA PRO A 1809 -43.05 14.99 32.00
C PRO A 1809 -42.15 16.20 32.13
N ARG A 1810 -41.04 16.20 31.38
CA ARG A 1810 -40.11 17.33 31.39
C ARG A 1810 -39.60 17.66 30.00
N GLU A 1811 -40.27 17.20 28.95
CA GLU A 1811 -39.86 17.44 27.57
C GLU A 1811 -40.85 18.31 26.80
N VAL A 1812 -41.94 18.72 27.42
CA VAL A 1812 -42.95 19.56 26.76
C VAL A 1812 -43.46 20.62 27.72
N ASN A 1836 -51.58 25.41 29.99
CA ASN A 1836 -51.38 25.01 28.60
C ASN A 1836 -51.40 23.49 28.40
N ARG A 1837 -50.78 22.74 29.31
CA ARG A 1837 -50.78 21.28 29.24
C ARG A 1837 -51.85 20.64 30.09
N LEU A 1838 -51.97 21.05 31.36
CA LEU A 1838 -52.90 20.43 32.31
C LEU A 1838 -54.10 21.30 32.66
N GLU A 1839 -53.90 22.61 32.84
CA GLU A 1839 -54.98 23.50 33.26
C GLU A 1839 -56.26 23.25 32.45
N GLU A 1840 -56.14 23.22 31.12
CA GLU A 1840 -57.30 22.92 30.28
C GLU A 1840 -57.99 21.63 30.72
N LYS A 1841 -57.22 20.56 30.88
CA LYS A 1841 -57.79 19.30 31.35
C LYS A 1841 -58.52 19.48 32.67
N ALA A 1842 -57.86 20.12 33.65
CA ALA A 1842 -58.46 20.32 34.96
C ALA A 1842 -59.79 21.06 34.87
N VAL A 1843 -59.82 22.19 34.15
CA VAL A 1843 -61.08 22.91 33.99
C VAL A 1843 -62.13 22.03 33.33
N GLY A 1844 -61.73 21.24 32.33
CA GLY A 1844 -62.67 20.29 31.75
C GLY A 1844 -63.28 19.36 32.78
N LEU A 1845 -62.44 18.76 33.62
CA LEU A 1845 -62.96 17.92 34.71
C LEU A 1845 -63.90 18.69 35.61
N LEU A 1846 -63.55 19.93 35.96
CA LEU A 1846 -64.46 20.75 36.77
C LEU A 1846 -65.81 20.92 36.09
N VAL A 1847 -65.82 21.16 34.78
CA VAL A 1847 -67.07 21.23 34.03
C VAL A 1847 -67.84 19.92 34.18
N GLY A 1848 -67.14 18.79 34.02
CA GLY A 1848 -67.79 17.51 34.26
C GLY A 1848 -68.43 17.40 35.63
N VAL A 1849 -67.72 17.88 36.65
CA VAL A 1849 -68.28 17.91 38.00
C VAL A 1849 -69.56 18.72 38.02
N ARG A 1850 -69.53 19.94 37.46
CA ARG A 1850 -70.74 20.75 37.36
C ARG A 1850 -71.82 20.06 36.55
N GLU A 1851 -71.45 19.06 35.75
CA GLU A 1851 -72.42 18.32 34.95
C GLU A 1851 -72.98 17.10 35.69
N VAL A 1852 -72.30 16.63 36.73
CA VAL A 1852 -72.75 15.47 37.49
C VAL A 1852 -73.26 15.87 38.87
N LEU A 1853 -72.57 16.79 39.55
CA LEU A 1853 -73.05 17.28 40.83
C LEU A 1853 -73.99 18.47 40.71
N GLU A 1854 -74.00 19.16 39.57
CA GLU A 1854 -74.85 20.32 39.38
C GLU A 1854 -75.59 20.23 38.05
N ASP B 9 -20.37 36.51 14.65
CA ASP B 9 -20.90 35.16 14.65
C ASP B 9 -19.78 34.14 14.82
N VAL B 10 -18.73 34.28 14.00
CA VAL B 10 -17.60 33.36 14.08
C VAL B 10 -16.91 33.49 15.43
N ASP B 11 -16.85 34.70 15.96
CA ASP B 11 -16.24 34.91 17.28
C ASP B 11 -16.95 34.08 18.35
N THR B 12 -18.27 34.21 18.42
CA THR B 12 -19.03 33.44 19.41
C THR B 12 -18.93 31.95 19.13
N TYR B 13 -18.96 31.56 17.85
CA TYR B 13 -18.85 30.15 17.50
C TYR B 13 -17.54 29.56 18.02
N LEU B 14 -16.43 30.29 17.86
CA LEU B 14 -15.15 29.80 18.34
C LEU B 14 -15.05 29.89 19.85
N SER B 15 -15.75 30.84 20.47
CA SER B 15 -15.71 30.96 21.92
C SER B 15 -16.45 29.81 22.59
N ASN B 16 -17.61 29.43 22.07
CA ASN B 16 -18.42 28.37 22.65
C ASN B 16 -18.16 27.01 21.99
N LEU B 17 -16.98 26.81 21.43
CA LEU B 17 -16.64 25.55 20.79
C LEU B 17 -15.94 24.62 21.78
N GLN B 18 -16.15 23.32 21.59
CA GLN B 18 -15.55 22.29 22.43
C GLN B 18 -14.66 21.40 21.58
N THR B 19 -13.50 21.04 22.12
CA THR B 19 -12.55 20.17 21.43
C THR B 19 -13.04 18.73 21.52
N LYS B 20 -13.74 18.28 20.49
CA LYS B 20 -14.27 16.92 20.46
C LYS B 20 -14.80 16.64 19.06
N THR B 21 -14.82 15.36 18.71
CA THR B 21 -15.29 14.95 17.39
C THR B 21 -16.72 15.42 17.15
N THR B 22 -16.99 15.88 15.93
CA THR B 22 -18.32 16.38 15.61
C THR B 22 -19.33 15.25 15.47
N LEU B 23 -18.90 14.10 14.93
CA LEU B 23 -19.82 12.98 14.75
C LEU B 23 -20.39 12.46 16.06
N SER B 24 -19.83 12.84 17.20
CA SER B 24 -20.35 12.42 18.49
C SER B 24 -21.47 13.30 18.99
N MET B 25 -21.44 14.60 18.68
CA MET B 25 -22.51 15.49 19.11
C MET B 25 -23.81 15.18 18.39
N ILE B 26 -23.75 15.04 17.05
CA ILE B 26 -24.95 14.70 16.30
C ILE B 26 -25.54 13.39 16.79
N ALA B 27 -24.68 12.45 17.22
CA ALA B 27 -25.17 11.18 17.74
C ALA B 27 -26.11 11.38 18.92
N ASP B 28 -25.87 12.41 19.73
CA ASP B 28 -26.74 12.70 20.87
C ASP B 28 -28.20 12.81 20.47
N GLY B 29 -28.49 13.11 19.20
CA GLY B 29 -29.86 13.07 18.73
C GLY B 29 -30.56 11.77 19.03
N LEU B 30 -29.81 10.66 18.98
CA LEU B 30 -30.40 9.36 19.30
C LEU B 30 -30.83 9.31 20.77
N GLU B 31 -29.93 9.67 21.67
CA GLU B 31 -30.26 9.73 23.09
C GLU B 31 -31.48 10.62 23.32
N ARG B 32 -31.45 11.84 22.78
CA ARG B 32 -32.58 12.75 22.93
C ARG B 32 -33.88 12.12 22.45
N SER B 33 -33.85 11.43 21.30
CA SER B 33 -35.04 10.75 20.83
C SER B 33 -35.50 9.67 21.79
N ALA B 34 -34.56 8.87 22.30
CA ALA B 34 -34.91 7.83 23.28
C ALA B 34 -35.51 8.42 24.55
N ARG B 35 -35.13 9.65 24.89
CA ARG B 35 -35.68 10.30 26.08
C ARG B 35 -36.99 11.03 25.81
N ASP B 36 -37.25 11.37 24.54
CA ASP B 36 -38.50 12.03 24.18
C ASP B 36 -39.61 11.03 23.96
N PHE B 37 -39.26 9.87 23.38
CA PHE B 37 -40.23 8.82 23.13
C PHE B 37 -41.03 8.46 24.38
N ASP B 38 -40.36 8.39 25.53
CA ASP B 38 -41.07 8.10 26.78
C ASP B 38 -42.21 9.09 27.02
N ALA B 39 -41.89 10.38 27.05
CA ALA B 39 -42.92 11.40 27.22
C ALA B 39 -43.99 11.34 26.13
N PHE B 40 -43.59 10.96 24.91
CA PHE B 40 -44.56 10.88 23.82
C PHE B 40 -45.53 9.73 24.04
N LEU B 41 -45.02 8.58 24.49
CA LEU B 41 -45.88 7.47 24.86
C LEU B 41 -46.81 7.86 26.01
N GLU B 42 -46.29 8.56 27.02
CA GLU B 42 -47.13 9.01 28.12
C GLU B 42 -48.23 9.94 27.63
N GLU B 43 -47.95 10.75 26.61
CA GLU B 43 -49.00 11.62 26.07
C GLU B 43 -49.99 10.80 25.25
N ASN B 44 -49.51 9.79 24.53
CA ASN B 44 -50.42 8.90 23.83
C ASN B 44 -51.41 8.28 24.81
N VAL B 45 -50.89 7.63 25.84
CA VAL B 45 -51.75 6.91 26.79
C VAL B 45 -52.63 7.88 27.59
N THR B 46 -52.24 9.14 27.71
CA THR B 46 -53.12 10.07 28.41
C THR B 46 -54.23 10.58 27.48
N LEU B 47 -53.91 10.83 26.21
CA LEU B 47 -54.97 11.26 25.30
C LEU B 47 -55.89 10.08 25.01
N GLU B 48 -55.40 8.87 25.22
CA GLU B 48 -56.21 7.67 25.03
C GLU B 48 -57.17 7.49 26.21
N TRP B 49 -56.65 7.48 27.44
CA TRP B 49 -57.53 7.47 28.59
C TRP B 49 -58.59 8.56 28.46
N GLU B 50 -58.17 9.78 28.10
CA GLU B 50 -59.10 10.87 27.86
C GLU B 50 -60.19 10.49 26.86
N ALA B 51 -59.78 10.02 25.68
CA ALA B 51 -60.73 9.61 24.65
C ALA B 51 -61.72 8.58 25.18
N GLN B 52 -61.21 7.53 25.81
CA GLN B 52 -62.06 6.50 26.41
C GLN B 52 -63.11 7.11 27.35
N ARG B 53 -62.65 7.89 28.33
CA ARG B 53 -63.57 8.55 29.24
C ARG B 53 -64.61 9.37 28.46
N LYS B 54 -64.17 10.07 27.41
CA LYS B 54 -65.09 10.84 26.59
C LYS B 54 -66.18 9.95 25.98
N ARG B 55 -65.77 8.84 25.36
CA ARG B 55 -66.75 7.97 24.73
C ARG B 55 -67.71 7.39 25.76
N ILE B 56 -67.22 7.12 26.98
CA ILE B 56 -68.13 6.69 28.04
C ILE B 56 -69.10 7.79 28.40
N TYR B 57 -68.61 9.03 28.47
CA TYR B 57 -69.47 10.19 28.74
C TYR B 57 -70.52 10.37 27.65
N GLN B 58 -70.23 9.92 26.44
CA GLN B 58 -71.21 9.96 25.36
C GLN B 58 -72.07 8.70 25.31
N HIS B 59 -71.64 7.65 26.00
CA HIS B 59 -72.46 6.43 26.09
C HIS B 59 -73.56 6.61 27.13
N PHE B 60 -73.20 7.11 28.32
CA PHE B 60 -74.22 7.33 29.34
C PHE B 60 -75.24 8.38 28.88
N GLY B 61 -74.76 9.51 28.38
CA GLY B 61 -75.64 10.56 27.91
C GLY B 61 -76.20 11.40 29.03
N GLU C 68 51.33 -19.79 -22.91
CA GLU C 68 50.99 -20.66 -24.03
C GLU C 68 52.14 -20.72 -25.03
N ASP C 69 52.52 -19.55 -25.56
CA ASP C 69 53.58 -19.46 -26.54
C ASP C 69 54.23 -18.08 -26.40
N SER C 70 54.92 -17.63 -27.44
CA SER C 70 55.49 -16.30 -27.43
C SER C 70 54.41 -15.25 -27.25
N ILE C 71 54.64 -14.32 -26.32
CA ILE C 71 53.63 -13.31 -26.01
C ILE C 71 53.50 -12.35 -27.18
N LEU C 72 52.26 -12.06 -27.57
CA LEU C 72 51.96 -11.06 -28.60
C LEU C 72 52.79 -11.32 -29.86
N GLN C 73 52.58 -12.50 -30.45
CA GLN C 73 53.32 -12.93 -31.62
C GLN C 73 53.29 -11.85 -32.70
N PRO C 74 54.40 -11.13 -32.93
CA PRO C 74 54.37 -10.03 -33.90
C PRO C 74 54.90 -10.44 -35.27
N GLY C 75 55.44 -11.64 -35.37
CA GLY C 75 56.09 -12.07 -36.60
C GLY C 75 55.32 -13.13 -37.36
N ALA C 76 54.70 -14.06 -36.64
CA ALA C 76 53.93 -15.13 -37.28
C ALA C 76 52.94 -14.56 -38.28
N PHE C 77 52.87 -15.19 -39.45
CA PHE C 77 51.98 -14.80 -40.54
C PHE C 77 50.93 -15.89 -40.74
N SER C 78 49.66 -15.49 -40.78
CA SER C 78 48.56 -16.44 -40.93
C SER C 78 47.49 -15.81 -41.80
N ALA C 79 46.62 -16.66 -42.34
CA ALA C 79 45.52 -16.18 -43.18
C ALA C 79 44.59 -15.27 -42.39
N ASN C 80 44.30 -15.62 -41.14
CA ASN C 80 43.42 -14.84 -40.29
C ASN C 80 42.15 -14.42 -41.02
#